data_8DAY
#
_entry.id   8DAY
#
_cell.length_a   90.066
_cell.length_b   107.717
_cell.length_c   180.722
_cell.angle_alpha   90.000
_cell.angle_beta   90.000
_cell.angle_gamma   90.000
#
_symmetry.space_group_name_H-M   'P 21 21 21'
#
loop_
_entity.id
_entity.type
_entity.pdbx_description
1 polymer 'Dimethylallyltryptophan synthase 1'
2 non-polymer TYROSINE
3 non-polymer 'DIMETHYLALLYL S-THIOLODIPHOSPHATE'
4 water water
#
_entity_poly.entity_id   1
_entity_poly.type   'polypeptide(L)'
_entity_poly.pdbx_seq_one_letter_code
;MLLQASQATQSVWKTLNKWLPPLSRDKDWWWKTLGPQINTLLTEADYDLNERYEALLLLYRWVVPEMGPRPRSSVAPSKS
FMTDDHSPIEYSWKWISGNKKPEIRYAVELVSPLAGSKQDPFNQIPTRNLVYNLAKIIPELDLTWFEHFWHELLGPGSPT
TSTSGVLTKGSTVFAALEMLHGHLSVKVYFIPVETPDFSAWHQIKHAIEASGCPNLEALNHVDAYLSSHDDGRQLRPFML
AIDLVEPAASRLKIYARSNQTSFRFVRDVMTIGGLRTDLDRSIEKFSDLWKRALGLDPDTPPEDELPKVDHLTSGAVFNF
DVAPKSQIPEVKAYIPVRHYANNDLQAALGLIGYLEDHGHGGYSQSYLRGLDMLAPSGQLDQATGVQTYFAVACQGEDLS
LTSYLNPQFYAAFQEPERT
;
_entity_poly.pdbx_strand_id   A,B,C,D
#
loop_
_chem_comp.id
_chem_comp.type
_chem_comp.name
_chem_comp.formula
DST non-polymer 'DIMETHYLALLYL S-THIOLODIPHOSPHATE' 'C5 H12 O6 P2 S'
#
# COMPACT_ATOMS: atom_id res chain seq x y z
N GLN A 10 -21.04 -15.41 -0.08
CA GLN A 10 -21.49 -15.72 1.27
C GLN A 10 -21.62 -14.45 2.10
N SER A 11 -22.51 -14.48 3.10
CA SER A 11 -22.69 -13.30 3.93
C SER A 11 -21.65 -13.26 5.03
N VAL A 12 -21.68 -12.17 5.80
CA VAL A 12 -20.77 -12.05 6.94
C VAL A 12 -21.14 -13.08 8.00
N TRP A 13 -22.44 -13.26 8.25
CA TRP A 13 -22.85 -14.21 9.27
C TRP A 13 -22.44 -15.63 8.90
N LYS A 14 -22.55 -16.00 7.63
CA LYS A 14 -22.14 -17.36 7.23
C LYS A 14 -20.64 -17.56 7.46
N THR A 15 -19.83 -16.56 7.12
CA THR A 15 -18.39 -16.66 7.36
C THR A 15 -18.09 -16.82 8.85
N LEU A 16 -18.65 -15.93 9.68
CA LEU A 16 -18.40 -15.99 11.11
C LEU A 16 -18.91 -17.30 11.71
N ASN A 17 -20.10 -17.74 11.29
CA ASN A 17 -20.67 -18.98 11.80
C ASN A 17 -19.86 -20.19 11.34
N LYS A 18 -19.21 -20.10 10.18
CA LYS A 18 -18.34 -21.16 9.75
C LYS A 18 -17.13 -21.27 10.66
N TRP A 19 -16.57 -20.14 11.08
CA TRP A 19 -15.28 -20.19 11.75
C TRP A 19 -15.30 -19.97 13.25
N LEU A 20 -16.29 -19.28 13.80
CA LEU A 20 -16.31 -19.03 15.23
C LEU A 20 -16.61 -20.34 15.98
N PRO A 21 -16.15 -20.47 17.22
CA PRO A 21 -16.38 -21.71 17.98
C PRO A 21 -17.86 -21.98 18.19
N PRO A 22 -18.27 -23.24 18.15
CA PRO A 22 -19.69 -23.57 18.27
C PRO A 22 -20.23 -23.29 19.67
N LEU A 23 -21.52 -22.94 19.70
CA LEU A 23 -22.21 -22.55 20.92
C LEU A 23 -23.14 -23.66 21.40
N SER A 24 -23.53 -23.57 22.67
CA SER A 24 -24.54 -24.47 23.20
C SER A 24 -25.89 -24.19 22.53
N ARG A 25 -26.84 -25.09 22.77
CA ARG A 25 -28.10 -25.09 22.02
C ARG A 25 -28.80 -23.72 22.08
N ASP A 26 -29.01 -23.18 23.27
CA ASP A 26 -29.72 -21.91 23.42
C ASP A 26 -28.94 -20.76 22.78
N LYS A 27 -27.66 -20.65 23.12
CA LYS A 27 -26.82 -19.60 22.55
C LYS A 27 -26.76 -19.71 21.03
N ASP A 28 -26.65 -20.94 20.51
CA ASP A 28 -26.56 -21.10 19.06
C ASP A 28 -27.86 -20.73 18.37
N TRP A 29 -29.00 -21.02 19.01
CA TRP A 29 -30.28 -20.59 18.45
C TRP A 29 -30.30 -19.07 18.34
N TRP A 30 -29.92 -18.37 19.40
CA TRP A 30 -29.93 -16.92 19.36
C TRP A 30 -28.95 -16.40 18.31
N TRP A 31 -27.78 -17.04 18.19
CA TRP A 31 -26.80 -16.62 17.19
C TRP A 31 -27.36 -16.79 15.78
N LYS A 32 -27.90 -17.96 15.46
CA LYS A 32 -28.43 -18.22 14.13
C LYS A 32 -29.72 -17.46 13.85
N THR A 33 -30.36 -16.89 14.86
CA THR A 33 -31.55 -16.07 14.65
C THR A 33 -31.23 -14.58 14.54
N LEU A 34 -30.48 -14.05 15.50
CA LEU A 34 -30.18 -12.63 15.52
C LEU A 34 -29.09 -12.25 14.52
N GLY A 35 -28.12 -13.14 14.28
CA GLY A 35 -27.05 -12.84 13.36
C GLY A 35 -27.55 -12.53 11.97
N PRO A 36 -28.32 -13.46 11.37
CA PRO A 36 -28.88 -13.17 10.04
C PRO A 36 -29.78 -11.94 10.01
N GLN A 37 -30.57 -11.70 11.05
CA GLN A 37 -31.45 -10.54 11.03
C GLN A 37 -30.65 -9.24 11.03
N ILE A 38 -29.69 -9.12 11.93
CA ILE A 38 -28.89 -7.90 12.00
C ILE A 38 -28.06 -7.74 10.73
N ASN A 39 -27.48 -8.83 10.24
CA ASN A 39 -26.67 -8.75 9.03
C ASN A 39 -27.50 -8.34 7.83
N THR A 40 -28.70 -8.89 7.69
CA THR A 40 -29.57 -8.51 6.59
C THR A 40 -29.96 -7.04 6.68
N LEU A 41 -30.28 -6.56 7.88
CA LEU A 41 -30.63 -5.15 8.03
C LEU A 41 -29.45 -4.26 7.63
N LEU A 42 -28.25 -4.60 8.09
CA LEU A 42 -27.07 -3.80 7.79
C LEU A 42 -26.73 -3.84 6.30
N THR A 43 -26.93 -4.99 5.66
CA THR A 43 -26.66 -5.10 4.22
C THR A 43 -27.64 -4.26 3.43
N GLU A 44 -28.93 -4.35 3.75
CA GLU A 44 -29.90 -3.55 3.01
C GLU A 44 -29.68 -2.05 3.23
N ALA A 45 -29.06 -1.67 4.36
CA ALA A 45 -28.72 -0.28 4.61
C ALA A 45 -27.34 0.12 4.07
N ASP A 46 -26.63 -0.79 3.39
CA ASP A 46 -25.37 -0.49 2.69
C ASP A 46 -24.23 -0.15 3.65
N TYR A 47 -24.18 -0.82 4.80
CA TYR A 47 -23.05 -0.69 5.70
C TYR A 47 -21.79 -1.30 5.12
N ASP A 48 -20.64 -0.73 5.49
CA ASP A 48 -19.36 -1.29 5.08
C ASP A 48 -19.15 -2.67 5.70
N LEU A 49 -18.35 -3.48 5.00
CA LEU A 49 -18.19 -4.89 5.39
C LEU A 49 -17.60 -5.01 6.80
N ASN A 50 -16.62 -4.18 7.12
CA ASN A 50 -16.01 -4.25 8.44
C ASN A 50 -17.02 -3.94 9.54
N GLU A 51 -17.95 -3.02 9.28
CA GLU A 51 -18.94 -2.74 10.32
C GLU A 51 -19.88 -3.92 10.52
N ARG A 52 -20.26 -4.61 9.44
CA ARG A 52 -21.04 -5.83 9.63
C ARG A 52 -20.28 -6.87 10.43
N TYR A 53 -18.99 -7.05 10.15
CA TYR A 53 -18.18 -7.99 10.92
C TYR A 53 -18.13 -7.58 12.39
N GLU A 54 -17.85 -6.30 12.66
CA GLU A 54 -17.80 -5.82 14.04
C GLU A 54 -19.13 -6.01 14.76
N ALA A 55 -20.24 -5.71 14.06
CA ALA A 55 -21.56 -5.83 14.68
C ALA A 55 -21.82 -7.27 15.09
N LEU A 56 -21.56 -8.20 14.16
CA LEU A 56 -21.82 -9.60 14.47
C LEU A 56 -20.84 -10.15 15.49
N LEU A 57 -19.60 -9.64 15.53
CA LEU A 57 -18.65 -10.08 16.54
C LEU A 57 -19.06 -9.60 17.94
N LEU A 58 -19.51 -8.34 18.05
CA LEU A 58 -20.08 -7.88 19.31
C LEU A 58 -21.29 -8.73 19.70
N LEU A 59 -22.19 -8.97 18.75
CA LEU A 59 -23.35 -9.82 19.02
C LEU A 59 -22.92 -11.17 19.55
N TYR A 60 -21.90 -11.76 18.92
CA TYR A 60 -21.46 -13.10 19.31
C TYR A 60 -20.88 -13.09 20.72
N ARG A 61 -20.10 -12.07 21.06
CA ARG A 61 -19.40 -12.13 22.34
C ARG A 61 -20.25 -11.65 23.52
N TRP A 62 -21.04 -10.58 23.36
CA TRP A 62 -21.65 -9.93 24.52
C TRP A 62 -23.17 -10.03 24.59
N VAL A 63 -23.86 -10.29 23.49
CA VAL A 63 -25.31 -10.31 23.53
C VAL A 63 -25.85 -11.74 23.60
N VAL A 64 -25.47 -12.56 22.62
CA VAL A 64 -25.92 -13.95 22.49
C VAL A 64 -25.73 -14.77 23.76
N PRO A 65 -24.58 -14.74 24.43
CA PRO A 65 -24.42 -15.55 25.66
C PRO A 65 -25.40 -15.19 26.77
N GLU A 66 -26.01 -14.00 26.75
CA GLU A 66 -26.86 -13.54 27.84
C GLU A 66 -28.32 -13.36 27.41
N MET A 67 -28.74 -14.02 26.33
CA MET A 67 -30.11 -13.93 25.85
C MET A 67 -31.05 -14.95 26.48
N GLY A 68 -30.53 -15.86 27.31
CA GLY A 68 -31.36 -16.82 27.98
C GLY A 68 -31.80 -17.96 27.09
N PRO A 69 -32.81 -18.71 27.54
CA PRO A 69 -33.24 -19.91 26.81
C PRO A 69 -33.84 -19.60 25.44
N ARG A 70 -33.82 -20.62 24.58
CA ARG A 70 -34.48 -20.56 23.29
C ARG A 70 -35.97 -20.34 23.47
N PRO A 71 -36.61 -19.59 22.58
CA PRO A 71 -38.06 -19.71 22.45
C PRO A 71 -38.37 -21.15 22.10
N ARG A 72 -39.34 -21.74 22.78
CA ARG A 72 -39.77 -23.08 22.43
C ARG A 72 -41.27 -23.16 22.25
N SER A 73 -41.96 -22.03 22.32
CA SER A 73 -43.41 -21.98 22.26
C SER A 73 -43.81 -20.52 22.10
N SER A 74 -45.10 -20.29 21.91
CA SER A 74 -45.62 -18.93 21.87
C SER A 74 -45.74 -18.31 23.25
N VAL A 75 -45.40 -19.04 24.32
CA VAL A 75 -45.44 -18.52 25.67
C VAL A 75 -44.07 -17.96 26.02
N ALA A 76 -44.02 -16.66 26.31
CA ALA A 76 -42.74 -16.00 26.57
C ALA A 76 -42.28 -16.31 27.98
N PRO A 77 -40.96 -16.43 28.19
CA PRO A 77 -40.44 -16.76 29.53
C PRO A 77 -40.57 -15.63 30.52
N SER A 78 -40.95 -14.43 30.09
CA SER A 78 -41.13 -13.29 30.97
C SER A 78 -42.16 -12.36 30.35
N LYS A 79 -42.53 -11.33 31.10
CA LYS A 79 -43.41 -10.27 30.62
C LYS A 79 -42.63 -9.04 30.18
N SER A 80 -41.52 -9.25 29.47
CA SER A 80 -40.59 -8.17 29.16
C SER A 80 -41.28 -7.02 28.43
N PHE A 81 -40.95 -5.79 28.85
CA PHE A 81 -41.56 -4.57 28.33
C PHE A 81 -40.98 -4.16 26.98
N MET A 82 -40.00 -4.88 26.45
CA MET A 82 -39.38 -4.47 25.20
C MET A 82 -40.39 -4.47 24.05
N THR A 83 -41.25 -5.48 23.99
CA THR A 83 -42.23 -5.60 22.91
C THR A 83 -43.50 -6.25 23.46
N ASP A 84 -44.57 -6.13 22.68
CA ASP A 84 -45.88 -6.57 23.14
C ASP A 84 -45.93 -8.09 23.35
N ASP A 85 -45.31 -8.86 22.46
CA ASP A 85 -45.22 -10.30 22.66
C ASP A 85 -44.05 -10.69 23.55
N HIS A 86 -43.36 -9.70 24.13
CA HIS A 86 -42.27 -9.88 25.07
C HIS A 86 -40.99 -10.39 24.42
N SER A 87 -40.82 -10.17 23.13
CA SER A 87 -39.53 -10.40 22.49
C SER A 87 -38.52 -9.42 23.09
N PRO A 88 -37.32 -9.88 23.47
CA PRO A 88 -36.37 -9.00 24.14
C PRO A 88 -35.47 -8.21 23.20
N ILE A 89 -35.81 -8.14 21.91
CA ILE A 89 -35.05 -7.37 20.93
C ILE A 89 -36.01 -6.51 20.13
N GLU A 90 -35.63 -5.25 19.90
CA GLU A 90 -36.34 -4.37 18.98
C GLU A 90 -35.35 -3.68 18.07
N TYR A 91 -35.51 -3.87 16.76
CA TYR A 91 -34.65 -3.19 15.79
C TYR A 91 -35.25 -1.84 15.43
N SER A 92 -34.42 -0.97 14.88
CA SER A 92 -34.94 0.30 14.40
C SER A 92 -34.11 0.79 13.23
N TRP A 93 -34.81 1.44 12.31
CA TRP A 93 -34.33 1.80 10.98
C TRP A 93 -34.64 3.29 10.84
N LYS A 94 -33.61 4.13 10.95
CA LYS A 94 -33.78 5.57 10.88
C LYS A 94 -33.55 6.05 9.46
N TRP A 95 -34.53 6.77 8.90
CA TRP A 95 -34.44 7.30 7.56
C TRP A 95 -33.70 8.62 7.58
N ILE A 96 -32.68 8.73 6.74
CA ILE A 96 -31.85 9.93 6.67
C ILE A 96 -32.16 10.66 5.37
N SER A 97 -32.34 11.97 5.45
CA SER A 97 -32.63 12.75 4.28
C SER A 97 -31.39 12.85 3.37
N GLY A 98 -31.60 13.42 2.18
CA GLY A 98 -30.50 13.66 1.28
C GLY A 98 -29.93 12.42 0.63
N ASN A 99 -30.75 11.37 0.47
CA ASN A 99 -30.33 10.12 -0.18
C ASN A 99 -29.18 9.46 0.58
N LYS A 100 -29.08 9.72 1.87
CA LYS A 100 -28.09 9.09 2.72
C LYS A 100 -28.57 7.72 3.19
N LYS A 101 -27.63 6.94 3.71
CA LYS A 101 -27.92 5.58 4.13
C LYS A 101 -28.71 5.59 5.42
N PRO A 102 -29.63 4.66 5.60
CA PRO A 102 -30.35 4.54 6.88
C PRO A 102 -29.41 4.17 8.00
N GLU A 103 -29.80 4.52 9.22
CA GLU A 103 -29.05 4.11 10.40
C GLU A 103 -29.78 2.96 11.09
N ILE A 104 -29.04 1.91 11.43
CA ILE A 104 -29.60 0.74 12.10
C ILE A 104 -29.22 0.77 13.57
N ARG A 105 -30.21 0.49 14.42
CA ARG A 105 -29.99 0.36 15.84
C ARG A 105 -30.75 -0.86 16.31
N TYR A 106 -30.34 -1.40 17.45
CA TYR A 106 -31.21 -2.39 18.07
C TYR A 106 -31.12 -2.27 19.58
N ALA A 107 -32.25 -2.54 20.23
CA ALA A 107 -32.37 -2.52 21.66
C ALA A 107 -32.52 -3.95 22.16
N VAL A 108 -31.83 -4.23 23.26
CA VAL A 108 -31.79 -5.56 23.84
C VAL A 108 -31.95 -5.41 25.36
N GLU A 109 -32.72 -6.33 25.94
CA GLU A 109 -32.76 -6.54 27.38
C GLU A 109 -32.18 -7.92 27.63
N LEU A 110 -30.96 -7.97 28.15
CA LEU A 110 -30.34 -9.23 28.47
C LEU A 110 -30.92 -9.77 29.78
N VAL A 111 -30.78 -11.09 29.97
CA VAL A 111 -31.39 -11.78 31.10
C VAL A 111 -30.34 -12.69 31.74
N SER A 112 -30.66 -13.16 32.95
CA SER A 112 -29.81 -14.09 33.67
C SER A 112 -30.71 -14.99 34.51
N PRO A 113 -30.23 -16.15 34.92
CA PRO A 113 -31.05 -17.04 35.77
C PRO A 113 -31.47 -16.43 37.09
N LEU A 114 -30.94 -15.26 37.47
CA LEU A 114 -31.31 -14.61 38.71
C LEU A 114 -32.52 -13.69 38.60
N ALA A 115 -33.01 -13.46 37.38
CA ALA A 115 -34.14 -12.54 37.20
C ALA A 115 -35.33 -13.02 38.01
N GLY A 116 -35.95 -12.10 38.75
CA GLY A 116 -37.05 -12.42 39.63
C GLY A 116 -36.65 -12.86 41.01
N SER A 117 -35.42 -13.32 41.21
CA SER A 117 -34.97 -13.71 42.54
C SER A 117 -34.61 -12.46 43.36
N LYS A 118 -34.34 -12.68 44.64
CA LYS A 118 -33.96 -11.56 45.49
C LYS A 118 -32.61 -10.96 45.08
N GLN A 119 -31.79 -11.71 44.35
CA GLN A 119 -30.51 -11.17 43.90
C GLN A 119 -30.66 -10.21 42.72
N ASP A 120 -31.74 -10.31 41.95
CA ASP A 120 -31.97 -9.45 40.81
C ASP A 120 -33.46 -9.46 40.45
N PRO A 121 -34.33 -8.89 41.30
CA PRO A 121 -35.78 -9.06 41.09
C PRO A 121 -36.31 -8.35 39.86
N PHE A 122 -35.59 -7.41 39.28
CA PHE A 122 -36.10 -6.68 38.13
C PHE A 122 -35.14 -6.73 36.94
N ASN A 123 -34.25 -7.73 36.91
CA ASN A 123 -33.42 -8.05 35.75
C ASN A 123 -32.58 -6.86 35.28
N GLN A 124 -31.72 -6.39 36.19
CA GLN A 124 -30.87 -5.24 35.89
C GLN A 124 -29.40 -5.60 35.71
N ILE A 125 -28.95 -6.70 36.29
CA ILE A 125 -27.53 -7.04 36.27
C ILE A 125 -27.00 -7.24 34.84
N PRO A 126 -27.67 -7.99 33.95
CA PRO A 126 -27.09 -8.20 32.62
C PRO A 126 -26.91 -6.93 31.81
N THR A 127 -27.88 -6.01 31.85
CA THR A 127 -27.72 -4.73 31.15
C THR A 127 -26.53 -3.95 31.67
N ARG A 128 -26.36 -3.92 33.00
CA ARG A 128 -25.21 -3.24 33.57
C ARG A 128 -23.91 -3.88 33.11
N ASN A 129 -23.86 -5.21 33.10
CA ASN A 129 -22.67 -5.92 32.64
C ASN A 129 -22.36 -5.58 31.19
N LEU A 130 -23.39 -5.53 30.34
CA LEU A 130 -23.21 -5.15 28.94
C LEU A 130 -22.63 -3.75 28.81
N VAL A 131 -23.19 -2.80 29.56
CA VAL A 131 -22.69 -1.42 29.51
C VAL A 131 -21.22 -1.36 29.90
N TYR A 132 -20.83 -2.10 30.94
CA TYR A 132 -19.44 -2.04 31.38
C TYR A 132 -18.49 -2.71 30.38
N ASN A 133 -18.91 -3.82 29.76
CA ASN A 133 -18.08 -4.42 28.72
C ASN A 133 -17.90 -3.47 27.54
N LEU A 134 -19.01 -2.85 27.09
CA LEU A 134 -18.90 -1.89 26.00
C LEU A 134 -17.98 -0.74 26.38
N ALA A 135 -18.04 -0.30 27.63
CA ALA A 135 -17.12 0.75 28.06
C ALA A 135 -15.68 0.29 27.98
N LYS A 136 -15.43 -1.01 28.23
CA LYS A 136 -14.07 -1.52 28.10
C LYS A 136 -13.59 -1.45 26.65
N ILE A 137 -14.48 -1.69 25.71
CA ILE A 137 -14.06 -1.67 24.29
C ILE A 137 -14.10 -0.26 23.68
N ILE A 138 -15.13 0.53 23.94
CA ILE A 138 -15.34 1.85 23.36
C ILE A 138 -14.93 2.95 24.35
N PRO A 139 -13.75 3.56 24.22
CA PRO A 139 -13.29 4.50 25.25
C PRO A 139 -14.11 5.78 25.33
N GLU A 140 -14.79 6.18 24.25
CA GLU A 140 -15.58 7.39 24.22
C GLU A 140 -16.84 7.32 25.08
N LEU A 141 -17.26 6.14 25.53
CA LEU A 141 -18.43 6.06 26.40
C LEU A 141 -18.14 6.68 27.76
N ASP A 142 -19.16 7.34 28.31
CA ASP A 142 -19.10 7.97 29.61
C ASP A 142 -20.19 7.37 30.48
N LEU A 143 -19.82 6.93 31.69
CA LEU A 143 -20.76 6.25 32.57
C LEU A 143 -21.18 7.12 33.75
N THR A 144 -20.85 8.41 33.74
CA THR A 144 -21.23 9.29 34.84
C THR A 144 -22.75 9.34 35.01
N TRP A 145 -23.45 9.79 33.96
CA TRP A 145 -24.90 9.86 34.04
C TRP A 145 -25.52 8.48 34.11
N PHE A 146 -24.90 7.48 33.48
CA PHE A 146 -25.39 6.12 33.64
C PHE A 146 -25.46 5.74 35.10
N GLU A 147 -24.34 5.87 35.82
CA GLU A 147 -24.32 5.52 37.24
C GLU A 147 -25.27 6.39 38.06
N HIS A 148 -25.33 7.68 37.78
CA HIS A 148 -26.23 8.55 38.53
C HIS A 148 -27.68 8.10 38.41
N PHE A 149 -28.17 8.00 37.17
CA PHE A 149 -29.56 7.65 36.97
C PHE A 149 -29.83 6.21 37.38
N TRP A 150 -28.85 5.31 37.24
CA TRP A 150 -29.02 3.95 37.73
C TRP A 150 -29.24 3.95 39.23
N HIS A 151 -28.35 4.60 39.98
CA HIS A 151 -28.53 4.53 41.42
C HIS A 151 -29.88 5.14 41.81
N GLU A 152 -30.20 6.32 41.24
CA GLU A 152 -31.37 7.06 41.68
C GLU A 152 -32.66 6.32 41.34
N LEU A 153 -32.70 5.60 40.23
CA LEU A 153 -33.97 5.03 39.78
C LEU A 153 -34.06 3.53 40.03
N LEU A 154 -32.94 2.84 40.11
CA LEU A 154 -32.93 1.39 40.16
C LEU A 154 -32.14 0.79 41.32
N GLY A 155 -31.28 1.54 42.02
CA GLY A 155 -30.38 0.87 42.92
C GLY A 155 -30.90 0.76 44.33
N PRO A 156 -30.00 0.55 45.29
CA PRO A 156 -30.43 0.41 46.69
C PRO A 156 -31.09 1.67 47.21
N GLY A 157 -32.22 1.48 47.88
CA GLY A 157 -33.00 2.57 48.41
C GLY A 157 -34.08 3.09 47.50
N SER A 158 -34.08 2.68 46.23
CA SER A 158 -35.11 3.08 45.29
C SER A 158 -36.34 2.18 45.41
N PRO A 159 -37.51 2.68 45.00
CA PRO A 159 -38.74 1.89 44.98
C PRO A 159 -38.63 0.62 44.14
N LEU A 167 -45.77 -2.13 41.49
CA LEU A 167 -46.25 -2.19 40.10
C LEU A 167 -45.09 -2.01 39.12
N THR A 168 -44.99 -2.92 38.16
CA THR A 168 -43.92 -2.94 37.17
C THR A 168 -44.49 -3.03 35.77
N LYS A 169 -43.80 -2.42 34.81
CA LYS A 169 -44.18 -2.54 33.42
C LYS A 169 -43.70 -3.82 32.77
N GLY A 170 -42.93 -4.64 33.50
CA GLY A 170 -42.37 -5.87 32.97
C GLY A 170 -40.86 -5.83 32.80
N SER A 171 -40.27 -4.65 32.70
CA SER A 171 -38.82 -4.48 32.73
C SER A 171 -38.51 -3.20 33.49
N THR A 172 -37.24 -3.03 33.86
CA THR A 172 -36.81 -1.77 34.45
C THR A 172 -35.65 -1.13 33.73
N VAL A 173 -34.91 -1.87 32.90
CA VAL A 173 -33.78 -1.29 32.18
C VAL A 173 -33.52 -2.10 30.91
N PHE A 174 -33.15 -1.41 29.85
CA PHE A 174 -32.61 -2.08 28.67
C PHE A 174 -31.62 -1.14 27.97
N ALA A 175 -30.87 -1.70 27.02
CA ALA A 175 -29.82 -0.95 26.35
C ALA A 175 -30.04 -0.98 24.85
N ALA A 176 -29.42 -0.01 24.16
CA ALA A 176 -29.55 0.07 22.72
C ALA A 176 -28.20 0.42 22.11
N LEU A 177 -27.90 -0.20 20.97
CA LEU A 177 -26.69 0.03 20.22
C LEU A 177 -27.05 0.67 18.89
N GLU A 178 -26.41 1.81 18.61
CA GLU A 178 -26.59 2.57 17.38
C GLU A 178 -25.35 2.37 16.53
N MET A 179 -25.50 1.73 15.36
CA MET A 179 -24.39 1.65 14.40
C MET A 179 -24.46 2.89 13.52
N LEU A 180 -23.64 3.89 13.85
CA LEU A 180 -23.72 5.20 13.19
C LEU A 180 -22.65 5.35 12.12
N HIS A 181 -22.50 4.33 11.28
CA HIS A 181 -21.62 4.37 10.10
C HIS A 181 -20.24 4.94 10.46
N GLY A 182 -19.45 4.14 11.15
CA GLY A 182 -18.13 4.59 11.53
C GLY A 182 -17.82 4.46 13.01
N HIS A 183 -18.85 4.55 13.85
CA HIS A 183 -18.64 4.41 15.29
C HIS A 183 -19.93 3.93 15.94
N LEU A 184 -19.79 3.44 17.16
CA LEU A 184 -20.90 2.85 17.90
C LEU A 184 -21.32 3.79 19.02
N SER A 185 -22.63 3.98 19.16
CA SER A 185 -23.19 4.75 20.28
C SER A 185 -24.07 3.84 21.14
N VAL A 186 -24.12 4.12 22.44
CA VAL A 186 -24.91 3.33 23.37
C VAL A 186 -25.94 4.22 24.07
N LYS A 187 -27.18 3.74 24.12
CA LYS A 187 -28.27 4.37 24.84
C LYS A 187 -28.76 3.45 25.95
N VAL A 188 -29.19 4.04 27.06
CA VAL A 188 -29.71 3.28 28.19
C VAL A 188 -31.11 3.79 28.53
N TYR A 189 -32.01 2.84 28.83
CA TYR A 189 -33.40 3.12 29.17
C TYR A 189 -33.71 2.58 30.55
N PHE A 190 -34.27 3.45 31.40
CA PHE A 190 -34.69 3.12 32.75
C PHE A 190 -36.20 3.17 32.80
N ILE A 191 -36.81 2.08 33.27
CA ILE A 191 -38.26 2.01 33.41
C ILE A 191 -38.57 1.99 34.90
N PRO A 192 -38.83 3.12 35.53
CA PRO A 192 -39.00 3.13 36.99
C PRO A 192 -40.17 2.25 37.42
N VAL A 193 -40.00 1.63 38.59
CA VAL A 193 -41.05 0.86 39.24
C VAL A 193 -41.87 1.81 40.10
N GLU A 194 -43.17 1.87 39.87
CA GLU A 194 -44.03 2.81 40.56
C GLU A 194 -44.55 2.25 41.88
N THR A 195 -44.67 3.11 42.87
CA THR A 195 -45.28 2.86 44.17
C THR A 195 -46.34 3.92 44.42
N PRO A 196 -47.24 3.70 45.39
CA PRO A 196 -48.28 4.72 45.65
C PRO A 196 -47.73 6.11 45.95
N ASP A 197 -46.54 6.22 46.54
CA ASP A 197 -45.96 7.52 46.83
C ASP A 197 -44.90 7.96 45.84
N PHE A 198 -44.45 7.09 44.94
CA PHE A 198 -43.39 7.43 44.00
C PHE A 198 -43.80 7.00 42.60
N SER A 199 -44.36 7.93 41.84
CA SER A 199 -44.66 7.68 40.44
C SER A 199 -43.37 7.70 39.61
N ALA A 200 -43.48 7.17 38.39
CA ALA A 200 -42.35 7.20 37.48
C ALA A 200 -41.93 8.63 37.18
N TRP A 201 -42.90 9.52 36.96
CA TRP A 201 -42.57 10.91 36.69
C TRP A 201 -41.88 11.54 37.89
N HIS A 202 -42.35 11.22 39.09
CA HIS A 202 -41.73 11.71 40.31
C HIS A 202 -40.26 11.31 40.36
N GLN A 203 -39.99 10.01 40.17
CA GLN A 203 -38.62 9.53 40.27
C GLN A 203 -37.73 10.14 39.19
N ILE A 204 -38.23 10.21 37.95
CA ILE A 204 -37.43 10.73 36.85
C ILE A 204 -37.12 12.21 37.07
N LYS A 205 -38.10 12.99 37.51
CA LYS A 205 -37.90 14.41 37.75
C LYS A 205 -36.88 14.63 38.86
N HIS A 206 -37.00 13.89 39.97
CA HIS A 206 -36.06 14.11 41.06
C HIS A 206 -34.64 13.65 40.69
N ALA A 207 -34.53 12.61 39.84
CA ALA A 207 -33.20 12.18 39.41
C ALA A 207 -32.57 13.21 38.48
N ILE A 208 -33.35 13.77 37.56
CA ILE A 208 -32.80 14.79 36.67
C ILE A 208 -32.40 16.01 37.50
N GLU A 209 -33.18 16.35 38.52
CA GLU A 209 -32.85 17.48 39.36
C GLU A 209 -31.59 17.23 40.19
N ALA A 210 -31.28 15.97 40.47
CA ALA A 210 -30.05 15.66 41.20
C ALA A 210 -28.88 15.37 40.26
N SER A 211 -29.11 15.39 38.94
CA SER A 211 -28.07 15.03 37.98
C SER A 211 -27.04 16.13 37.71
N GLY A 212 -27.21 17.32 38.29
CA GLY A 212 -26.23 18.37 38.09
C GLY A 212 -26.27 19.04 36.74
N CYS A 213 -27.45 19.16 36.12
CA CYS A 213 -27.58 19.88 34.88
C CYS A 213 -27.30 21.37 35.07
N PRO A 214 -26.80 22.06 34.04
CA PRO A 214 -26.61 23.51 34.14
C PRO A 214 -27.95 24.23 34.27
N ASN A 215 -28.84 23.96 33.33
CA ASN A 215 -30.17 24.54 33.31
C ASN A 215 -31.22 23.44 33.33
N LEU A 216 -32.34 23.71 33.98
CA LEU A 216 -33.48 22.80 34.04
C LEU A 216 -34.72 23.45 33.45
N GLU A 217 -34.55 24.39 32.51
CA GLU A 217 -35.68 25.12 31.96
C GLU A 217 -36.58 24.23 31.12
N ALA A 218 -35.99 23.37 30.28
CA ALA A 218 -36.81 22.45 29.49
C ALA A 218 -37.53 21.45 30.40
N LEU A 219 -36.86 20.99 31.45
CA LEU A 219 -37.51 20.11 32.40
C LEU A 219 -38.69 20.81 33.07
N ASN A 220 -38.54 22.09 33.42
CA ASN A 220 -39.63 22.81 34.07
C ASN A 220 -40.76 23.10 33.09
N HIS A 221 -40.44 23.34 31.81
CA HIS A 221 -41.48 23.46 30.79
C HIS A 221 -42.31 22.18 30.70
N VAL A 222 -41.64 21.04 30.64
CA VAL A 222 -42.35 19.76 30.58
C VAL A 222 -43.18 19.53 31.84
N ASP A 223 -42.62 19.89 33.00
CA ASP A 223 -43.34 19.72 34.25
C ASP A 223 -44.60 20.57 34.27
N ALA A 224 -44.50 21.83 33.83
CA ALA A 224 -45.67 22.69 33.78
C ALA A 224 -46.70 22.17 32.78
N TYR A 225 -46.26 21.67 31.63
CA TYR A 225 -47.22 21.11 30.68
C TYR A 225 -47.95 19.93 31.29
N LEU A 226 -47.21 18.99 31.87
CA LEU A 226 -47.80 17.79 32.44
C LEU A 226 -48.68 18.08 33.64
N SER A 227 -48.38 19.13 34.40
CA SER A 227 -49.14 19.41 35.62
C SER A 227 -50.36 20.29 35.35
N SER A 228 -50.22 21.27 34.48
CA SER A 228 -51.20 22.33 34.31
C SER A 228 -52.00 22.25 33.02
N HIS A 229 -51.39 21.83 31.91
CA HIS A 229 -52.11 21.87 30.65
C HIS A 229 -53.15 20.76 30.61
N ASP A 230 -54.30 21.06 30.01
CA ASP A 230 -55.41 20.13 30.01
C ASP A 230 -55.07 18.88 29.20
N ASP A 231 -54.27 19.02 28.14
CA ASP A 231 -53.83 17.85 27.37
C ASP A 231 -52.62 17.18 28.02
N GLY A 232 -51.70 17.97 28.56
CA GLY A 232 -50.52 17.41 29.19
C GLY A 232 -50.83 16.61 30.45
N ARG A 233 -51.93 16.95 31.13
CA ARG A 233 -52.34 16.19 32.31
C ARG A 233 -52.87 14.82 31.95
N GLN A 234 -53.00 14.51 30.65
CA GLN A 234 -53.42 13.19 30.21
C GLN A 234 -52.25 12.27 29.92
N LEU A 235 -51.02 12.74 30.08
CA LEU A 235 -49.81 11.99 29.78
C LEU A 235 -49.22 11.40 31.04
N ARG A 236 -48.81 10.14 30.96
CA ARG A 236 -48.21 9.42 32.08
C ARG A 236 -46.76 9.08 31.78
N PRO A 237 -45.79 9.85 32.30
CA PRO A 237 -44.38 9.50 32.07
C PRO A 237 -44.06 8.11 32.62
N PHE A 238 -43.22 7.38 31.89
CA PHE A 238 -42.90 6.02 32.32
C PHE A 238 -41.46 5.56 32.06
N MET A 239 -40.66 6.35 31.35
CA MET A 239 -39.37 5.84 30.93
C MET A 239 -38.41 7.00 30.69
N LEU A 240 -37.14 6.78 31.02
CA LEU A 240 -36.10 7.77 30.78
C LEU A 240 -34.98 7.16 29.97
N ALA A 241 -34.51 7.90 28.96
CA ALA A 241 -33.44 7.42 28.10
C ALA A 241 -32.31 8.44 28.07
N ILE A 242 -31.08 7.92 28.15
CA ILE A 242 -29.88 8.75 28.08
C ILE A 242 -28.89 8.13 27.08
N ASP A 243 -27.97 8.98 26.62
CA ASP A 243 -26.85 8.55 25.79
C ASP A 243 -25.60 8.40 26.65
N LEU A 244 -24.82 7.34 26.40
CA LEU A 244 -23.61 7.08 27.17
C LEU A 244 -22.43 7.89 26.60
N VAL A 245 -22.62 9.20 26.61
CA VAL A 245 -21.57 10.14 26.24
C VAL A 245 -21.41 11.11 27.40
N GLU A 246 -20.58 12.12 27.21
CA GLU A 246 -20.43 13.16 28.22
C GLU A 246 -21.81 13.74 28.57
N PRO A 247 -22.13 13.92 29.85
CA PRO A 247 -23.48 14.37 30.22
C PRO A 247 -23.86 15.71 29.59
N ALA A 248 -22.90 16.58 29.32
CA ALA A 248 -23.20 17.83 28.62
C ALA A 248 -23.64 17.60 27.18
N ALA A 249 -23.29 16.45 26.60
CA ALA A 249 -23.69 16.11 25.24
C ALA A 249 -24.81 15.08 25.19
N SER A 250 -25.23 14.53 26.32
CA SER A 250 -26.29 13.54 26.28
C SER A 250 -27.66 14.20 26.16
N ARG A 251 -28.61 13.43 25.65
CA ARG A 251 -30.01 13.82 25.66
C ARG A 251 -30.68 13.28 26.93
N LEU A 252 -31.81 13.87 27.28
CA LEU A 252 -32.61 13.43 28.43
C LEU A 252 -34.03 13.23 27.93
N LYS A 253 -34.37 12.00 27.54
CA LYS A 253 -35.66 11.72 26.91
C LYS A 253 -36.62 11.13 27.94
N ILE A 254 -37.71 11.86 28.22
CA ILE A 254 -38.78 11.41 29.10
C ILE A 254 -39.94 10.92 28.23
N TYR A 255 -40.27 9.64 28.32
CA TYR A 255 -41.35 9.06 27.53
C TYR A 255 -42.66 9.10 28.29
N ALA A 256 -43.75 9.41 27.57
CA ALA A 256 -45.06 9.50 28.19
C ALA A 256 -46.15 9.01 27.23
N ARG A 257 -47.10 8.26 27.79
CA ARG A 257 -48.21 7.65 27.09
C ARG A 257 -49.53 8.27 27.53
N SER A 258 -50.51 8.23 26.63
CA SER A 258 -51.84 8.78 26.89
C SER A 258 -52.89 7.90 26.25
N ASN A 259 -54.06 7.82 26.90
CA ASN A 259 -55.18 7.15 26.28
C ASN A 259 -55.74 7.92 25.10
N GLN A 260 -55.31 9.17 24.92
CA GLN A 260 -55.81 10.00 23.82
C GLN A 260 -55.11 9.60 22.53
N THR A 261 -55.86 9.64 21.43
CA THR A 261 -55.29 9.33 20.13
C THR A 261 -55.65 10.32 19.03
N SER A 262 -56.42 11.36 19.35
CA SER A 262 -56.78 12.32 18.31
C SER A 262 -55.53 13.03 17.80
N PHE A 263 -55.54 13.39 16.53
CA PHE A 263 -54.38 14.09 16.00
C PHE A 263 -54.31 15.50 16.55
N ARG A 264 -55.45 16.09 16.94
CA ARG A 264 -55.41 17.37 17.65
C ARG A 264 -54.58 17.24 18.93
N PHE A 265 -54.79 16.15 19.68
CA PHE A 265 -54.00 15.90 20.87
C PHE A 265 -52.53 15.69 20.53
N VAL A 266 -52.25 14.93 19.47
CA VAL A 266 -50.86 14.69 19.08
C VAL A 266 -50.17 16.00 18.68
N ARG A 267 -50.85 16.85 17.92
CA ARG A 267 -50.31 18.14 17.52
C ARG A 267 -50.04 19.03 18.74
N ASP A 268 -50.99 19.05 19.68
CA ASP A 268 -50.79 19.87 20.87
C ASP A 268 -49.60 19.39 21.67
N VAL A 269 -49.43 18.07 21.79
CA VAL A 269 -48.26 17.54 22.49
C VAL A 269 -46.98 17.86 21.74
N MET A 270 -47.01 17.79 20.40
CA MET A 270 -45.84 18.17 19.61
C MET A 270 -45.44 19.62 19.87
N THR A 271 -46.41 20.51 19.97
CA THR A 271 -46.10 21.91 20.24
C THR A 271 -45.91 22.22 21.72
N ILE A 272 -46.14 21.24 22.60
CA ILE A 272 -46.09 21.45 24.05
C ILE A 272 -47.09 22.55 24.40
N GLY A 273 -48.34 22.35 23.97
CA GLY A 273 -49.40 23.30 24.25
C GLY A 273 -49.19 24.66 23.62
N GLY A 274 -48.60 24.70 22.43
CA GLY A 274 -48.35 25.94 21.74
C GLY A 274 -47.05 26.62 22.09
N LEU A 275 -46.25 26.02 22.98
CA LEU A 275 -44.97 26.62 23.36
C LEU A 275 -44.03 26.72 22.16
N ARG A 276 -43.92 25.65 21.39
CA ARG A 276 -43.12 25.67 20.17
C ARG A 276 -43.96 26.22 19.03
N THR A 277 -43.48 27.27 18.38
CA THR A 277 -44.10 27.77 17.17
C THR A 277 -43.17 27.52 15.99
N ASP A 278 -43.59 27.97 14.81
CA ASP A 278 -42.87 27.72 13.57
C ASP A 278 -42.70 26.23 13.32
N LEU A 279 -43.78 25.47 13.53
CA LEU A 279 -43.82 24.04 13.24
C LEU A 279 -45.03 23.66 12.40
N ASP A 280 -45.73 24.63 11.81
CA ASP A 280 -46.99 24.32 11.15
C ASP A 280 -46.79 23.50 9.88
N ARG A 281 -45.74 23.78 9.10
CA ARG A 281 -45.47 22.96 7.92
C ARG A 281 -45.10 21.54 8.30
N SER A 282 -44.26 21.39 9.34
CA SER A 282 -43.92 20.06 9.83
C SER A 282 -45.17 19.31 10.27
N ILE A 283 -46.06 19.97 11.00
CA ILE A 283 -47.23 19.27 11.52
C ILE A 283 -48.24 18.97 10.41
N GLU A 284 -48.29 19.79 9.36
CA GLU A 284 -49.12 19.42 8.21
C GLU A 284 -48.62 18.13 7.57
N LYS A 285 -47.31 18.05 7.34
CA LYS A 285 -46.74 16.82 6.80
C LYS A 285 -46.97 15.64 7.74
N PHE A 286 -46.87 15.89 9.05
CA PHE A 286 -47.13 14.85 10.05
C PHE A 286 -48.57 14.35 9.97
N SER A 287 -49.54 15.26 9.83
CA SER A 287 -50.93 14.84 9.71
C SER A 287 -51.11 13.94 8.49
N ASP A 288 -50.51 14.33 7.35
CA ASP A 288 -50.57 13.47 6.18
C ASP A 288 -50.03 12.08 6.48
N LEU A 289 -48.80 12.02 7.02
CA LEU A 289 -48.18 10.72 7.28
C LEU A 289 -48.97 9.90 8.28
N TRP A 290 -49.55 10.55 9.27
CA TRP A 290 -50.35 9.85 10.29
C TRP A 290 -51.54 9.16 9.64
N LYS A 291 -52.32 9.90 8.84
CA LYS A 291 -53.45 9.27 8.17
C LYS A 291 -52.98 8.16 7.23
N ARG A 292 -51.86 8.38 6.53
CA ARG A 292 -51.40 7.40 5.57
C ARG A 292 -50.98 6.10 6.24
N ALA A 293 -50.20 6.20 7.31
CA ALA A 293 -49.64 5.01 7.92
C ALA A 293 -50.70 4.26 8.70
N LEU A 294 -51.66 4.97 9.29
CA LEU A 294 -52.71 4.28 10.01
C LEU A 294 -53.84 3.80 9.10
N GLY A 295 -53.85 4.18 7.83
CA GLY A 295 -54.89 3.69 6.95
C GLY A 295 -56.18 4.46 7.05
N LEU A 296 -56.15 5.63 7.68
CA LEU A 296 -57.33 6.44 7.91
C LEU A 296 -57.83 7.04 6.60
N ASP A 297 -59.05 7.57 6.65
CA ASP A 297 -59.56 8.35 5.54
C ASP A 297 -58.86 9.71 5.50
N PRO A 298 -58.49 10.20 4.31
CA PRO A 298 -57.82 11.50 4.24
C PRO A 298 -58.61 12.65 4.86
N ASP A 299 -59.93 12.52 4.97
CA ASP A 299 -60.78 13.55 5.53
C ASP A 299 -61.07 13.35 7.02
N THR A 300 -60.29 12.54 7.70
CA THR A 300 -60.55 12.25 9.11
C THR A 300 -60.34 13.51 9.95
N PRO A 301 -61.35 13.97 10.69
CA PRO A 301 -61.20 15.20 11.47
C PRO A 301 -60.14 15.04 12.54
N PRO A 302 -59.25 16.03 12.67
CA PRO A 302 -58.21 15.95 13.72
C PRO A 302 -58.77 15.84 15.13
N GLU A 303 -60.08 16.02 15.32
CA GLU A 303 -60.69 15.92 16.63
C GLU A 303 -61.11 14.49 16.99
N ASP A 304 -61.17 13.59 16.01
CA ASP A 304 -61.66 12.24 16.23
C ASP A 304 -60.60 11.37 16.90
N GLU A 305 -61.04 10.53 17.84
CA GLU A 305 -60.20 9.50 18.40
C GLU A 305 -60.11 8.31 17.45
N LEU A 306 -58.98 7.60 17.52
CA LEU A 306 -58.88 6.31 16.86
C LEU A 306 -59.74 5.29 17.58
N PRO A 307 -60.23 4.27 16.86
CA PRO A 307 -61.04 3.24 17.52
C PRO A 307 -60.28 2.59 18.67
N LYS A 308 -61.00 2.36 19.77
CA LYS A 308 -60.37 1.97 21.02
C LYS A 308 -59.59 0.68 20.88
N VAL A 309 -58.35 0.70 21.37
CA VAL A 309 -57.56 -0.50 21.63
C VAL A 309 -57.11 -0.42 23.08
N ASP A 310 -57.45 -1.44 23.85
CA ASP A 310 -57.13 -1.47 25.28
C ASP A 310 -55.90 -2.37 25.47
N HIS A 311 -54.73 -1.75 25.57
CA HIS A 311 -53.50 -2.50 25.75
C HIS A 311 -52.57 -1.71 26.66
N LEU A 312 -51.68 -2.45 27.34
CA LEU A 312 -50.65 -1.82 28.18
C LEU A 312 -49.90 -0.72 27.45
N THR A 313 -49.75 -0.85 26.12
CA THR A 313 -48.99 0.12 25.34
C THR A 313 -49.84 0.80 24.26
N SER A 314 -51.17 0.83 24.42
CA SER A 314 -51.99 1.52 23.42
C SER A 314 -51.96 3.02 23.73
N GLY A 315 -52.75 3.81 23.00
CA GLY A 315 -52.72 5.24 23.21
C GLY A 315 -51.57 5.86 22.46
N ALA A 316 -51.48 7.20 22.55
CA ALA A 316 -50.40 7.91 21.87
C ALA A 316 -49.17 7.96 22.79
N VAL A 317 -47.99 7.80 22.21
CA VAL A 317 -46.76 7.82 22.98
C VAL A 317 -45.85 8.91 22.43
N PHE A 318 -45.11 9.56 23.33
CA PHE A 318 -44.22 10.66 22.97
C PHE A 318 -42.98 10.56 23.85
N ASN A 319 -41.92 11.24 23.42
CA ASN A 319 -40.81 11.50 24.31
C ASN A 319 -40.43 12.97 24.21
N PHE A 320 -40.08 13.55 25.35
CA PHE A 320 -39.64 14.93 25.49
C PHE A 320 -38.16 14.91 25.82
N ASP A 321 -37.34 15.46 24.93
CA ASP A 321 -35.94 15.72 25.24
C ASP A 321 -35.85 17.02 26.02
N VAL A 322 -35.35 16.92 27.25
CA VAL A 322 -35.16 18.05 28.16
C VAL A 322 -33.68 18.25 28.38
N ALA A 323 -32.87 17.88 27.39
CA ALA A 323 -31.43 18.07 27.48
C ALA A 323 -31.15 19.57 27.67
N PRO A 324 -30.26 19.93 28.60
CA PRO A 324 -30.03 21.36 28.89
C PRO A 324 -29.35 22.09 27.75
N LYS A 325 -29.22 21.43 26.59
CA LYS A 325 -28.62 22.07 25.44
C LYS A 325 -29.51 23.18 24.89
N SER A 326 -30.81 23.06 25.07
CA SER A 326 -31.76 24.10 24.69
C SER A 326 -32.69 24.40 25.85
N GLN A 327 -33.34 25.57 25.77
CA GLN A 327 -34.28 25.96 26.81
C GLN A 327 -35.69 25.47 26.56
N ILE A 328 -36.04 25.17 25.32
CA ILE A 328 -37.35 24.63 24.96
C ILE A 328 -37.19 23.14 24.66
N PRO A 329 -37.96 22.28 25.29
CA PRO A 329 -37.78 20.83 25.08
C PRO A 329 -38.29 20.41 23.70
N GLU A 330 -37.70 19.34 23.19
CA GLU A 330 -38.07 18.83 21.88
C GLU A 330 -38.94 17.58 22.00
N VAL A 331 -39.87 17.42 21.08
CA VAL A 331 -40.87 16.36 21.19
C VAL A 331 -40.75 15.43 20.00
N LYS A 332 -40.88 14.13 20.28
CA LYS A 332 -40.97 13.11 19.25
C LYS A 332 -42.23 12.29 19.52
N ALA A 333 -42.98 12.03 18.47
CA ALA A 333 -44.22 11.26 18.55
C ALA A 333 -43.99 9.88 17.94
N TYR A 334 -44.65 8.87 18.49
CA TYR A 334 -44.53 7.50 17.95
C TYR A 334 -45.90 7.02 17.51
N ILE A 335 -46.07 6.79 16.21
CA ILE A 335 -47.34 6.34 15.67
C ILE A 335 -47.39 4.85 15.96
N PRO A 336 -48.37 4.37 16.74
CA PRO A 336 -48.41 2.94 17.13
C PRO A 336 -49.12 2.09 16.06
N VAL A 337 -48.29 1.74 15.07
CA VAL A 337 -48.76 1.02 13.90
C VAL A 337 -49.40 -0.30 14.30
N ARG A 338 -48.75 -1.04 15.21
CA ARG A 338 -49.23 -2.37 15.58
C ARG A 338 -50.64 -2.33 16.15
N HIS A 339 -50.99 -1.27 16.88
CA HIS A 339 -52.31 -1.18 17.48
C HIS A 339 -53.36 -0.60 16.52
N TYR A 340 -53.00 0.41 15.72
CA TYR A 340 -54.00 1.16 14.98
C TYR A 340 -54.06 0.92 13.47
N ALA A 341 -53.07 0.28 12.86
CA ALA A 341 -53.06 0.14 11.41
C ALA A 341 -53.73 -1.17 11.03
N ASN A 342 -54.01 -1.33 9.74
CA ASN A 342 -54.70 -2.54 9.33
C ASN A 342 -53.74 -3.72 9.18
N ASN A 343 -52.56 -3.50 8.61
CA ASN A 343 -51.55 -4.54 8.49
C ASN A 343 -50.21 -3.89 8.19
N ASP A 344 -49.15 -4.67 8.41
CA ASP A 344 -47.80 -4.15 8.27
C ASP A 344 -47.52 -3.70 6.84
N LEU A 345 -48.00 -4.44 5.83
CA LEU A 345 -47.72 -4.05 4.45
C LEU A 345 -48.39 -2.72 4.11
N GLN A 346 -49.65 -2.57 4.52
CA GLN A 346 -50.35 -1.32 4.29
C GLN A 346 -49.64 -0.16 4.97
N ALA A 347 -49.23 -0.35 6.23
CA ALA A 347 -48.54 0.71 6.95
C ALA A 347 -47.20 1.04 6.30
N ALA A 348 -46.43 0.03 5.88
CA ALA A 348 -45.16 0.27 5.23
C ALA A 348 -45.34 0.99 3.91
N LEU A 349 -46.33 0.60 3.12
CA LEU A 349 -46.56 1.28 1.85
C LEU A 349 -47.01 2.71 2.07
N GLY A 350 -47.78 2.98 3.14
CA GLY A 350 -48.11 4.36 3.45
C GLY A 350 -46.90 5.19 3.81
N LEU A 351 -46.06 4.66 4.70
CA LEU A 351 -44.83 5.36 5.07
C LEU A 351 -43.95 5.63 3.85
N ILE A 352 -43.83 4.62 2.99
CA ILE A 352 -42.99 4.74 1.80
C ILE A 352 -43.60 5.73 0.81
N GLY A 353 -44.92 5.77 0.71
CA GLY A 353 -45.55 6.77 -0.14
C GLY A 353 -45.24 8.17 0.32
N TYR A 354 -45.31 8.41 1.63
CA TYR A 354 -44.91 9.72 2.15
C TYR A 354 -43.44 10.02 1.82
N LEU A 355 -42.55 9.05 2.08
CA LEU A 355 -41.12 9.26 1.86
C LEU A 355 -40.83 9.58 0.39
N GLU A 356 -41.43 8.83 -0.53
CA GLU A 356 -41.18 9.06 -1.95
C GLU A 356 -41.85 10.35 -2.41
N ASP A 357 -42.95 10.76 -1.74
CA ASP A 357 -43.54 12.04 -2.10
C ASP A 357 -42.69 13.20 -1.64
N HIS A 358 -41.81 13.00 -0.66
CA HIS A 358 -40.91 14.07 -0.26
C HIS A 358 -39.45 13.82 -0.62
N GLY A 359 -39.18 12.83 -1.46
CA GLY A 359 -37.83 12.66 -2.00
C GLY A 359 -36.85 12.02 -1.05
N HIS A 360 -37.33 11.15 -0.15
CA HIS A 360 -36.49 10.50 0.86
C HIS A 360 -36.70 9.00 0.84
N GLY A 361 -37.07 8.43 -0.31
CA GLY A 361 -37.38 7.02 -0.36
C GLY A 361 -36.38 6.17 -1.14
N GLY A 362 -35.10 6.53 -1.06
CA GLY A 362 -34.08 5.78 -1.78
C GLY A 362 -33.87 4.36 -1.27
N TYR A 363 -34.28 4.07 -0.04
CA TYR A 363 -34.08 2.74 0.55
C TYR A 363 -35.40 2.04 0.85
N SER A 364 -36.42 2.32 0.04
CA SER A 364 -37.75 1.74 0.28
C SER A 364 -37.77 0.23 0.04
N GLN A 365 -37.24 -0.20 -1.11
CA GLN A 365 -37.23 -1.64 -1.38
C GLN A 365 -36.34 -2.39 -0.42
N SER A 366 -35.25 -1.77 0.04
CA SER A 366 -34.41 -2.37 1.07
C SER A 366 -35.17 -2.52 2.38
N TYR A 367 -35.90 -1.49 2.78
CA TYR A 367 -36.74 -1.56 3.98
C TYR A 367 -37.77 -2.68 3.85
N LEU A 368 -38.38 -2.81 2.67
CA LEU A 368 -39.37 -3.86 2.47
C LEU A 368 -38.74 -5.24 2.55
N ARG A 369 -37.54 -5.41 2.00
CA ARG A 369 -36.86 -6.70 2.13
C ARG A 369 -36.57 -7.01 3.59
N GLY A 370 -36.20 -6.00 4.37
CA GLY A 370 -36.04 -6.20 5.80
C GLY A 370 -37.33 -6.64 6.48
N LEU A 371 -38.44 -6.01 6.12
CA LEU A 371 -39.73 -6.41 6.67
C LEU A 371 -40.07 -7.85 6.29
N ASP A 372 -39.85 -8.21 5.04
CA ASP A 372 -40.14 -9.57 4.60
C ASP A 372 -39.28 -10.58 5.37
N MET A 373 -38.03 -10.22 5.66
CA MET A 373 -37.16 -11.08 6.45
C MET A 373 -37.67 -11.22 7.89
N LEU A 374 -38.07 -10.11 8.51
CA LEU A 374 -38.48 -10.17 9.91
C LEU A 374 -39.88 -10.77 10.08
N ALA A 375 -40.71 -10.66 9.06
CA ALA A 375 -42.13 -10.92 9.22
C ALA A 375 -42.39 -12.41 9.39
N PRO A 376 -43.39 -12.76 10.20
CA PRO A 376 -43.83 -14.16 10.26
C PRO A 376 -44.28 -14.62 8.89
N SER A 377 -44.00 -15.89 8.59
CA SER A 377 -44.27 -16.43 7.27
C SER A 377 -45.70 -16.14 6.85
N GLY A 378 -45.87 -15.19 5.93
CA GLY A 378 -47.17 -14.88 5.38
C GLY A 378 -48.12 -14.13 6.30
N GLN A 379 -47.63 -13.07 6.94
CA GLN A 379 -48.46 -12.23 7.81
C GLN A 379 -48.33 -10.75 7.54
N LEU A 380 -47.43 -10.32 6.64
CA LEU A 380 -47.23 -8.90 6.38
C LEU A 380 -48.53 -8.22 5.96
N ASP A 381 -49.29 -8.84 5.07
CA ASP A 381 -50.50 -8.24 4.52
C ASP A 381 -51.76 -8.60 5.31
N GLN A 382 -51.67 -9.48 6.31
CA GLN A 382 -52.83 -9.92 7.07
C GLN A 382 -52.83 -9.43 8.52
N ALA A 383 -51.69 -9.03 9.06
CA ALA A 383 -51.64 -8.68 10.48
C ALA A 383 -50.65 -7.55 10.70
N THR A 384 -50.68 -7.02 11.92
CA THR A 384 -49.69 -6.05 12.40
C THR A 384 -48.77 -6.74 13.39
N GLY A 385 -47.74 -6.01 13.81
CA GLY A 385 -46.84 -6.59 14.81
C GLY A 385 -45.37 -6.46 14.47
N VAL A 386 -45.04 -6.52 13.18
CA VAL A 386 -43.65 -6.36 12.76
C VAL A 386 -43.18 -4.94 13.04
N GLN A 387 -43.92 -3.95 12.54
CA GLN A 387 -43.62 -2.54 12.78
C GLN A 387 -44.36 -2.08 14.03
N THR A 388 -43.60 -1.79 15.09
CA THR A 388 -44.22 -1.35 16.33
C THR A 388 -44.59 0.12 16.29
N TYR A 389 -43.64 0.97 15.89
CA TYR A 389 -43.85 2.41 15.88
C TYR A 389 -43.23 3.04 14.63
N PHE A 390 -43.86 4.10 14.15
CA PHE A 390 -43.23 5.05 13.24
C PHE A 390 -42.97 6.33 14.05
N ALA A 391 -41.71 6.65 14.29
CA ALA A 391 -41.37 7.81 15.10
C ALA A 391 -41.18 9.03 14.21
N VAL A 392 -41.76 10.15 14.65
CA VAL A 392 -41.81 11.40 13.91
C VAL A 392 -41.21 12.49 14.78
N ALA A 393 -40.29 13.25 14.19
CA ALA A 393 -39.73 14.45 14.80
C ALA A 393 -39.81 15.59 13.80
N CYS A 394 -40.05 16.80 14.30
CA CYS A 394 -40.22 17.97 13.46
C CYS A 394 -38.89 18.72 13.39
N GLN A 395 -38.22 18.63 12.25
CA GLN A 395 -36.94 19.30 12.00
C GLN A 395 -37.21 20.41 11.00
N GLY A 396 -37.44 21.62 11.51
CA GLY A 396 -37.74 22.78 10.69
C GLY A 396 -39.03 22.65 9.90
N GLU A 397 -38.93 22.41 8.61
CA GLU A 397 -40.08 22.16 7.75
C GLU A 397 -40.26 20.70 7.39
N ASP A 398 -39.33 19.85 7.82
CA ASP A 398 -39.28 18.46 7.40
C ASP A 398 -39.54 17.53 8.59
N LEU A 399 -39.74 16.25 8.29
CA LEU A 399 -39.91 15.22 9.30
C LEU A 399 -38.68 14.32 9.33
N SER A 400 -38.26 13.97 10.55
CA SER A 400 -37.31 12.88 10.77
C SER A 400 -38.10 11.65 11.19
N LEU A 401 -37.90 10.55 10.47
CA LEU A 401 -38.72 9.37 10.63
C LEU A 401 -37.86 8.17 11.01
N THR A 402 -38.40 7.33 11.89
CA THR A 402 -37.73 6.11 12.30
C THR A 402 -38.74 4.96 12.39
N SER A 403 -38.46 3.83 11.76
CA SER A 403 -39.30 2.64 11.91
C SER A 403 -38.74 1.76 13.01
N TYR A 404 -39.62 1.28 13.90
CA TYR A 404 -39.24 0.32 14.93
C TYR A 404 -39.87 -1.03 14.62
N LEU A 405 -39.07 -2.09 14.77
CA LEU A 405 -39.38 -3.41 14.25
C LEU A 405 -39.25 -4.47 15.33
N ASN A 406 -40.27 -5.32 15.45
CA ASN A 406 -40.31 -6.41 16.43
C ASN A 406 -40.19 -7.73 15.70
N PRO A 407 -39.17 -8.53 16.02
CA PRO A 407 -39.03 -9.85 15.37
C PRO A 407 -40.12 -10.86 15.76
N GLN A 408 -40.85 -10.63 16.85
CA GLN A 408 -42.02 -11.43 17.24
C GLN A 408 -41.67 -12.91 17.41
N PHE A 409 -40.68 -13.17 18.26
CA PHE A 409 -40.21 -14.54 18.49
C PHE A 409 -41.32 -15.44 19.04
N TYR A 410 -42.15 -14.90 19.93
CA TYR A 410 -43.17 -15.70 20.57
C TYR A 410 -44.53 -15.59 19.89
N ALA A 411 -44.91 -14.41 19.44
CA ALA A 411 -46.19 -14.22 18.74
C ALA A 411 -46.18 -14.91 17.39
N ALA A 412 -45.01 -15.34 16.95
CA ALA A 412 -44.90 -16.04 15.68
C ALA A 412 -43.83 -17.11 15.78
N PHE A 413 -44.12 -18.14 16.57
CA PHE A 413 -43.13 -19.20 16.86
C PHE A 413 -43.03 -20.12 15.65
N GLN A 414 -41.81 -20.48 15.28
CA GLN A 414 -41.60 -21.31 14.09
C GLN A 414 -40.80 -22.55 14.48
N GLN B 10 12.63 13.45 -20.86
CA GLN B 10 12.27 12.06 -20.64
C GLN B 10 13.54 11.20 -20.54
N SER B 11 14.52 11.54 -21.36
CA SER B 11 15.86 10.96 -21.23
C SER B 11 16.40 11.14 -19.81
N VAL B 12 17.13 10.13 -19.33
CA VAL B 12 17.71 10.25 -18.00
C VAL B 12 18.73 11.38 -17.98
N TRP B 13 19.57 11.44 -19.01
CA TRP B 13 20.56 12.50 -19.06
C TRP B 13 19.91 13.87 -19.17
N LYS B 14 18.83 13.97 -19.94
CA LYS B 14 18.15 15.27 -20.05
C LYS B 14 17.58 15.70 -18.70
N THR B 15 17.00 14.76 -17.96
CA THR B 15 16.49 15.07 -16.62
C THR B 15 17.62 15.54 -15.70
N LEU B 16 18.71 14.76 -15.63
CA LEU B 16 19.82 15.12 -14.76
C LEU B 16 20.44 16.46 -15.16
N ASN B 17 20.58 16.69 -16.46
CA ASN B 17 21.16 17.95 -16.92
C ASN B 17 20.23 19.11 -16.65
N LYS B 18 18.92 18.86 -16.64
CA LYS B 18 17.99 19.92 -16.29
C LYS B 18 18.10 20.30 -14.82
N TRP B 19 18.29 19.31 -13.93
CA TRP B 19 18.16 19.60 -12.51
C TRP B 19 19.45 19.61 -11.71
N LEU B 20 20.52 18.95 -12.18
CA LEU B 20 21.74 18.94 -11.41
C LEU B 20 22.39 20.32 -11.45
N PRO B 21 23.17 20.67 -10.43
CA PRO B 21 23.83 21.98 -10.42
C PRO B 21 24.75 22.11 -11.61
N PRO B 22 24.80 23.27 -12.25
CA PRO B 22 25.59 23.40 -13.47
C PRO B 22 27.08 23.32 -13.20
N LEU B 23 27.80 22.77 -14.16
CA LEU B 23 29.22 22.55 -14.06
C LEU B 23 29.92 23.64 -14.86
N SER B 24 31.20 23.86 -14.55
CA SER B 24 32.01 24.80 -15.29
C SER B 24 32.23 24.32 -16.72
N ARG B 25 32.78 25.21 -17.56
CA ARG B 25 32.74 25.04 -19.00
C ARG B 25 33.28 23.69 -19.48
N ASP B 26 34.52 23.33 -19.12
CA ASP B 26 35.09 22.07 -19.61
C ASP B 26 34.37 20.87 -19.01
N LYS B 27 34.15 20.90 -17.68
CA LYS B 27 33.42 19.81 -17.04
C LYS B 27 32.03 19.64 -17.66
N ASP B 28 31.37 20.76 -17.97
CA ASP B 28 30.05 20.68 -18.60
C ASP B 28 30.14 20.13 -20.02
N TRP B 29 31.20 20.47 -20.76
CA TRP B 29 31.39 19.91 -22.09
C TRP B 29 31.54 18.39 -22.02
N TRP B 30 32.38 17.92 -21.11
CA TRP B 30 32.53 16.47 -20.96
C TRP B 30 31.21 15.84 -20.52
N TRP B 31 30.46 16.53 -19.67
CA TRP B 31 29.16 16.03 -19.23
C TRP B 31 28.21 15.89 -20.40
N LYS B 32 28.05 16.95 -21.19
CA LYS B 32 27.15 16.94 -22.33
C LYS B 32 27.66 16.11 -23.50
N THR B 33 28.91 15.66 -23.47
CA THR B 33 29.41 14.75 -24.50
C THR B 33 29.33 13.29 -24.10
N LEU B 34 29.83 12.94 -22.91
CA LEU B 34 29.84 11.56 -22.45
C LEU B 34 28.49 11.10 -21.93
N GLY B 35 27.69 11.98 -21.32
CA GLY B 35 26.41 11.61 -20.77
C GLY B 35 25.46 11.04 -21.79
N PRO B 36 25.22 11.76 -22.89
CA PRO B 36 24.34 11.20 -23.93
C PRO B 36 24.86 9.89 -24.50
N GLN B 37 26.18 9.73 -24.64
CA GLN B 37 26.71 8.49 -25.19
C GLN B 37 26.44 7.31 -24.26
N ILE B 38 26.78 7.47 -22.98
CA ILE B 38 26.58 6.40 -22.01
C ILE B 38 25.09 6.13 -21.83
N ASN B 39 24.28 7.17 -21.82
CA ASN B 39 22.83 7.00 -21.69
C ASN B 39 22.26 6.24 -22.88
N THR B 40 22.71 6.58 -24.09
CA THR B 40 22.23 5.86 -25.28
C THR B 40 22.66 4.40 -25.25
N LEU B 41 23.90 4.13 -24.85
CA LEU B 41 24.35 2.74 -24.80
C LEU B 41 23.54 1.95 -23.76
N LEU B 42 23.31 2.54 -22.58
CA LEU B 42 22.55 1.84 -21.55
C LEU B 42 21.08 1.68 -21.95
N THR B 43 20.53 2.68 -22.65
CA THR B 43 19.14 2.59 -23.10
C THR B 43 18.97 1.51 -24.16
N GLU B 44 19.84 1.51 -25.17
CA GLU B 44 19.73 0.52 -26.23
C GLU B 44 19.95 -0.90 -25.70
N ALA B 45 20.68 -1.04 -24.59
CA ALA B 45 20.89 -2.33 -23.96
C ALA B 45 19.80 -2.65 -22.92
N ASP B 46 18.78 -1.80 -22.80
CA ASP B 46 17.60 -2.07 -21.97
C ASP B 46 17.95 -2.12 -20.48
N TYR B 47 18.88 -1.27 -20.04
CA TYR B 47 19.13 -1.15 -18.62
C TYR B 47 17.94 -0.50 -17.91
N ASP B 48 17.71 -0.92 -16.67
CA ASP B 48 16.64 -0.34 -15.88
C ASP B 48 16.93 1.13 -15.58
N LEU B 49 15.86 1.90 -15.37
CA LEU B 49 15.99 3.36 -15.22
C LEU B 49 16.92 3.71 -14.07
N ASN B 50 16.81 2.99 -12.95
CA ASN B 50 17.63 3.29 -11.80
C ASN B 50 19.10 3.12 -12.11
N GLU B 51 19.45 2.11 -12.91
CA GLU B 51 20.85 1.93 -13.26
C GLU B 51 21.36 3.04 -14.17
N ARG B 52 20.53 3.51 -15.10
CA ARG B 52 20.95 4.66 -15.90
C ARG B 52 21.20 5.88 -15.03
N TYR B 53 20.31 6.13 -14.07
CA TYR B 53 20.53 7.24 -13.15
C TYR B 53 21.83 7.06 -12.36
N GLU B 54 22.07 5.85 -11.83
CA GLU B 54 23.30 5.61 -11.08
C GLU B 54 24.53 5.83 -11.96
N ALA B 55 24.50 5.33 -13.19
CA ALA B 55 25.64 5.47 -14.08
C ALA B 55 25.93 6.94 -14.36
N LEU B 56 24.89 7.69 -14.72
CA LEU B 56 25.07 9.09 -15.07
C LEU B 56 25.45 9.94 -13.86
N LEU B 57 24.93 9.62 -12.68
CA LEU B 57 25.33 10.37 -11.48
C LEU B 57 26.80 10.09 -11.13
N LEU B 58 27.23 8.83 -11.25
CA LEU B 58 28.63 8.50 -11.09
C LEU B 58 29.49 9.30 -12.07
N LEU B 59 29.08 9.30 -13.34
CA LEU B 59 29.80 10.08 -14.35
C LEU B 59 29.90 11.54 -13.96
N TYR B 60 28.80 12.12 -13.48
CA TYR B 60 28.76 13.52 -13.13
C TYR B 60 29.68 13.83 -11.94
N ARG B 61 29.70 12.96 -10.94
CA ARG B 61 30.44 13.30 -9.74
C ARG B 61 31.93 12.99 -9.86
N TRP B 62 32.28 11.84 -10.44
CA TRP B 62 33.62 11.29 -10.28
C TRP B 62 34.45 11.18 -11.55
N VAL B 63 33.82 11.14 -12.72
CA VAL B 63 34.57 10.95 -13.97
C VAL B 63 34.77 12.27 -14.68
N VAL B 64 33.67 12.95 -14.98
CA VAL B 64 33.67 14.22 -15.70
C VAL B 64 34.64 15.24 -15.09
N PRO B 65 34.69 15.44 -13.78
CA PRO B 65 35.62 16.47 -13.25
C PRO B 65 37.08 16.23 -13.56
N GLU B 66 37.48 15.01 -13.90
CA GLU B 66 38.89 14.69 -14.08
C GLU B 66 39.24 14.33 -15.52
N MET B 67 38.42 14.77 -16.48
CA MET B 67 38.66 14.46 -17.88
C MET B 67 39.57 15.47 -18.56
N GLY B 68 39.96 16.54 -17.87
CA GLY B 68 40.86 17.54 -18.41
C GLY B 68 40.19 18.47 -19.39
N PRO B 69 40.99 19.26 -20.12
CA PRO B 69 40.40 20.23 -21.03
C PRO B 69 39.68 19.54 -22.17
N ARG B 70 38.69 20.23 -22.71
CA ARG B 70 37.97 19.73 -23.87
C ARG B 70 38.91 19.65 -25.07
N PRO B 71 38.75 18.63 -25.94
CA PRO B 71 39.46 18.59 -27.22
C PRO B 71 39.18 19.82 -28.07
N HIS B 86 44.20 7.80 -28.53
CA HIS B 86 44.37 9.10 -27.90
C HIS B 86 43.07 9.60 -27.25
N SER B 87 41.94 9.06 -27.66
CA SER B 87 40.68 9.37 -26.98
C SER B 87 40.73 8.78 -25.57
N PRO B 88 40.32 9.53 -24.55
CA PRO B 88 40.49 9.08 -23.16
C PRO B 88 39.37 8.19 -22.62
N ILE B 89 38.42 7.77 -23.44
CA ILE B 89 37.36 6.85 -23.03
C ILE B 89 37.19 5.82 -24.14
N GLU B 90 36.98 4.57 -23.75
CA GLU B 90 36.66 3.52 -24.71
C GLU B 90 35.49 2.71 -24.18
N TYR B 91 34.43 2.60 -24.96
CA TYR B 91 33.29 1.80 -24.57
C TYR B 91 33.48 0.35 -25.02
N SER B 92 32.72 -0.55 -24.41
CA SER B 92 32.70 -1.93 -24.87
C SER B 92 31.33 -2.52 -24.60
N TRP B 93 30.93 -3.40 -25.51
CA TRP B 93 29.57 -3.93 -25.64
C TRP B 93 29.73 -5.45 -25.69
N LYS B 94 29.42 -6.13 -24.60
CA LYS B 94 29.58 -7.57 -24.52
C LYS B 94 28.26 -8.24 -24.87
N TRP B 95 28.29 -9.12 -25.87
CA TRP B 95 27.11 -9.83 -26.32
C TRP B 95 26.88 -11.05 -25.44
N ILE B 96 25.67 -11.16 -24.92
CA ILE B 96 25.30 -12.25 -24.02
C ILE B 96 24.41 -13.18 -24.81
N SER B 97 24.66 -14.48 -24.70
CA SER B 97 23.87 -15.47 -25.43
C SER B 97 22.46 -15.55 -24.86
N GLY B 98 21.61 -16.29 -25.57
CA GLY B 98 20.28 -16.58 -25.08
C GLY B 98 19.31 -15.42 -25.07
N ASN B 99 19.50 -14.45 -25.96
CA ASN B 99 18.63 -13.27 -26.06
C ASN B 99 18.63 -12.47 -24.76
N LYS B 100 19.71 -12.53 -23.99
CA LYS B 100 19.86 -11.69 -22.82
C LYS B 100 20.44 -10.34 -23.21
N LYS B 101 20.36 -9.38 -22.30
CA LYS B 101 20.76 -8.02 -22.59
C LYS B 101 22.28 -7.90 -22.69
N PRO B 102 22.80 -7.05 -23.58
CA PRO B 102 24.24 -6.82 -23.61
C PRO B 102 24.71 -6.16 -22.33
N GLU B 103 26.00 -6.33 -22.03
CA GLU B 103 26.62 -5.64 -20.90
C GLU B 103 27.46 -4.49 -21.44
N ILE B 104 27.31 -3.32 -20.81
CA ILE B 104 28.03 -2.11 -21.21
C ILE B 104 29.15 -1.85 -20.22
N ARG B 105 30.32 -1.53 -20.75
CA ARG B 105 31.47 -1.15 -19.94
C ARG B 105 32.15 0.06 -20.58
N TYR B 106 32.91 0.79 -19.77
CA TYR B 106 33.80 1.76 -20.40
C TYR B 106 35.08 1.89 -19.58
N ALA B 107 36.17 2.14 -20.29
CA ALA B 107 37.49 2.34 -19.73
C ALA B 107 37.84 3.82 -19.85
N VAL B 108 38.46 4.35 -18.81
CA VAL B 108 38.76 5.77 -18.74
C VAL B 108 40.19 5.97 -18.26
N GLU B 109 40.85 6.95 -18.89
CA GLU B 109 42.12 7.54 -18.51
C GLU B 109 41.83 8.95 -18.02
N LEU B 110 41.87 9.15 -16.72
CA LEU B 110 41.71 10.48 -16.17
C LEU B 110 43.06 11.20 -16.18
N VAL B 111 43.02 12.53 -16.22
CA VAL B 111 44.23 13.34 -16.31
C VAL B 111 44.17 14.50 -15.34
N SER B 112 45.31 15.14 -15.13
CA SER B 112 45.45 16.34 -14.32
C SER B 112 46.59 17.16 -14.88
N PRO B 113 46.65 18.46 -14.58
CA PRO B 113 47.76 19.28 -15.09
C PRO B 113 49.14 18.82 -14.66
N LEU B 114 49.24 17.87 -13.73
CA LEU B 114 50.54 17.36 -13.31
C LEU B 114 51.03 16.20 -14.15
N ALA B 115 50.21 15.68 -15.05
CA ALA B 115 50.58 14.54 -15.87
C ALA B 115 51.82 14.86 -16.70
N GLY B 116 52.87 14.06 -16.54
CA GLY B 116 54.11 14.25 -17.26
C GLY B 116 55.15 15.06 -16.52
N SER B 117 54.75 15.81 -15.49
CA SER B 117 55.72 16.55 -14.69
C SER B 117 56.37 15.64 -13.65
N LYS B 118 57.40 16.16 -12.99
CA LYS B 118 58.06 15.41 -11.93
C LYS B 118 57.11 15.06 -10.79
N GLN B 119 55.97 15.75 -10.69
CA GLN B 119 55.03 15.52 -9.60
C GLN B 119 54.08 14.36 -9.87
N ASP B 120 53.90 13.94 -11.12
CA ASP B 120 53.09 12.79 -11.50
C ASP B 120 53.43 12.37 -12.92
N PRO B 121 54.63 11.83 -13.17
CA PRO B 121 55.06 11.61 -14.56
C PRO B 121 54.27 10.55 -15.30
N PHE B 122 53.62 9.63 -14.61
CA PHE B 122 52.88 8.57 -15.27
C PHE B 122 51.37 8.73 -15.08
N ASN B 123 50.93 9.87 -14.56
CA ASN B 123 49.52 10.22 -14.51
C ASN B 123 48.73 9.16 -13.75
N GLN B 124 49.13 8.94 -12.51
CA GLN B 124 48.55 7.91 -11.65
C GLN B 124 47.62 8.47 -10.59
N ILE B 125 47.73 9.76 -10.26
CA ILE B 125 46.91 10.33 -9.20
C ILE B 125 45.42 10.26 -9.53
N PRO B 126 44.95 10.67 -10.72
CA PRO B 126 43.49 10.69 -10.94
C PRO B 126 42.82 9.32 -10.91
N THR B 127 43.43 8.30 -11.53
CA THR B 127 42.86 6.96 -11.48
C THR B 127 42.81 6.44 -10.03
N ARG B 128 43.88 6.69 -9.27
CA ARG B 128 43.90 6.25 -7.89
C ARG B 128 42.81 6.94 -7.07
N ASN B 129 42.65 8.25 -7.25
CA ASN B 129 41.58 8.97 -6.57
C ASN B 129 40.21 8.43 -6.94
N LEU B 130 39.98 8.16 -8.24
CA LEU B 130 38.70 7.62 -8.67
C LEU B 130 38.41 6.30 -7.99
N VAL B 131 39.41 5.42 -7.95
CA VAL B 131 39.24 4.12 -7.30
C VAL B 131 38.86 4.31 -5.84
N TYR B 132 39.51 5.26 -5.16
CA TYR B 132 39.22 5.43 -3.73
C TYR B 132 37.83 6.02 -3.50
N ASN B 133 37.41 6.97 -4.33
CA ASN B 133 36.06 7.54 -4.21
C ASN B 133 34.99 6.48 -4.46
N LEU B 134 35.17 5.69 -5.53
CA LEU B 134 34.20 4.62 -5.78
C LEU B 134 34.19 3.60 -4.65
N ALA B 135 35.37 3.26 -4.12
CA ALA B 135 35.43 2.31 -3.01
C ALA B 135 34.72 2.86 -1.78
N LYS B 136 34.77 4.17 -1.54
CA LYS B 136 34.02 4.72 -0.44
C LYS B 136 32.53 4.60 -0.68
N ILE B 137 32.10 4.78 -1.93
CA ILE B 137 30.66 4.70 -2.18
C ILE B 137 30.19 3.26 -2.34
N ILE B 138 30.95 2.43 -3.07
CA ILE B 138 30.58 1.02 -3.24
C ILE B 138 31.45 0.17 -2.31
N PRO B 139 30.98 -0.15 -1.10
CA PRO B 139 31.87 -0.83 -0.13
C PRO B 139 32.21 -2.24 -0.55
N GLU B 140 31.41 -2.83 -1.44
CA GLU B 140 31.63 -4.18 -1.94
C GLU B 140 32.87 -4.28 -2.81
N LEU B 141 33.44 -3.15 -3.24
CA LEU B 141 34.72 -3.17 -3.93
C LEU B 141 35.81 -3.58 -2.96
N ASP B 142 36.76 -4.39 -3.43
CA ASP B 142 37.84 -4.89 -2.61
C ASP B 142 39.17 -4.41 -3.19
N LEU B 143 40.02 -3.83 -2.34
CA LEU B 143 41.25 -3.20 -2.79
C LEU B 143 42.50 -4.00 -2.45
N THR B 144 42.34 -5.25 -2.00
CA THR B 144 43.49 -6.06 -1.64
C THR B 144 44.46 -6.21 -2.81
N TRP B 145 43.97 -6.77 -3.91
CA TRP B 145 44.84 -6.94 -5.08
C TRP B 145 45.17 -5.61 -5.72
N PHE B 146 44.25 -4.64 -5.66
CA PHE B 146 44.58 -3.31 -6.18
C PHE B 146 45.82 -2.76 -5.50
N GLU B 147 45.82 -2.72 -4.16
CA GLU B 147 46.98 -2.20 -3.45
C GLU B 147 48.22 -3.05 -3.70
N HIS B 148 48.07 -4.38 -3.70
CA HIS B 148 49.23 -5.25 -3.92
C HIS B 148 49.88 -4.98 -5.28
N PHE B 149 49.11 -5.07 -6.35
CA PHE B 149 49.67 -4.92 -7.68
C PHE B 149 50.10 -3.48 -7.95
N TRP B 150 49.41 -2.49 -7.37
CA TRP B 150 49.91 -1.12 -7.48
C TRP B 150 51.28 -1.00 -6.86
N HIS B 151 51.45 -1.48 -5.63
CA HIS B 151 52.76 -1.39 -4.99
C HIS B 151 53.82 -2.11 -5.80
N GLU B 152 53.51 -3.30 -6.31
CA GLU B 152 54.54 -4.10 -6.98
C GLU B 152 54.92 -3.54 -8.34
N LEU B 153 53.97 -2.96 -9.08
CA LEU B 153 54.24 -2.59 -10.47
C LEU B 153 54.43 -1.10 -10.67
N LEU B 154 53.92 -0.26 -9.78
CA LEU B 154 53.93 1.17 -9.98
C LEU B 154 54.58 1.96 -8.85
N GLY B 155 54.71 1.38 -7.66
CA GLY B 155 55.12 2.16 -6.51
C GLY B 155 56.61 2.14 -6.22
N PRO B 156 56.96 2.43 -4.97
CA PRO B 156 58.38 2.42 -4.58
C PRO B 156 59.00 1.04 -4.70
N GLY B 157 60.20 0.99 -5.25
CA GLY B 157 60.89 -0.26 -5.51
C GLY B 157 60.71 -0.80 -6.90
N SER B 158 59.83 -0.18 -7.69
CA SER B 158 59.58 -0.60 -9.06
C SER B 158 60.63 -0.03 -10.01
N PRO B 159 60.87 -0.71 -11.14
CA PRO B 159 61.79 -0.30 -12.21
C PRO B 159 61.35 0.96 -12.95
N LYS B 169 56.21 9.79 -18.55
CA LYS B 169 56.64 9.32 -19.85
C LYS B 169 55.56 8.46 -20.52
N GLY B 170 54.33 8.60 -20.04
CA GLY B 170 53.23 7.81 -20.53
C GLY B 170 52.24 7.55 -19.40
N SER B 171 51.25 6.72 -19.69
CA SER B 171 50.29 6.30 -18.68
C SER B 171 50.61 4.86 -18.25
N THR B 172 50.38 4.59 -16.96
CA THR B 172 50.67 3.28 -16.40
C THR B 172 49.46 2.59 -15.76
N VAL B 173 48.36 3.30 -15.54
CA VAL B 173 47.21 2.72 -14.87
C VAL B 173 45.94 3.36 -15.43
N PHE B 174 44.91 2.53 -15.58
CA PHE B 174 43.61 2.97 -16.10
C PHE B 174 42.51 2.25 -15.33
N ALA B 175 41.29 2.80 -15.42
CA ALA B 175 40.19 2.17 -14.69
C ALA B 175 39.06 1.91 -15.67
N ALA B 176 38.19 0.96 -15.31
CA ALA B 176 37.04 0.66 -16.14
C ALA B 176 35.85 0.32 -15.25
N LEU B 177 34.67 0.75 -15.71
CA LEU B 177 33.41 0.49 -15.01
C LEU B 177 32.57 -0.46 -15.86
N GLU B 178 32.15 -1.57 -15.24
CA GLU B 178 31.23 -2.54 -15.83
C GLU B 178 29.87 -2.39 -15.18
N MET B 179 28.87 -1.99 -15.97
CA MET B 179 27.50 -1.98 -15.48
C MET B 179 26.91 -3.37 -15.72
N LEU B 180 26.87 -4.18 -14.67
CA LEU B 180 26.46 -5.58 -14.80
C LEU B 180 25.00 -5.82 -14.43
N HIS B 181 24.08 -4.98 -14.89
CA HIS B 181 22.65 -5.23 -14.69
C HIS B 181 22.30 -5.63 -13.27
N GLY B 182 22.32 -4.68 -12.34
CA GLY B 182 22.00 -4.99 -10.96
C GLY B 182 23.07 -4.52 -10.01
N HIS B 183 24.31 -4.47 -10.47
CA HIS B 183 25.39 -3.95 -9.64
C HIS B 183 26.54 -3.50 -10.53
N LEU B 184 27.44 -2.73 -9.94
CA LEU B 184 28.60 -2.15 -10.63
C LEU B 184 29.88 -2.86 -10.23
N SER B 185 30.72 -3.16 -11.21
CA SER B 185 32.05 -3.71 -10.97
C SER B 185 33.10 -2.75 -11.51
N VAL B 186 34.27 -2.73 -10.87
CA VAL B 186 35.39 -1.90 -11.29
C VAL B 186 36.57 -2.79 -11.62
N LYS B 187 37.20 -2.52 -12.76
CA LYS B 187 38.42 -3.20 -13.18
C LYS B 187 39.56 -2.20 -13.24
N VAL B 188 40.77 -2.65 -12.91
CA VAL B 188 41.95 -1.80 -12.93
C VAL B 188 43.00 -2.43 -13.83
N TYR B 189 43.67 -1.59 -14.62
CA TYR B 189 44.67 -2.03 -15.59
C TYR B 189 46.00 -1.37 -15.27
N PHE B 190 47.06 -2.19 -15.19
CA PHE B 190 48.42 -1.75 -14.92
C PHE B 190 49.29 -2.02 -16.14
N ILE B 191 49.98 -0.99 -16.62
CA ILE B 191 50.93 -1.13 -17.71
C ILE B 191 52.33 -0.86 -17.15
N PRO B 192 53.07 -1.90 -16.76
CA PRO B 192 54.37 -1.68 -16.12
C PRO B 192 55.35 -0.97 -17.05
N VAL B 193 56.23 -0.18 -16.45
CA VAL B 193 57.29 0.48 -17.21
C VAL B 193 58.45 -0.49 -17.35
N GLU B 194 58.82 -0.78 -18.59
CA GLU B 194 59.86 -1.77 -18.85
C GLU B 194 61.25 -1.15 -18.76
N THR B 195 62.20 -1.92 -18.25
CA THR B 195 63.61 -1.57 -18.23
C THR B 195 64.41 -2.67 -18.90
N PRO B 196 65.65 -2.39 -19.27
CA PRO B 196 66.48 -3.44 -19.90
C PRO B 196 66.61 -4.71 -19.07
N ASP B 197 66.50 -4.62 -17.75
CA ASP B 197 66.61 -5.78 -16.89
C ASP B 197 65.26 -6.32 -16.42
N PHE B 198 64.18 -5.57 -16.59
CA PHE B 198 62.86 -5.98 -16.11
C PHE B 198 61.83 -5.75 -17.21
N SER B 199 61.54 -6.80 -17.96
CA SER B 199 60.47 -6.73 -18.94
C SER B 199 59.13 -6.70 -18.22
N ALA B 200 58.09 -6.29 -18.96
CA ALA B 200 56.74 -6.28 -18.39
C ALA B 200 56.33 -7.65 -17.92
N TRP B 201 56.66 -8.69 -18.71
CA TRP B 201 56.30 -10.05 -18.31
C TRP B 201 56.98 -10.45 -17.01
N HIS B 202 58.25 -10.09 -16.86
CA HIS B 202 58.97 -10.41 -15.62
C HIS B 202 58.29 -9.77 -14.41
N GLN B 203 58.00 -8.46 -14.50
CA GLN B 203 57.38 -7.76 -13.39
C GLN B 203 56.01 -8.34 -13.07
N ILE B 204 55.21 -8.62 -14.09
CA ILE B 204 53.87 -9.17 -13.87
C ILE B 204 53.96 -10.56 -13.23
N LYS B 205 54.87 -11.41 -13.71
CA LYS B 205 54.99 -12.74 -13.15
C LYS B 205 55.45 -12.68 -11.69
N HIS B 206 56.44 -11.83 -11.38
CA HIS B 206 56.89 -11.73 -10.00
C HIS B 206 55.82 -11.13 -9.10
N ALA B 207 54.99 -10.23 -9.63
CA ALA B 207 53.91 -9.67 -8.83
C ALA B 207 52.83 -10.70 -8.56
N ILE B 208 52.49 -11.51 -9.57
CA ILE B 208 51.49 -12.57 -9.35
C ILE B 208 52.02 -13.59 -8.36
N GLU B 209 53.29 -13.94 -8.46
CA GLU B 209 53.87 -14.92 -7.54
C GLU B 209 53.94 -14.40 -6.11
N ALA B 210 53.98 -13.08 -5.92
CA ALA B 210 53.99 -12.50 -4.59
C ALA B 210 52.59 -12.23 -4.05
N SER B 211 51.55 -12.45 -4.84
CA SER B 211 50.19 -12.13 -4.42
C SER B 211 49.59 -13.19 -3.50
N GLY B 212 50.31 -14.28 -3.24
CA GLY B 212 49.80 -15.28 -2.32
C GLY B 212 48.71 -16.16 -2.90
N CYS B 213 48.75 -16.45 -4.19
CA CYS B 213 47.79 -17.36 -4.78
C CYS B 213 47.99 -18.77 -4.21
N PRO B 214 46.93 -19.57 -4.11
CA PRO B 214 47.07 -20.95 -3.65
C PRO B 214 47.88 -21.80 -4.61
N ASN B 215 47.49 -21.81 -5.87
CA ASN B 215 48.20 -22.53 -6.92
C ASN B 215 48.59 -21.55 -8.01
N LEU B 216 49.72 -21.83 -8.67
CA LEU B 216 50.19 -21.03 -9.79
C LEU B 216 50.30 -21.88 -11.06
N GLU B 217 49.43 -22.89 -11.19
CA GLU B 217 49.54 -23.80 -12.34
C GLU B 217 49.20 -23.10 -13.65
N ALA B 218 48.12 -22.30 -13.67
CA ALA B 218 47.78 -21.59 -14.90
C ALA B 218 48.85 -20.56 -15.26
N LEU B 219 49.38 -19.87 -14.25
CA LEU B 219 50.49 -18.94 -14.47
C LEU B 219 51.68 -19.66 -15.08
N ASN B 220 51.99 -20.84 -14.57
CA ASN B 220 53.14 -21.59 -15.08
C ASN B 220 52.88 -22.13 -16.48
N HIS B 221 51.64 -22.52 -16.79
CA HIS B 221 51.29 -22.90 -18.16
C HIS B 221 51.54 -21.74 -19.11
N VAL B 222 51.10 -20.54 -18.75
CA VAL B 222 51.34 -19.37 -19.58
C VAL B 222 52.83 -19.10 -19.71
N ASP B 223 53.58 -19.27 -18.62
CA ASP B 223 55.02 -19.04 -18.65
C ASP B 223 55.70 -20.00 -19.63
N ALA B 224 55.35 -21.28 -19.55
CA ALA B 224 55.95 -22.27 -20.46
C ALA B 224 55.57 -22.01 -21.90
N TYR B 225 54.31 -21.65 -22.15
CA TYR B 225 53.89 -21.35 -23.52
C TYR B 225 54.64 -20.15 -24.08
N LEU B 226 54.72 -19.07 -23.29
CA LEU B 226 55.39 -17.86 -23.75
C LEU B 226 56.90 -18.07 -23.92
N SER B 227 57.49 -18.98 -23.14
CA SER B 227 58.93 -19.14 -23.16
C SER B 227 59.40 -20.14 -24.20
N SER B 228 58.70 -21.25 -24.36
CA SER B 228 59.16 -22.38 -25.14
C SER B 228 58.41 -22.61 -26.44
N HIS B 229 57.11 -22.30 -26.49
CA HIS B 229 56.32 -22.59 -27.68
C HIS B 229 56.62 -21.64 -28.83
N ASP B 230 56.53 -22.19 -30.05
CA ASP B 230 56.85 -21.44 -31.27
C ASP B 230 55.95 -20.24 -31.46
N ASP B 231 54.66 -20.38 -31.14
CA ASP B 231 53.74 -19.27 -31.25
C ASP B 231 53.73 -18.40 -30.00
N GLY B 232 53.87 -19.00 -28.82
CA GLY B 232 53.88 -18.22 -27.59
C GLY B 232 55.04 -17.26 -27.48
N ARG B 233 56.18 -17.60 -28.11
CA ARG B 233 57.31 -16.69 -28.14
C ARG B 233 57.07 -15.49 -29.04
N GLN B 234 55.95 -15.45 -29.76
CA GLN B 234 55.59 -14.31 -30.59
C GLN B 234 54.75 -13.29 -29.84
N LEU B 235 54.43 -13.56 -28.58
CA LEU B 235 53.57 -12.69 -27.77
C LEU B 235 54.42 -11.90 -26.79
N ARG B 236 54.17 -10.59 -26.70
CA ARG B 236 54.88 -9.71 -25.78
C ARG B 236 53.93 -9.18 -24.72
N PRO B 237 53.92 -9.73 -23.51
CA PRO B 237 53.04 -9.22 -22.46
C PRO B 237 53.34 -7.77 -22.12
N PHE B 238 52.27 -7.01 -21.84
CA PHE B 238 52.44 -5.59 -21.56
C PHE B 238 51.50 -5.03 -20.49
N MET B 239 50.52 -5.79 -20.00
CA MET B 239 49.47 -5.22 -19.17
C MET B 239 48.89 -6.30 -18.27
N LEU B 240 48.50 -5.90 -17.07
CA LEU B 240 47.83 -6.77 -16.12
C LEU B 240 46.53 -6.14 -15.68
N ALA B 241 45.45 -6.91 -15.66
CA ALA B 241 44.15 -6.40 -15.30
C ALA B 241 43.56 -7.24 -14.17
N ILE B 242 42.96 -6.55 -13.19
CA ILE B 242 42.31 -7.21 -12.07
C ILE B 242 40.92 -6.62 -11.87
N ASP B 243 40.08 -7.39 -11.18
CA ASP B 243 38.75 -6.96 -10.74
C ASP B 243 38.81 -6.58 -9.27
N LEU B 244 38.10 -5.50 -8.91
CA LEU B 244 38.09 -5.03 -7.52
C LEU B 244 37.04 -5.79 -6.70
N VAL B 245 37.23 -7.11 -6.64
CA VAL B 245 36.43 -8.01 -5.83
C VAL B 245 37.38 -8.80 -4.94
N GLU B 246 36.81 -9.73 -4.17
CA GLU B 246 37.66 -10.62 -3.37
C GLU B 246 38.64 -11.31 -4.32
N PRO B 247 39.93 -11.30 -4.01
CA PRO B 247 40.92 -11.83 -4.98
C PRO B 247 40.67 -13.27 -5.40
N ALA B 248 40.06 -14.10 -4.54
CA ALA B 248 39.71 -15.46 -4.97
C ALA B 248 38.64 -15.46 -6.05
N ALA B 249 37.87 -14.37 -6.17
CA ALA B 249 36.84 -14.26 -7.20
C ALA B 249 37.29 -13.39 -8.36
N SER B 250 38.45 -12.76 -8.27
CA SER B 250 38.92 -11.89 -9.31
C SER B 250 39.58 -12.70 -10.43
N ARG B 251 39.61 -12.10 -11.61
CA ARG B 251 40.41 -12.64 -12.69
C ARG B 251 41.80 -11.99 -12.65
N LEU B 252 42.77 -12.66 -13.26
CA LEU B 252 44.12 -12.13 -13.40
C LEU B 252 44.43 -12.17 -14.89
N LYS B 253 44.22 -11.06 -15.58
CA LYS B 253 44.32 -11.03 -17.03
C LYS B 253 45.69 -10.48 -17.43
N ILE B 254 46.49 -11.31 -18.08
CA ILE B 254 47.78 -10.88 -18.63
C ILE B 254 47.57 -10.62 -20.13
N TYR B 255 47.75 -9.38 -20.54
CA TYR B 255 47.59 -8.98 -21.94
C TYR B 255 48.93 -9.05 -22.66
N ALA B 256 48.90 -9.47 -23.92
CA ALA B 256 50.08 -9.64 -24.76
C ALA B 256 49.75 -9.21 -26.18
N ARG B 257 50.73 -8.59 -26.84
CA ARG B 257 50.54 -8.03 -28.17
C ARG B 257 51.27 -8.91 -29.20
N SER B 258 50.79 -8.90 -30.44
CA SER B 258 51.49 -9.66 -31.47
C SER B 258 51.39 -8.98 -32.83
N ASN B 259 52.47 -9.09 -33.60
CA ASN B 259 52.53 -8.68 -34.99
C ASN B 259 51.74 -9.62 -35.90
N GLN B 260 51.24 -10.73 -35.38
CA GLN B 260 50.53 -11.72 -36.18
C GLN B 260 49.10 -11.28 -36.43
N THR B 261 48.58 -11.61 -37.63
CA THR B 261 47.19 -11.36 -37.97
C THR B 261 46.53 -12.56 -38.65
N SER B 262 47.26 -13.64 -38.91
CA SER B 262 46.65 -14.81 -39.53
C SER B 262 45.67 -15.47 -38.57
N PHE B 263 44.65 -16.12 -39.16
CA PHE B 263 43.69 -16.85 -38.33
C PHE B 263 44.31 -18.10 -37.73
N ARG B 264 45.29 -18.70 -38.41
CA ARG B 264 45.97 -19.86 -37.83
C ARG B 264 46.64 -19.49 -36.51
N PHE B 265 47.32 -18.36 -36.47
CA PHE B 265 47.98 -17.94 -35.24
C PHE B 265 46.97 -17.66 -34.13
N VAL B 266 45.88 -16.96 -34.46
CA VAL B 266 44.87 -16.64 -33.45
C VAL B 266 44.24 -17.92 -32.91
N ARG B 267 43.91 -18.86 -33.78
CA ARG B 267 43.34 -20.13 -33.32
C ARG B 267 44.32 -20.91 -32.44
N ASP B 268 45.60 -20.95 -32.85
CA ASP B 268 46.58 -21.71 -32.08
C ASP B 268 46.78 -21.12 -30.69
N VAL B 269 46.83 -19.78 -30.58
CA VAL B 269 46.91 -19.19 -29.25
C VAL B 269 45.62 -19.42 -28.47
N MET B 270 44.47 -19.44 -29.16
CA MET B 270 43.22 -19.77 -28.48
C MET B 270 43.31 -21.13 -27.82
N THR B 271 43.98 -22.09 -28.48
CA THR B 271 44.18 -23.41 -27.87
C THR B 271 45.40 -23.46 -26.96
N ILE B 272 46.22 -22.42 -26.92
CA ILE B 272 47.47 -22.38 -26.16
C ILE B 272 48.34 -23.57 -26.59
N GLY B 273 48.57 -23.69 -27.90
CA GLY B 273 49.42 -24.75 -28.40
C GLY B 273 48.88 -26.14 -28.14
N GLY B 274 47.56 -26.31 -28.17
CA GLY B 274 46.96 -27.61 -27.95
C GLY B 274 46.70 -27.98 -26.52
N LEU B 275 47.03 -27.10 -25.56
CA LEU B 275 46.76 -27.39 -24.16
C LEU B 275 45.26 -27.51 -23.92
N ARG B 276 44.49 -26.56 -24.43
CA ARG B 276 43.04 -26.60 -24.34
C ARG B 276 42.47 -27.43 -25.49
N THR B 277 41.69 -28.45 -25.16
CA THR B 277 40.99 -29.25 -26.16
C THR B 277 39.49 -28.99 -26.06
N ASP B 278 38.73 -29.73 -26.88
CA ASP B 278 37.28 -29.58 -26.95
C ASP B 278 36.89 -28.14 -27.29
N LEU B 279 37.54 -27.58 -28.30
CA LEU B 279 37.23 -26.25 -28.79
C LEU B 279 36.98 -26.21 -30.30
N ASP B 280 36.80 -27.36 -30.94
CA ASP B 280 36.74 -27.38 -32.40
C ASP B 280 35.46 -26.74 -32.93
N ARG B 281 34.33 -26.94 -32.24
CA ARG B 281 33.11 -26.25 -32.65
C ARG B 281 33.25 -24.76 -32.46
N SER B 282 33.85 -24.35 -31.34
CA SER B 282 34.13 -22.93 -31.10
C SER B 282 35.02 -22.38 -32.20
N ILE B 283 36.03 -23.15 -32.63
CA ILE B 283 36.96 -22.65 -33.64
C ILE B 283 36.29 -22.59 -35.02
N GLU B 284 35.35 -23.50 -35.30
CA GLU B 284 34.60 -23.40 -36.55
C GLU B 284 33.74 -22.14 -36.58
N LYS B 285 32.99 -21.90 -35.49
CA LYS B 285 32.20 -20.68 -35.41
C LYS B 285 33.09 -19.45 -35.49
N PHE B 286 34.27 -19.52 -34.87
CA PHE B 286 35.24 -18.44 -34.92
C PHE B 286 35.71 -18.18 -36.35
N SER B 287 36.02 -19.24 -37.11
CA SER B 287 36.43 -19.05 -38.49
C SER B 287 35.31 -18.36 -39.30
N ASP B 288 34.08 -18.81 -39.10
CA ASP B 288 32.95 -18.17 -39.76
C ASP B 288 32.90 -16.68 -39.46
N LEU B 289 32.92 -16.32 -38.17
CA LEU B 289 32.86 -14.92 -37.78
C LEU B 289 34.05 -14.13 -38.30
N TRP B 290 35.23 -14.74 -38.28
CA TRP B 290 36.44 -14.05 -38.74
C TRP B 290 36.32 -13.67 -40.20
N LYS B 291 35.94 -14.62 -41.05
CA LYS B 291 35.78 -14.30 -42.46
C LYS B 291 34.65 -13.29 -42.69
N ARG B 292 33.57 -13.37 -41.90
CA ARG B 292 32.47 -12.43 -42.10
C ARG B 292 32.86 -11.00 -41.70
N ALA B 293 33.45 -10.82 -40.53
CA ALA B 293 33.68 -9.49 -39.98
C ALA B 293 34.90 -8.83 -40.62
N SER B 314 50.51 -3.37 -35.98
CA SER B 314 49.80 -3.43 -34.70
C SER B 314 49.65 -4.87 -34.26
N GLY B 315 48.91 -5.66 -35.02
CA GLY B 315 48.73 -7.06 -34.72
C GLY B 315 47.60 -7.35 -33.75
N ALA B 316 47.40 -8.63 -33.51
CA ALA B 316 46.32 -9.11 -32.66
C ALA B 316 46.74 -9.12 -31.20
N VAL B 317 45.77 -8.88 -30.32
CA VAL B 317 46.06 -8.80 -28.89
C VAL B 317 45.40 -10.00 -28.23
N PHE B 318 46.00 -10.48 -27.15
CA PHE B 318 45.46 -11.63 -26.45
C PHE B 318 45.55 -11.37 -24.95
N ASN B 319 44.67 -12.00 -24.20
CA ASN B 319 44.85 -11.99 -22.75
C ASN B 319 44.57 -13.37 -22.19
N PHE B 320 45.39 -13.72 -21.20
CA PHE B 320 45.33 -15.00 -20.50
C PHE B 320 44.86 -14.78 -19.08
N ASP B 321 43.71 -15.33 -18.74
CA ASP B 321 43.26 -15.39 -17.35
C ASP B 321 43.93 -16.57 -16.67
N VAL B 322 44.74 -16.25 -15.65
CA VAL B 322 45.48 -17.24 -14.87
C VAL B 322 44.96 -17.24 -13.44
N ALA B 323 43.69 -16.87 -13.27
CA ALA B 323 43.10 -16.89 -11.95
C ALA B 323 43.20 -18.31 -11.39
N PRO B 324 43.63 -18.48 -10.13
CA PRO B 324 43.87 -19.84 -9.60
C PRO B 324 42.59 -20.65 -9.43
N LYS B 325 41.47 -20.14 -9.96
CA LYS B 325 40.20 -20.88 -9.90
C LYS B 325 40.25 -22.11 -10.81
N SER B 326 41.03 -22.07 -11.88
CA SER B 326 41.27 -23.24 -12.72
C SER B 326 42.76 -23.42 -12.91
N GLN B 327 43.14 -24.64 -13.30
CA GLN B 327 44.55 -24.94 -13.54
C GLN B 327 44.97 -24.63 -14.97
N ILE B 328 44.03 -24.58 -15.89
CA ILE B 328 44.29 -24.25 -17.29
C ILE B 328 43.86 -22.81 -17.53
N PRO B 329 44.71 -21.96 -18.11
CA PRO B 329 44.34 -20.56 -18.32
C PRO B 329 43.33 -20.38 -19.43
N GLU B 330 42.53 -19.32 -19.33
CA GLU B 330 41.54 -19.02 -20.38
C GLU B 330 42.07 -17.90 -21.26
N VAL B 331 41.72 -17.93 -22.54
CA VAL B 331 42.27 -16.99 -23.50
C VAL B 331 41.14 -16.18 -24.14
N LYS B 332 41.40 -14.90 -24.35
CA LYS B 332 40.54 -14.02 -25.12
C LYS B 332 41.39 -13.35 -26.18
N ALA B 333 40.90 -13.33 -27.43
CA ALA B 333 41.62 -12.70 -28.52
C ALA B 333 40.90 -11.42 -28.95
N TYR B 334 41.66 -10.38 -29.24
CA TYR B 334 41.16 -9.08 -29.67
C TYR B 334 41.64 -8.85 -31.09
N ILE B 335 40.69 -8.89 -32.02
CA ILE B 335 40.97 -8.77 -33.45
C ILE B 335 40.85 -7.30 -33.84
N PRO B 336 41.86 -6.72 -34.49
CA PRO B 336 41.81 -5.30 -34.84
C PRO B 336 41.06 -5.01 -36.13
N VAL B 337 39.81 -4.54 -36.04
CA VAL B 337 38.98 -4.31 -37.23
C VAL B 337 39.68 -3.42 -38.25
N ARG B 338 40.50 -2.47 -37.77
CA ARG B 338 41.16 -1.52 -38.67
C ARG B 338 41.90 -2.21 -39.81
N HIS B 339 42.39 -3.44 -39.59
CA HIS B 339 43.12 -4.14 -40.65
C HIS B 339 42.20 -4.79 -41.66
N TYR B 340 41.10 -5.39 -41.22
CA TYR B 340 40.35 -6.28 -42.09
C TYR B 340 39.16 -5.60 -42.73
N ALA B 341 38.66 -4.52 -42.15
CA ALA B 341 37.48 -3.87 -42.71
C ALA B 341 37.88 -2.63 -43.48
N ASN B 342 37.05 -2.27 -44.43
CA ASN B 342 37.15 -1.01 -45.13
C ASN B 342 36.37 0.07 -44.40
N ASN B 343 35.30 -0.32 -43.72
CA ASN B 343 34.50 0.61 -42.97
C ASN B 343 33.77 -0.10 -41.83
N ASP B 344 33.43 0.71 -40.83
CA ASP B 344 32.80 0.19 -39.62
C ASP B 344 31.46 -0.43 -39.92
N LEU B 345 30.71 0.15 -40.87
CA LEU B 345 29.40 -0.39 -41.20
C LEU B 345 29.50 -1.79 -41.76
N GLN B 346 30.46 -2.01 -42.67
CA GLN B 346 30.69 -3.34 -43.22
C GLN B 346 31.06 -4.33 -42.12
N ALA B 347 31.98 -3.92 -41.24
CA ALA B 347 32.37 -4.82 -40.15
C ALA B 347 31.20 -5.14 -39.24
N ALA B 348 30.39 -4.13 -38.93
CA ALA B 348 29.23 -4.32 -38.06
C ALA B 348 28.21 -5.25 -38.71
N LEU B 349 27.96 -5.09 -40.01
CA LEU B 349 26.98 -5.95 -40.67
C LEU B 349 27.46 -7.40 -40.70
N GLY B 350 28.76 -7.62 -40.88
CA GLY B 350 29.28 -8.97 -40.80
C GLY B 350 29.11 -9.58 -39.42
N LEU B 351 29.48 -8.82 -38.38
CA LEU B 351 29.32 -9.28 -37.01
C LEU B 351 27.86 -9.62 -36.71
N ILE B 352 26.95 -8.74 -37.14
CA ILE B 352 25.52 -8.92 -36.89
C ILE B 352 24.96 -10.10 -37.67
N GLY B 353 25.46 -10.32 -38.89
CA GLY B 353 25.04 -11.48 -39.65
C GLY B 353 25.43 -12.77 -38.96
N TYR B 354 26.66 -12.83 -38.46
CA TYR B 354 27.06 -13.99 -37.67
C TYR B 354 26.15 -14.19 -36.48
N LEU B 355 25.87 -13.11 -35.75
CA LEU B 355 25.05 -13.22 -34.55
C LEU B 355 23.65 -13.71 -34.87
N GLU B 356 23.03 -13.18 -35.92
CA GLU B 356 21.68 -13.61 -36.25
C GLU B 356 21.64 -15.01 -36.83
N ASP B 357 22.72 -15.42 -37.53
CA ASP B 357 22.76 -16.79 -38.03
C ASP B 357 23.02 -17.80 -36.91
N HIS B 358 23.51 -17.35 -35.77
CA HIS B 358 23.66 -18.24 -34.62
C HIS B 358 22.68 -17.92 -33.50
N GLY B 359 21.69 -17.08 -33.77
CA GLY B 359 20.57 -16.89 -32.87
C GLY B 359 20.84 -16.03 -31.66
N HIS B 360 21.78 -15.10 -31.75
CA HIS B 360 22.14 -14.24 -30.64
C HIS B 360 22.11 -12.78 -31.04
N GLY B 361 21.29 -12.46 -32.04
CA GLY B 361 21.29 -11.11 -32.59
C GLY B 361 20.05 -10.31 -32.25
N GLY B 362 19.52 -10.50 -31.05
CA GLY B 362 18.36 -9.72 -30.62
C GLY B 362 18.64 -8.25 -30.40
N TYR B 363 19.90 -7.87 -30.17
CA TYR B 363 20.25 -6.47 -29.91
C TYR B 363 21.14 -5.90 -31.01
N SER B 364 20.98 -6.43 -32.23
CA SER B 364 21.82 -6.02 -33.35
C SER B 364 21.52 -4.58 -33.78
N GLN B 365 20.23 -4.25 -33.96
CA GLN B 365 19.86 -2.91 -34.36
C GLN B 365 20.14 -1.89 -33.25
N SER B 366 20.04 -2.30 -31.99
CA SER B 366 20.46 -1.43 -30.90
C SER B 366 21.95 -1.14 -31.00
N TYR B 367 22.74 -2.16 -31.32
CA TYR B 367 24.17 -1.96 -31.52
C TYR B 367 24.44 -0.99 -32.66
N LEU B 368 23.69 -1.11 -33.76
CA LEU B 368 23.90 -0.20 -34.89
C LEU B 368 23.55 1.22 -34.51
N ARG B 369 22.48 1.41 -33.74
CA ARG B 369 22.11 2.75 -33.30
C ARG B 369 23.19 3.33 -32.38
N GLY B 370 23.78 2.49 -31.52
CA GLY B 370 24.90 2.96 -30.72
C GLY B 370 26.08 3.39 -31.57
N LEU B 371 26.39 2.60 -32.60
CA LEU B 371 27.48 2.97 -33.51
C LEU B 371 27.19 4.29 -34.21
N ASP B 372 25.96 4.47 -34.68
CA ASP B 372 25.57 5.70 -35.35
C ASP B 372 25.70 6.91 -34.41
N MET B 373 25.34 6.72 -33.14
CA MET B 373 25.52 7.79 -32.16
C MET B 373 26.99 8.11 -31.94
N LEU B 374 27.84 7.09 -31.85
CA LEU B 374 29.25 7.30 -31.54
C LEU B 374 30.03 7.84 -32.73
N ALA B 375 29.58 7.57 -33.94
CA ALA B 375 30.44 7.80 -35.10
C ALA B 375 30.61 9.29 -35.37
N PRO B 376 31.79 9.71 -35.81
CA PRO B 376 31.92 11.08 -36.34
C PRO B 376 30.98 11.26 -37.52
N SER B 377 30.44 12.48 -37.65
CA SER B 377 29.39 12.76 -38.62
C SER B 377 29.73 12.24 -40.01
N GLY B 378 29.10 11.14 -40.41
CA GLY B 378 29.25 10.57 -41.73
C GLY B 378 30.55 9.85 -42.07
N GLN B 379 31.00 8.94 -41.20
CA GLN B 379 32.19 8.14 -41.47
C GLN B 379 32.00 6.64 -41.24
N LEU B 380 30.83 6.21 -40.74
CA LEU B 380 30.60 4.79 -40.47
C LEU B 380 30.83 3.94 -41.72
N ASP B 381 30.33 4.41 -42.86
CA ASP B 381 30.39 3.66 -44.11
C ASP B 381 31.64 3.95 -44.93
N GLN B 382 32.47 4.92 -44.51
CA GLN B 382 33.64 5.31 -45.26
C GLN B 382 34.96 4.93 -44.61
N ALA B 383 34.98 4.73 -43.30
CA ALA B 383 36.25 4.52 -42.61
C ALA B 383 36.06 3.56 -41.45
N THR B 384 37.19 3.20 -40.85
CA THR B 384 37.22 2.43 -39.62
C THR B 384 37.57 3.38 -38.48
N GLY B 385 37.54 2.88 -37.25
CA GLY B 385 37.92 3.70 -36.13
C GLY B 385 36.94 3.66 -34.98
N VAL B 386 35.65 3.50 -35.29
CA VAL B 386 34.65 3.35 -34.24
C VAL B 386 34.82 2.00 -33.54
N GLN B 387 34.82 0.91 -34.32
CA GLN B 387 35.06 -0.42 -33.79
C GLN B 387 36.55 -0.72 -33.85
N THR B 388 37.21 -0.69 -32.70
CA THR B 388 38.64 -0.96 -32.64
C THR B 388 38.94 -2.45 -32.60
N TYR B 389 38.22 -3.20 -31.76
CA TYR B 389 38.48 -4.62 -31.62
C TYR B 389 37.18 -5.39 -31.55
N PHE B 390 37.19 -6.57 -32.17
CA PHE B 390 36.22 -7.63 -31.91
C PHE B 390 36.93 -8.69 -31.09
N ALA B 391 36.52 -8.84 -29.84
CA ALA B 391 37.13 -9.82 -28.95
C ALA B 391 36.29 -11.08 -28.92
N VAL B 392 36.97 -12.22 -28.99
CA VAL B 392 36.39 -13.54 -29.06
C VAL B 392 36.94 -14.39 -27.93
N ALA B 393 36.08 -15.14 -27.26
CA ALA B 393 36.51 -16.17 -26.33
C ALA B 393 35.78 -17.45 -26.68
N CYS B 394 36.49 -18.57 -26.62
CA CYS B 394 35.93 -19.87 -26.99
C CYS B 394 35.59 -20.62 -25.70
N GLN B 395 34.30 -20.69 -25.39
CA GLN B 395 33.81 -21.35 -24.18
C GLN B 395 33.10 -22.63 -24.62
N GLY B 396 33.84 -23.73 -24.62
CA GLY B 396 33.27 -25.01 -25.00
C GLY B 396 32.76 -25.05 -26.43
N GLU B 397 31.46 -24.92 -26.60
CA GLU B 397 30.83 -24.89 -27.91
C GLU B 397 30.46 -23.49 -28.37
N ASP B 398 30.57 -22.48 -27.51
CA ASP B 398 30.08 -21.15 -27.83
C ASP B 398 31.22 -20.15 -27.95
N LEU B 399 30.89 -19.02 -28.57
CA LEU B 399 31.78 -17.87 -28.63
C LEU B 399 31.20 -16.77 -27.76
N SER B 400 32.06 -16.11 -27.00
CA SER B 400 31.72 -14.85 -26.34
C SER B 400 32.33 -13.72 -27.16
N LEU B 401 31.52 -12.73 -27.48
CA LEU B 401 31.93 -11.64 -28.35
C LEU B 401 31.83 -10.32 -27.60
N THR B 402 32.81 -9.45 -27.83
CA THR B 402 32.78 -8.10 -27.27
C THR B 402 33.23 -7.11 -28.32
N SER B 403 32.43 -6.08 -28.55
CA SER B 403 32.83 -4.99 -29.43
C SER B 403 33.44 -3.88 -28.59
N TYR B 404 34.58 -3.36 -29.04
CA TYR B 404 35.19 -2.22 -28.39
C TYR B 404 35.02 -1.00 -29.28
N LEU B 405 34.60 0.11 -28.70
CA LEU B 405 34.10 1.26 -29.44
C LEU B 405 34.85 2.51 -29.01
N ASN B 406 35.31 3.29 -29.99
CA ASN B 406 36.06 4.52 -29.74
C ASN B 406 35.22 5.71 -30.17
N PRO B 407 34.89 6.64 -29.28
CA PRO B 407 34.12 7.82 -29.69
C PRO B 407 34.90 8.79 -30.57
N GLN B 408 36.24 8.71 -30.60
CA GLN B 408 37.08 9.48 -31.51
C GLN B 408 36.87 11.00 -31.35
N PHE B 409 37.19 11.49 -30.16
CA PHE B 409 36.99 12.92 -29.89
C PHE B 409 37.99 13.77 -30.67
N TYR B 410 39.26 13.36 -30.71
CA TYR B 410 40.24 14.14 -31.45
C TYR B 410 40.19 13.83 -32.94
N ALA B 411 39.96 12.57 -33.30
CA ALA B 411 39.80 12.19 -34.69
C ALA B 411 38.54 12.82 -35.28
N THR C 9 10.26 0.66 0.04
CA THR C 9 11.67 0.76 -0.35
C THR C 9 11.89 2.01 -1.21
N GLN C 10 12.69 2.94 -0.69
CA GLN C 10 12.83 4.28 -1.27
C GLN C 10 13.95 4.31 -2.30
N SER C 11 13.81 3.49 -3.35
CA SER C 11 14.90 3.27 -4.28
C SER C 11 15.37 4.58 -4.92
N VAL C 12 14.44 5.46 -5.31
CA VAL C 12 14.84 6.73 -5.91
C VAL C 12 15.60 7.58 -4.92
N TRP C 13 15.06 7.72 -3.71
CA TRP C 13 15.74 8.55 -2.73
C TRP C 13 17.07 7.93 -2.33
N LYS C 14 17.11 6.60 -2.20
CA LYS C 14 18.36 5.93 -1.86
C LYS C 14 19.40 6.12 -2.97
N THR C 15 18.98 6.03 -4.24
CA THR C 15 19.90 6.28 -5.35
C THR C 15 20.45 7.70 -5.30
N LEU C 16 19.56 8.69 -5.20
CA LEU C 16 20.01 10.08 -5.20
C LEU C 16 20.90 10.37 -4.00
N ASN C 17 20.52 9.88 -2.82
CA ASN C 17 21.33 10.12 -1.63
C ASN C 17 22.66 9.39 -1.71
N LYS C 18 22.69 8.26 -2.42
CA LYS C 18 23.92 7.52 -2.59
C LYS C 18 24.90 8.28 -3.46
N TRP C 19 24.42 8.96 -4.51
CA TRP C 19 25.33 9.53 -5.48
C TRP C 19 25.47 11.05 -5.41
N LEU C 20 24.49 11.76 -4.87
CA LEU C 20 24.58 13.21 -4.80
C LEU C 20 25.59 13.63 -3.72
N PRO C 21 26.21 14.81 -3.86
CA PRO C 21 27.19 15.27 -2.88
C PRO C 21 26.57 15.44 -1.51
N PRO C 22 27.33 15.13 -0.45
CA PRO C 22 26.76 15.18 0.90
C PRO C 22 26.46 16.59 1.38
N LEU C 23 25.43 16.70 2.20
CA LEU C 23 24.93 17.97 2.71
C LEU C 23 25.34 18.17 4.17
N SER C 24 25.28 19.43 4.61
CA SER C 24 25.51 19.77 6.01
C SER C 24 24.39 19.24 6.89
N ARG C 25 24.63 19.29 8.21
CA ARG C 25 23.77 18.62 9.18
C ARG C 25 22.30 19.01 9.03
N ASP C 26 22.02 20.31 9.05
CA ASP C 26 20.62 20.75 8.95
C ASP C 26 20.04 20.41 7.58
N LYS C 27 20.77 20.75 6.51
CA LYS C 27 20.31 20.42 5.17
C LYS C 27 20.18 18.92 4.99
N ASP C 28 21.10 18.14 5.56
CA ASP C 28 20.99 16.69 5.42
C ASP C 28 19.77 16.15 6.16
N TRP C 29 19.45 16.73 7.32
CA TRP C 29 18.25 16.32 8.03
C TRP C 29 17.02 16.59 7.19
N TRP C 30 16.94 17.79 6.61
CA TRP C 30 15.80 18.11 5.75
C TRP C 30 15.75 17.20 4.52
N TRP C 31 16.91 16.87 3.95
CA TRP C 31 16.95 15.98 2.79
C TRP C 31 16.44 14.59 3.14
N LYS C 32 17.00 13.99 4.21
CA LYS C 32 16.60 12.65 4.60
C LYS C 32 15.21 12.60 5.24
N THR C 33 14.61 13.74 5.55
CA THR C 33 13.24 13.75 6.05
C THR C 33 12.23 13.99 4.93
N LEU C 34 12.42 15.03 4.11
CA LEU C 34 11.46 15.37 3.08
C LEU C 34 11.57 14.48 1.85
N GLY C 35 12.78 13.99 1.51
CA GLY C 35 12.92 13.14 0.35
C GLY C 35 12.08 11.89 0.45
N PRO C 36 12.26 11.12 1.54
CA PRO C 36 11.43 9.91 1.68
C PRO C 36 9.94 10.17 1.73
N GLN C 37 9.49 11.26 2.36
CA GLN C 37 8.05 11.53 2.43
C GLN C 37 7.50 11.83 1.04
N ILE C 38 8.15 12.73 0.30
CA ILE C 38 7.67 13.08 -1.03
C ILE C 38 7.74 11.88 -1.96
N ASN C 39 8.81 11.09 -1.84
CA ASN C 39 8.95 9.89 -2.67
C ASN C 39 7.84 8.89 -2.37
N THR C 40 7.52 8.69 -1.09
CA THR C 40 6.43 7.77 -0.74
C THR C 40 5.10 8.27 -1.27
N LEU C 41 4.82 9.56 -1.11
CA LEU C 41 3.56 10.11 -1.63
C LEU C 41 3.47 9.95 -3.14
N LEU C 42 4.55 10.24 -3.84
CA LEU C 42 4.53 10.11 -5.30
C LEU C 42 4.37 8.66 -5.73
N THR C 43 5.00 7.73 -5.00
CA THR C 43 4.87 6.31 -5.33
C THR C 43 3.43 5.85 -5.13
N GLU C 44 2.83 6.22 -4.00
CA GLU C 44 1.46 5.79 -3.74
C GLU C 44 0.46 6.38 -4.72
N ALA C 45 0.76 7.53 -5.33
CA ALA C 45 -0.09 8.10 -6.36
C ALA C 45 0.27 7.62 -7.76
N ASP C 46 1.23 6.68 -7.86
CA ASP C 46 1.60 6.02 -9.11
C ASP C 46 2.26 6.97 -10.11
N TYR C 47 3.09 7.89 -9.61
CA TYR C 47 3.91 8.68 -10.50
C TYR C 47 4.99 7.80 -11.12
N ASP C 48 5.30 8.03 -12.39
CA ASP C 48 6.36 7.27 -13.02
C ASP C 48 7.72 7.68 -12.42
N LEU C 49 8.69 6.78 -12.58
CA LEU C 49 9.96 6.91 -11.86
C LEU C 49 10.66 8.23 -12.18
N ASN C 50 10.64 8.65 -13.45
CA ASN C 50 11.26 9.93 -13.80
C ASN C 50 10.62 11.10 -13.07
N GLU C 51 9.31 11.04 -12.82
CA GLU C 51 8.66 12.13 -12.12
C GLU C 51 9.17 12.20 -10.68
N ARG C 52 9.35 11.04 -10.05
CA ARG C 52 9.94 10.99 -8.71
C ARG C 52 11.38 11.52 -8.71
N TYR C 53 12.17 11.14 -9.71
CA TYR C 53 13.54 11.66 -9.79
C TYR C 53 13.56 13.17 -9.94
N GLU C 54 12.72 13.71 -10.84
CA GLU C 54 12.67 15.16 -10.99
C GLU C 54 12.26 15.83 -9.69
N ALA C 55 11.27 15.24 -9.00
CA ALA C 55 10.80 15.86 -7.76
C ALA C 55 11.90 15.91 -6.72
N LEU C 56 12.58 14.78 -6.48
CA LEU C 56 13.61 14.77 -5.44
C LEU C 56 14.84 15.57 -5.85
N LEU C 57 15.18 15.65 -7.14
CA LEU C 57 16.30 16.49 -7.56
C LEU C 57 15.96 17.96 -7.36
N LEU C 58 14.74 18.37 -7.70
CA LEU C 58 14.28 19.73 -7.42
C LEU C 58 14.35 20.02 -5.92
N LEU C 59 13.82 19.10 -5.10
CA LEU C 59 13.87 19.26 -3.65
C LEU C 59 15.31 19.43 -3.16
N TYR C 60 16.23 18.62 -3.68
CA TYR C 60 17.62 18.66 -3.24
C TYR C 60 18.28 19.97 -3.62
N ARG C 61 18.01 20.49 -4.82
CA ARG C 61 18.75 21.67 -5.22
C ARG C 61 18.12 22.97 -4.70
N TRP C 62 16.79 23.07 -4.69
CA TRP C 62 16.12 24.36 -4.50
C TRP C 62 15.31 24.47 -3.21
N VAL C 63 14.89 23.36 -2.61
CA VAL C 63 14.05 23.44 -1.41
C VAL C 63 14.87 23.20 -0.16
N VAL C 64 15.55 22.06 -0.12
CA VAL C 64 16.34 21.63 1.04
C VAL C 64 17.29 22.72 1.53
N PRO C 65 18.03 23.42 0.66
CA PRO C 65 18.94 24.46 1.17
C PRO C 65 18.28 25.61 1.91
N GLU C 66 16.97 25.84 1.74
CA GLU C 66 16.31 26.99 2.35
C GLU C 66 15.29 26.60 3.41
N MET C 67 15.41 25.40 3.97
CA MET C 67 14.46 24.96 4.98
C MET C 67 14.87 25.35 6.39
N GLY C 68 16.05 25.92 6.58
CA GLY C 68 16.48 26.39 7.87
C GLY C 68 16.92 25.27 8.80
N PRO C 69 17.08 25.60 10.09
CA PRO C 69 17.59 24.61 11.02
C PRO C 69 16.64 23.44 11.20
N ARG C 70 17.21 22.31 11.58
CA ARG C 70 16.43 21.13 11.91
C ARG C 70 15.56 21.39 13.15
N PRO C 71 14.37 20.78 13.20
CA PRO C 71 13.53 20.77 14.40
C PRO C 71 14.26 20.20 15.62
N ASP C 85 1.49 23.62 14.14
CA ASP C 85 2.72 23.39 14.90
C ASP C 85 3.92 24.03 14.21
N HIS C 86 3.64 25.03 13.36
CA HIS C 86 4.66 25.82 12.69
C HIS C 86 5.54 24.98 11.79
N SER C 87 4.98 23.92 11.21
CA SER C 87 5.74 23.12 10.25
C SER C 87 5.85 23.87 8.92
N PRO C 88 7.03 23.95 8.33
CA PRO C 88 7.23 24.78 7.14
C PRO C 88 6.91 24.11 5.80
N ILE C 89 6.32 22.92 5.80
CA ILE C 89 5.90 22.26 4.56
C ILE C 89 4.52 21.68 4.79
N GLU C 90 3.64 21.80 3.78
CA GLU C 90 2.32 21.18 3.85
C GLU C 90 2.05 20.43 2.55
N TYR C 91 1.74 19.14 2.66
CA TYR C 91 1.43 18.33 1.50
C TYR C 91 -0.06 18.39 1.18
N SER C 92 -0.41 18.03 -0.04
CA SER C 92 -1.81 17.93 -0.40
C SER C 92 -1.97 16.87 -1.48
N TRP C 93 -3.11 16.18 -1.39
CA TRP C 93 -3.42 14.97 -2.15
C TRP C 93 -4.78 15.25 -2.78
N LYS C 94 -4.79 15.52 -4.08
CA LYS C 94 -6.03 15.82 -4.77
C LYS C 94 -6.57 14.53 -5.38
N TRP C 95 -7.81 14.19 -5.02
CA TRP C 95 -8.45 13.00 -5.56
C TRP C 95 -9.08 13.33 -6.90
N ILE C 96 -8.76 12.53 -7.91
CA ILE C 96 -9.24 12.76 -9.27
C ILE C 96 -10.30 11.72 -9.57
N SER C 97 -11.39 12.16 -10.19
CA SER C 97 -12.48 11.25 -10.52
C SER C 97 -12.06 10.31 -11.63
N GLY C 98 -12.92 9.31 -11.88
CA GLY C 98 -12.68 8.39 -12.98
C GLY C 98 -11.56 7.40 -12.76
N ASN C 99 -11.25 7.06 -11.51
CA ASN C 99 -10.18 6.12 -11.18
C ASN C 99 -8.84 6.57 -11.74
N LYS C 100 -8.67 7.88 -11.91
CA LYS C 100 -7.40 8.44 -12.35
C LYS C 100 -6.49 8.65 -11.14
N LYS C 101 -5.22 8.90 -11.42
CA LYS C 101 -4.23 8.98 -10.35
C LYS C 101 -4.40 10.27 -9.55
N PRO C 102 -4.17 10.23 -8.25
CA PRO C 102 -4.19 11.47 -7.46
C PRO C 102 -3.05 12.39 -7.87
N GLU C 103 -3.23 13.67 -7.62
CA GLU C 103 -2.17 14.66 -7.85
C GLU C 103 -1.58 15.08 -6.52
N ILE C 104 -0.25 15.11 -6.45
CA ILE C 104 0.46 15.50 -5.24
C ILE C 104 1.00 16.91 -5.41
N ARG C 105 0.80 17.74 -4.37
CA ARG C 105 1.33 19.08 -4.35
C ARG C 105 1.93 19.33 -2.97
N TYR C 106 2.84 20.30 -2.90
CA TYR C 106 3.23 20.76 -1.57
C TYR C 106 3.55 22.24 -1.59
N ALA C 107 3.21 22.89 -0.48
CA ALA C 107 3.48 24.30 -0.28
C ALA C 107 4.61 24.43 0.73
N VAL C 108 5.51 25.37 0.46
CA VAL C 108 6.72 25.53 1.25
C VAL C 108 6.91 27.01 1.57
N GLU C 109 7.38 27.23 2.80
CA GLU C 109 7.86 28.50 3.34
C GLU C 109 9.37 28.36 3.47
N LEU C 110 10.12 28.98 2.56
CA LEU C 110 11.56 28.97 2.68
C LEU C 110 12.03 30.07 3.62
N VAL C 111 13.20 29.85 4.25
CA VAL C 111 13.74 30.78 5.23
C VAL C 111 15.23 31.00 4.96
N SER C 112 15.77 32.05 5.57
CA SER C 112 17.18 32.37 5.52
C SER C 112 17.55 33.09 6.81
N PRO C 113 18.83 33.11 7.17
CA PRO C 113 19.24 33.84 8.39
C PRO C 113 18.92 35.32 8.37
N LEU C 114 18.49 35.88 7.24
CA LEU C 114 18.11 37.28 7.18
C LEU C 114 16.65 37.50 7.52
N ALA C 115 15.87 36.42 7.69
CA ALA C 115 14.45 36.54 8.01
C ALA C 115 14.28 37.26 9.34
N GLY C 116 13.60 38.41 9.30
CA GLY C 116 13.41 39.24 10.46
C GLY C 116 14.34 40.43 10.54
N SER C 117 15.42 40.43 9.76
CA SER C 117 16.32 41.57 9.73
C SER C 117 15.67 42.72 8.97
N LYS C 118 16.34 43.87 8.99
CA LYS C 118 15.84 45.02 8.24
C LYS C 118 16.02 44.87 6.74
N GLN C 119 16.76 43.84 6.28
CA GLN C 119 16.93 43.61 4.86
C GLN C 119 15.97 42.57 4.30
N ASP C 120 15.33 41.77 5.16
CA ASP C 120 14.31 40.82 4.73
C ASP C 120 13.31 40.63 5.86
N PRO C 121 12.61 41.69 6.29
CA PRO C 121 11.76 41.56 7.49
C PRO C 121 10.58 40.61 7.31
N PHE C 122 10.13 40.36 6.09
CA PHE C 122 8.97 39.51 5.84
C PHE C 122 9.33 38.20 5.16
N ASN C 123 10.62 37.84 5.15
CA ASN C 123 11.10 36.57 4.61
C ASN C 123 10.62 36.38 3.16
N GLN C 124 11.00 37.33 2.31
CA GLN C 124 10.59 37.31 0.92
C GLN C 124 11.71 36.88 -0.03
N ILE C 125 12.96 36.98 0.39
CA ILE C 125 14.09 36.69 -0.51
C ILE C 125 14.11 35.23 -0.97
N PRO C 126 14.00 34.22 -0.09
CA PRO C 126 14.17 32.84 -0.57
C PRO C 126 13.12 32.41 -1.57
N THR C 127 11.85 32.77 -1.33
CA THR C 127 10.78 32.44 -2.26
C THR C 127 11.01 33.09 -3.62
N ARG C 128 11.41 34.36 -3.63
CA ARG C 128 11.63 35.08 -4.87
C ARG C 128 12.76 34.43 -5.68
N ASN C 129 13.86 34.11 -4.99
CA ASN C 129 14.97 33.43 -5.65
C ASN C 129 14.53 32.09 -6.23
N LEU C 130 13.73 31.33 -5.48
CA LEU C 130 13.22 30.06 -5.99
C LEU C 130 12.41 30.27 -7.26
N VAL C 131 11.51 31.26 -7.26
CA VAL C 131 10.65 31.51 -8.41
C VAL C 131 11.48 31.85 -9.64
N TYR C 132 12.49 32.70 -9.48
CA TYR C 132 13.27 33.11 -10.65
C TYR C 132 14.15 31.96 -11.17
N ASN C 133 14.68 31.13 -10.27
CA ASN C 133 15.39 29.93 -10.70
C ASN C 133 14.49 28.98 -11.49
N LEU C 134 13.28 28.74 -10.97
CA LEU C 134 12.36 27.85 -11.68
C LEU C 134 12.00 28.40 -13.06
N ALA C 135 11.78 29.71 -13.14
CA ALA C 135 11.48 30.30 -14.45
C ALA C 135 12.65 30.14 -15.41
N LYS C 136 13.89 30.19 -14.90
CA LYS C 136 15.04 29.96 -15.77
C LYS C 136 15.11 28.51 -16.23
N ILE C 137 14.73 27.57 -15.37
CA ILE C 137 14.82 26.16 -15.74
C ILE C 137 13.60 25.71 -16.54
N ILE C 138 12.41 26.09 -16.10
CA ILE C 138 11.18 25.75 -16.81
C ILE C 138 10.71 26.98 -17.58
N PRO C 139 11.05 27.11 -18.86
CA PRO C 139 10.73 28.37 -19.58
C PRO C 139 9.24 28.59 -19.77
N GLU C 140 8.41 27.54 -19.65
CA GLU C 140 6.98 27.73 -19.82
C GLU C 140 6.35 28.53 -18.68
N LEU C 141 7.05 28.70 -17.56
CA LEU C 141 6.52 29.54 -16.49
C LEU C 141 6.49 30.99 -16.92
N ASP C 142 5.41 31.68 -16.53
CA ASP C 142 5.22 33.09 -16.86
C ASP C 142 5.11 33.88 -15.56
N LEU C 143 5.88 34.98 -15.48
CA LEU C 143 5.96 35.78 -14.27
C LEU C 143 5.27 37.13 -14.40
N THR C 144 4.45 37.34 -15.44
CA THR C 144 3.78 38.61 -15.62
C THR C 144 2.94 38.98 -14.40
N TRP C 145 1.97 38.13 -14.07
CA TRP C 145 1.14 38.39 -12.90
C TRP C 145 1.92 38.25 -11.60
N PHE C 146 2.92 37.35 -11.56
CA PHE C 146 3.78 37.25 -10.39
C PHE C 146 4.42 38.60 -10.07
N GLU C 147 5.11 39.18 -11.05
CA GLU C 147 5.75 40.47 -10.81
C GLU C 147 4.72 41.55 -10.51
N HIS C 148 3.59 41.54 -11.22
CA HIS C 148 2.58 42.56 -10.97
C HIS C 148 2.09 42.53 -9.53
N PHE C 149 1.63 41.37 -9.07
CA PHE C 149 1.10 41.29 -7.72
C PHE C 149 2.20 41.44 -6.68
N TRP C 150 3.42 41.03 -6.99
CA TRP C 150 4.53 41.31 -6.08
C TRP C 150 4.71 42.81 -5.90
N HIS C 151 4.77 43.55 -7.00
CA HIS C 151 4.92 45.00 -6.91
C HIS C 151 3.75 45.62 -6.16
N GLU C 152 2.53 45.18 -6.46
CA GLU C 152 1.35 45.84 -5.92
C GLU C 152 1.17 45.54 -4.43
N LEU C 153 1.51 44.33 -3.99
CA LEU C 153 1.19 43.87 -2.65
C LEU C 153 2.38 43.82 -1.71
N LEU C 154 3.60 43.68 -2.21
CA LEU C 154 4.75 43.50 -1.33
C LEU C 154 5.85 44.53 -1.56
N GLY C 155 5.95 45.10 -2.75
CA GLY C 155 7.03 46.00 -3.11
C GLY C 155 6.61 47.45 -3.01
N PRO C 156 7.27 48.31 -3.78
CA PRO C 156 6.83 49.70 -3.87
C PRO C 156 5.40 49.74 -4.41
N GLY C 157 4.58 50.58 -3.81
CA GLY C 157 3.16 50.60 -4.05
C GLY C 157 2.35 49.87 -3.01
N SER C 158 3.01 49.10 -2.15
CA SER C 158 2.41 48.59 -0.91
C SER C 158 2.67 49.60 0.20
N PRO C 159 1.92 49.54 1.31
CA PRO C 159 2.15 50.49 2.41
C PRO C 159 3.54 50.41 3.03
N GLY C 170 4.22 35.19 9.85
CA GLY C 170 5.33 36.11 9.75
C GLY C 170 5.77 36.39 8.32
N SER C 171 5.77 35.35 7.49
CA SER C 171 6.12 35.58 6.09
C SER C 171 4.94 36.19 5.34
N THR C 172 5.24 36.71 4.15
CA THR C 172 4.25 37.34 3.31
C THR C 172 4.06 36.66 1.97
N VAL C 173 4.93 35.72 1.61
CA VAL C 173 4.84 35.04 0.32
C VAL C 173 5.29 33.59 0.51
N PHE C 174 4.61 32.69 -0.19
CA PHE C 174 4.91 31.26 -0.12
C PHE C 174 4.81 30.68 -1.52
N ALA C 175 5.40 29.49 -1.70
CA ALA C 175 5.35 28.89 -3.02
C ALA C 175 4.82 27.47 -2.89
N ALA C 176 4.27 26.95 -3.99
CA ALA C 176 3.75 25.61 -4.00
C ALA C 176 4.09 24.96 -5.33
N LEU C 177 4.40 23.67 -5.28
CA LEU C 177 4.74 22.87 -6.45
C LEU C 177 3.64 21.84 -6.65
N GLU C 178 3.04 21.83 -7.84
CA GLU C 178 2.02 20.85 -8.22
C GLU C 178 2.66 19.89 -9.23
N MET C 179 2.81 18.63 -8.84
CA MET C 179 3.26 17.60 -9.76
C MET C 179 2.04 17.05 -10.48
N LEU C 180 1.81 17.54 -11.71
CA LEU C 180 0.60 17.22 -12.47
C LEU C 180 0.84 16.12 -13.50
N HIS C 181 1.52 15.04 -13.09
CA HIS C 181 1.71 13.86 -13.94
C HIS C 181 2.12 14.23 -15.36
N GLY C 182 3.38 14.64 -15.54
CA GLY C 182 3.84 15.01 -16.86
C GLY C 182 4.51 16.37 -16.94
N HIS C 183 4.09 17.31 -16.09
CA HIS C 183 4.71 18.62 -16.07
C HIS C 183 4.52 19.24 -14.70
N LEU C 184 5.31 20.27 -14.42
CA LEU C 184 5.30 20.92 -13.11
C LEU C 184 4.56 22.25 -13.20
N SER C 185 3.72 22.51 -12.22
CA SER C 185 3.05 23.79 -12.09
C SER C 185 3.54 24.46 -10.80
N VAL C 186 3.66 25.78 -10.83
CA VAL C 186 4.11 26.54 -9.67
C VAL C 186 3.02 27.53 -9.31
N LYS C 187 2.67 27.56 -8.04
CA LYS C 187 1.70 28.52 -7.51
C LYS C 187 2.39 29.43 -6.51
N VAL C 188 2.01 30.70 -6.50
CA VAL C 188 2.58 31.66 -5.57
C VAL C 188 1.45 32.29 -4.76
N TYR C 189 1.68 32.43 -3.45
CA TYR C 189 0.69 32.96 -2.53
C TYR C 189 1.25 34.20 -1.85
N PHE C 190 0.46 35.29 -1.85
CA PHE C 190 0.80 36.58 -1.27
C PHE C 190 -0.10 36.86 -0.07
N ILE C 191 0.52 37.21 1.06
CA ILE C 191 -0.22 37.60 2.27
C ILE C 191 0.02 39.09 2.51
N PRO C 192 -0.86 39.98 2.04
CA PRO C 192 -0.60 41.41 2.20
C PRO C 192 -0.53 41.81 3.66
N VAL C 193 0.34 42.78 3.95
CA VAL C 193 0.43 43.32 5.29
C VAL C 193 -0.64 44.40 5.44
N GLU C 194 -1.54 44.20 6.40
CA GLU C 194 -2.69 45.09 6.56
C GLU C 194 -2.32 46.30 7.39
N THR C 195 -2.91 47.43 7.04
CA THR C 195 -2.83 48.66 7.81
C THR C 195 -4.25 49.12 8.12
N PRO C 196 -4.42 50.00 9.11
CA PRO C 196 -5.77 50.48 9.43
C PRO C 196 -6.49 51.11 8.25
N ASP C 197 -5.76 51.68 7.29
CA ASP C 197 -6.37 52.30 6.11
C ASP C 197 -6.33 51.40 4.88
N PHE C 198 -5.56 50.30 4.92
CA PHE C 198 -5.43 49.37 3.79
C PHE C 198 -5.51 47.94 4.31
N SER C 199 -6.71 47.38 4.28
CA SER C 199 -6.90 45.99 4.64
C SER C 199 -6.35 45.08 3.54
N ALA C 200 -6.21 43.79 3.86
CA ALA C 200 -5.77 42.83 2.87
C ALA C 200 -6.71 42.80 1.67
N TRP C 201 -8.02 42.84 1.94
CA TRP C 201 -8.99 42.81 0.85
C TRP C 201 -8.87 44.05 -0.04
N HIS C 202 -8.66 45.22 0.57
CA HIS C 202 -8.50 46.44 -0.20
C HIS C 202 -7.33 46.33 -1.16
N GLN C 203 -6.17 45.91 -0.65
CA GLN C 203 -4.99 45.78 -1.49
C GLN C 203 -5.19 44.75 -2.58
N ILE C 204 -5.82 43.61 -2.25
CA ILE C 204 -6.02 42.56 -3.24
C ILE C 204 -6.96 43.03 -4.34
N LYS C 205 -8.04 43.71 -3.97
CA LYS C 205 -8.99 44.20 -4.95
C LYS C 205 -8.36 45.23 -5.88
N HIS C 206 -7.63 46.20 -5.31
CA HIS C 206 -7.02 47.20 -6.18
C HIS C 206 -5.88 46.63 -7.01
N ALA C 207 -5.19 45.60 -6.52
CA ALA C 207 -4.16 44.98 -7.33
C ALA C 207 -4.78 44.23 -8.51
N ILE C 208 -5.89 43.54 -8.26
CA ILE C 208 -6.59 42.86 -9.35
C ILE C 208 -7.14 43.88 -10.35
N GLU C 209 -7.64 45.01 -9.87
CA GLU C 209 -8.17 46.02 -10.79
C GLU C 209 -7.06 46.63 -11.65
N ALA C 210 -5.81 46.59 -11.20
CA ALA C 210 -4.68 47.08 -11.98
C ALA C 210 -4.02 45.98 -12.82
N SER C 211 -4.49 44.73 -12.72
CA SER C 211 -3.86 43.61 -13.40
C SER C 211 -4.21 43.52 -14.88
N GLY C 212 -5.13 44.35 -15.37
CA GLY C 212 -5.50 44.30 -16.77
C GLY C 212 -6.40 43.15 -17.16
N CYS C 213 -7.27 42.70 -16.27
CA CYS C 213 -8.24 41.66 -16.63
C CYS C 213 -9.20 42.20 -17.68
N PRO C 214 -9.73 41.33 -18.55
CA PRO C 214 -10.73 41.78 -19.54
C PRO C 214 -12.03 42.22 -18.87
N ASN C 215 -12.59 41.34 -18.05
CA ASN C 215 -13.80 41.61 -17.30
C ASN C 215 -13.53 41.39 -15.81
N LEU C 216 -14.22 42.15 -14.98
CA LEU C 216 -14.13 42.04 -13.53
C LEU C 216 -15.47 41.67 -12.91
N GLU C 217 -16.28 40.89 -13.63
CA GLU C 217 -17.62 40.55 -13.16
C GLU C 217 -17.57 39.65 -11.93
N ALA C 218 -16.71 38.63 -11.95
CA ALA C 218 -16.61 37.74 -10.80
C ALA C 218 -16.06 38.46 -9.58
N LEU C 219 -15.08 39.35 -9.79
CA LEU C 219 -14.55 40.14 -8.69
C LEU C 219 -15.63 41.01 -8.07
N ASN C 220 -16.47 41.63 -8.90
CA ASN C 220 -17.53 42.48 -8.35
C ASN C 220 -18.60 41.65 -7.65
N HIS C 221 -18.89 40.45 -8.15
CA HIS C 221 -19.78 39.54 -7.42
C HIS C 221 -19.23 39.22 -6.04
N VAL C 222 -17.94 38.89 -5.96
CA VAL C 222 -17.32 38.58 -4.66
C VAL C 222 -17.35 39.81 -3.76
N ASP C 223 -17.10 40.98 -4.32
CA ASP C 223 -17.12 42.22 -3.53
C ASP C 223 -18.51 42.47 -2.94
N ALA C 224 -19.55 42.30 -3.75
CA ALA C 224 -20.91 42.48 -3.27
C ALA C 224 -21.26 41.45 -2.21
N TYR C 225 -20.84 40.20 -2.40
CA TYR C 225 -21.10 39.17 -1.40
C TYR C 225 -20.43 39.50 -0.08
N LEU C 226 -19.15 39.91 -0.14
CA LEU C 226 -18.41 40.21 1.09
C LEU C 226 -18.95 41.43 1.81
N SER C 227 -19.50 42.40 1.08
CA SER C 227 -19.94 43.65 1.71
C SER C 227 -21.40 43.63 2.16
N SER C 228 -22.29 43.01 1.38
CA SER C 228 -23.73 43.14 1.60
C SER C 228 -24.38 41.91 2.18
N HIS C 229 -23.94 40.70 1.80
CA HIS C 229 -24.59 39.50 2.29
C HIS C 229 -24.20 39.24 3.73
N ASP C 230 -25.17 38.75 4.51
CA ASP C 230 -24.95 38.55 5.94
C ASP C 230 -23.91 37.46 6.20
N ASP C 231 -23.82 36.47 5.33
CA ASP C 231 -22.79 35.44 5.47
C ASP C 231 -21.46 35.92 4.90
N GLY C 232 -21.50 36.68 3.81
CA GLY C 232 -20.26 37.21 3.24
C GLY C 232 -19.56 38.20 4.15
N ARG C 233 -20.31 38.89 5.01
CA ARG C 233 -19.71 39.81 5.98
C ARG C 233 -18.95 39.07 7.07
N GLN C 234 -19.04 37.74 7.13
CA GLN C 234 -18.33 36.94 8.10
C GLN C 234 -16.97 36.49 7.59
N LEU C 235 -16.60 36.89 6.38
CA LEU C 235 -15.35 36.47 5.77
C LEU C 235 -14.34 37.59 5.83
N ARG C 236 -13.12 37.26 6.23
CA ARG C 236 -12.00 38.21 6.28
C ARG C 236 -10.95 37.76 5.28
N PRO C 237 -10.91 38.34 4.08
CA PRO C 237 -9.87 37.97 3.11
C PRO C 237 -8.47 38.28 3.63
N PHE C 238 -7.52 37.40 3.31
CA PHE C 238 -6.16 37.60 3.78
C PHE C 238 -5.05 37.19 2.82
N MET C 239 -5.34 36.56 1.67
CA MET C 239 -4.31 35.93 0.86
C MET C 239 -4.75 35.91 -0.59
N LEU C 240 -3.79 36.07 -1.51
CA LEU C 240 -4.07 35.97 -2.94
C LEU C 240 -3.13 34.97 -3.56
N ALA C 241 -3.66 34.09 -4.40
CA ALA C 241 -2.87 33.05 -5.03
C ALA C 241 -3.01 33.12 -6.54
N ILE C 242 -1.87 32.95 -7.23
CA ILE C 242 -1.85 32.91 -8.68
C ILE C 242 -1.05 31.70 -9.14
N ASP C 243 -1.28 31.33 -10.39
CA ASP C 243 -0.53 30.31 -11.09
C ASP C 243 0.50 30.98 -11.98
N LEU C 244 1.71 30.42 -12.04
CA LEU C 244 2.80 30.97 -12.86
C LEU C 244 2.65 30.50 -14.30
N VAL C 245 1.52 30.88 -14.90
CA VAL C 245 1.24 30.65 -16.31
C VAL C 245 0.89 31.99 -16.93
N GLU C 246 0.55 31.96 -18.22
CA GLU C 246 0.07 33.16 -18.89
C GLU C 246 -1.13 33.71 -18.12
N PRO C 247 -1.17 35.02 -17.83
CA PRO C 247 -2.24 35.55 -16.96
C PRO C 247 -3.65 35.26 -17.46
N ALA C 248 -3.85 35.14 -18.77
CA ALA C 248 -5.18 34.80 -19.28
C ALA C 248 -5.60 33.39 -18.89
N ALA C 249 -4.64 32.53 -18.55
CA ALA C 249 -4.92 31.16 -18.12
C ALA C 249 -4.78 30.94 -16.63
N SER C 250 -4.32 31.94 -15.88
CA SER C 250 -4.11 31.77 -14.45
C SER C 250 -5.41 31.90 -13.70
N ARG C 251 -5.44 31.32 -12.50
CA ARG C 251 -6.54 31.55 -11.60
C ARG C 251 -6.21 32.74 -10.71
N LEU C 252 -7.24 33.32 -10.10
CA LEU C 252 -7.08 34.42 -9.15
C LEU C 252 -7.82 34.01 -7.89
N LYS C 253 -7.10 33.42 -6.94
CA LYS C 253 -7.75 32.87 -5.76
C LYS C 253 -7.62 33.86 -4.61
N ILE C 254 -8.75 34.36 -4.13
CA ILE C 254 -8.81 35.23 -2.95
C ILE C 254 -9.24 34.36 -1.78
N TYR C 255 -8.35 34.21 -0.80
CA TYR C 255 -8.61 33.38 0.38
C TYR C 255 -9.11 34.25 1.52
N ALA C 256 -10.08 33.70 2.26
CA ALA C 256 -10.70 34.37 3.40
C ALA C 256 -10.98 33.35 4.48
N ARG C 257 -10.80 33.76 5.74
CA ARG C 257 -10.97 32.85 6.87
C ARG C 257 -12.22 33.24 7.65
N SER C 258 -12.82 32.26 8.33
CA SER C 258 -13.99 32.52 9.12
C SER C 258 -13.99 31.62 10.35
N ASN C 259 -14.52 32.17 11.45
CA ASN C 259 -14.78 31.41 12.66
C ASN C 259 -15.92 30.42 12.50
N GLN C 260 -16.60 30.41 11.36
CA GLN C 260 -17.78 29.59 11.17
C GLN C 260 -17.39 28.13 10.94
N THR C 261 -18.20 27.22 11.47
CA THR C 261 -18.00 25.79 11.25
C THR C 261 -19.27 25.05 10.87
N SER C 262 -20.41 25.73 10.83
CA SER C 262 -21.66 25.07 10.49
C SER C 262 -21.65 24.62 9.03
N PHE C 263 -22.39 23.55 8.76
CA PHE C 263 -22.55 23.09 7.39
C PHE C 263 -23.41 24.04 6.57
N ARG C 264 -24.41 24.67 7.21
CA ARG C 264 -25.27 25.61 6.50
C ARG C 264 -24.47 26.80 5.98
N PHE C 265 -23.59 27.36 6.82
CA PHE C 265 -22.80 28.52 6.40
C PHE C 265 -21.84 28.14 5.27
N VAL C 266 -21.19 26.98 5.38
CA VAL C 266 -20.26 26.55 4.34
C VAL C 266 -21.01 26.37 3.02
N ARG C 267 -22.21 25.78 3.08
CA ARG C 267 -23.02 25.62 1.88
C ARG C 267 -23.39 26.97 1.28
N ASP C 268 -23.77 27.93 2.13
CA ASP C 268 -24.15 29.26 1.62
C ASP C 268 -22.97 29.95 0.95
N VAL C 269 -21.77 29.84 1.52
CA VAL C 269 -20.60 30.42 0.88
C VAL C 269 -20.32 29.71 -0.44
N MET C 270 -20.52 28.39 -0.47
CA MET C 270 -20.34 27.64 -1.72
C MET C 270 -21.24 28.20 -2.82
N THR C 271 -22.46 28.56 -2.47
CA THR C 271 -23.38 29.14 -3.44
C THR C 271 -23.22 30.65 -3.60
N ILE C 272 -22.40 31.30 -2.77
CA ILE C 272 -22.23 32.75 -2.76
C ILE C 272 -23.60 33.40 -2.54
N GLY C 273 -24.30 32.96 -1.51
CA GLY C 273 -25.60 33.53 -1.20
C GLY C 273 -26.66 33.33 -2.27
N GLY C 274 -26.62 32.19 -2.95
CA GLY C 274 -27.61 31.87 -3.96
C GLY C 274 -27.31 32.35 -5.36
N LEU C 275 -26.19 33.05 -5.57
CA LEU C 275 -25.81 33.47 -6.91
C LEU C 275 -25.58 32.26 -7.80
N ARG C 276 -24.85 31.28 -7.30
CA ARG C 276 -24.63 30.04 -8.02
C ARG C 276 -25.82 29.13 -7.80
N THR C 277 -26.45 28.72 -8.90
CA THR C 277 -27.51 27.73 -8.88
C THR C 277 -26.99 26.48 -9.57
N ASP C 278 -27.85 25.48 -9.72
CA ASP C 278 -27.46 24.20 -10.31
C ASP C 278 -26.27 23.60 -9.57
N LEU C 279 -26.32 23.63 -8.24
CA LEU C 279 -25.31 23.00 -7.39
C LEU C 279 -25.92 22.08 -6.36
N ASP C 280 -27.21 21.77 -6.48
CA ASP C 280 -27.90 21.00 -5.45
C ASP C 280 -27.42 19.56 -5.40
N ARG C 281 -27.12 18.96 -6.55
CA ARG C 281 -26.57 17.61 -6.54
C ARG C 281 -25.20 17.61 -5.87
N SER C 282 -24.36 18.59 -6.19
CA SER C 282 -23.08 18.74 -5.54
C SER C 282 -23.25 18.97 -4.04
N ILE C 283 -24.23 19.79 -3.66
CA ILE C 283 -24.41 20.11 -2.24
C ILE C 283 -24.91 18.90 -1.46
N GLU C 284 -25.73 18.06 -2.10
CA GLU C 284 -26.15 16.82 -1.45
C GLU C 284 -24.95 15.89 -1.22
N LYS C 285 -24.12 15.72 -2.25
CA LYS C 285 -22.90 14.94 -2.04
C LYS C 285 -22.05 15.53 -0.93
N PHE C 286 -22.01 16.86 -0.86
CA PHE C 286 -21.26 17.56 0.18
C PHE C 286 -21.78 17.19 1.56
N SER C 287 -23.09 17.21 1.73
CA SER C 287 -23.69 16.84 3.01
C SER C 287 -23.36 15.39 3.38
N ASP C 288 -23.46 14.48 2.42
CA ASP C 288 -23.10 13.08 2.65
C ASP C 288 -21.66 12.96 3.17
N LEU C 289 -20.72 13.56 2.44
CA LEU C 289 -19.31 13.48 2.85
C LEU C 289 -19.12 14.11 4.21
N TRP C 290 -19.82 15.22 4.48
CA TRP C 290 -19.66 15.92 5.74
C TRP C 290 -20.05 15.02 6.90
N LYS C 291 -21.22 14.39 6.81
CA LYS C 291 -21.66 13.49 7.86
C LYS C 291 -20.73 12.31 8.03
N ARG C 292 -20.20 11.78 6.92
CA ARG C 292 -19.34 10.60 7.01
C ARG C 292 -18.00 10.94 7.65
N ALA C 293 -17.30 11.94 7.09
CA ALA C 293 -15.92 12.25 7.45
C ALA C 293 -15.79 13.12 8.71
N LEU C 294 -16.84 13.82 9.13
CA LEU C 294 -16.72 14.72 10.27
C LEU C 294 -17.52 14.27 11.49
N GLY C 295 -18.26 13.16 11.38
CA GLY C 295 -19.00 12.64 12.52
C GLY C 295 -20.29 13.39 12.78
N LEU C 296 -20.19 14.70 12.99
CA LEU C 296 -21.37 15.53 13.07
C LEU C 296 -22.20 15.40 11.79
N ASP C 297 -23.51 15.50 11.93
CA ASP C 297 -24.39 15.30 10.80
C ASP C 297 -25.18 16.57 10.50
N PRO C 298 -25.19 17.02 9.25
CA PRO C 298 -26.09 18.12 8.87
C PRO C 298 -27.55 17.79 9.15
N ASP C 299 -27.86 16.50 9.26
CA ASP C 299 -29.22 16.05 9.53
C ASP C 299 -29.68 16.47 10.92
N SER C 314 -8.40 29.18 13.45
CA SER C 314 -9.58 28.36 13.67
C SER C 314 -10.68 28.70 12.67
N GLY C 315 -11.62 27.77 12.51
CA GLY C 315 -12.73 27.98 11.60
C GLY C 315 -12.44 27.57 10.18
N ALA C 316 -13.47 27.67 9.34
CA ALA C 316 -13.39 27.23 7.96
C ALA C 316 -12.81 28.31 7.06
N VAL C 317 -12.08 27.88 6.04
CA VAL C 317 -11.44 28.80 5.11
C VAL C 317 -12.08 28.64 3.74
N PHE C 318 -12.08 29.71 2.96
CA PHE C 318 -12.66 29.66 1.63
C PHE C 318 -11.74 30.41 0.67
N ASN C 319 -11.83 30.05 -0.60
CA ASN C 319 -11.19 30.87 -1.63
C ASN C 319 -12.15 31.02 -2.80
N PHE C 320 -12.15 32.23 -3.37
CA PHE C 320 -12.95 32.59 -4.53
C PHE C 320 -12.02 32.79 -5.71
N ASP C 321 -12.19 31.96 -6.74
CA ASP C 321 -11.53 32.18 -8.02
C ASP C 321 -12.38 33.17 -8.82
N VAL C 322 -11.77 34.32 -9.14
CA VAL C 322 -12.42 35.38 -9.89
C VAL C 322 -11.76 35.54 -11.25
N ALA C 323 -11.18 34.45 -11.75
CA ALA C 323 -10.50 34.50 -13.04
C ALA C 323 -11.46 34.93 -14.14
N PRO C 324 -11.06 35.85 -15.02
CA PRO C 324 -12.00 36.39 -16.02
C PRO C 324 -12.44 35.39 -17.08
N LYS C 325 -12.08 34.10 -16.92
CA LYS C 325 -12.50 33.12 -17.92
C LYS C 325 -14.00 32.92 -17.92
N SER C 326 -14.64 33.04 -16.76
CA SER C 326 -16.10 33.03 -16.68
C SER C 326 -16.54 34.20 -15.81
N GLN C 327 -17.82 34.53 -15.89
CA GLN C 327 -18.37 35.66 -15.17
C GLN C 327 -18.82 35.34 -13.75
N ILE C 328 -19.04 34.08 -13.42
CA ILE C 328 -19.49 33.66 -12.10
C ILE C 328 -18.29 33.15 -11.30
N PRO C 329 -18.04 33.67 -10.11
CA PRO C 329 -16.86 33.24 -9.34
C PRO C 329 -17.04 31.85 -8.76
N GLU C 330 -15.93 31.14 -8.63
CA GLU C 330 -15.95 29.76 -8.16
C GLU C 330 -15.42 29.68 -6.74
N VAL C 331 -15.94 28.74 -5.95
CA VAL C 331 -15.64 28.67 -4.51
C VAL C 331 -15.01 27.34 -4.16
N LYS C 332 -14.02 27.38 -3.26
CA LYS C 332 -13.48 26.17 -2.64
C LYS C 332 -13.49 26.37 -1.13
N ALA C 333 -13.98 25.35 -0.41
CA ALA C 333 -14.05 25.41 1.05
C ALA C 333 -13.02 24.46 1.66
N TYR C 334 -12.37 24.91 2.73
CA TYR C 334 -11.36 24.14 3.44
C TYR C 334 -11.90 23.93 4.84
N ILE C 335 -12.30 22.69 5.14
CA ILE C 335 -12.86 22.30 6.43
C ILE C 335 -11.76 21.78 7.35
N PRO C 336 -11.63 22.33 8.56
CA PRO C 336 -10.55 21.96 9.48
C PRO C 336 -10.87 20.68 10.25
N VAL C 337 -10.28 19.57 9.82
CA VAL C 337 -10.58 18.26 10.39
C VAL C 337 -10.39 18.24 11.90
N ARG C 338 -9.37 18.93 12.40
CA ARG C 338 -9.04 18.86 13.83
C ARG C 338 -10.23 19.23 14.71
N HIS C 339 -11.11 20.11 14.24
CA HIS C 339 -12.23 20.54 15.08
C HIS C 339 -13.38 19.54 15.07
N TYR C 340 -13.64 18.87 13.95
CA TYR C 340 -14.84 18.07 13.86
C TYR C 340 -14.59 16.59 14.15
N ALA C 341 -13.37 16.12 13.98
CA ALA C 341 -13.06 14.71 14.17
C ALA C 341 -12.33 14.50 15.49
N ASN C 342 -12.43 13.27 16.00
CA ASN C 342 -11.67 12.85 17.17
C ASN C 342 -10.30 12.29 16.82
N ASN C 343 -10.16 11.63 15.66
CA ASN C 343 -8.87 11.10 15.26
C ASN C 343 -8.80 11.00 13.75
N ASP C 344 -7.56 10.96 13.24
CA ASP C 344 -7.32 10.97 11.80
C ASP C 344 -7.84 9.72 11.11
N LEU C 345 -7.74 8.56 11.76
CA LEU C 345 -8.11 7.31 11.10
C LEU C 345 -9.60 7.26 10.76
N GLN C 346 -10.45 7.66 11.71
CA GLN C 346 -11.89 7.67 11.45
C GLN C 346 -12.24 8.64 10.32
N ALA C 347 -11.65 9.83 10.34
CA ALA C 347 -11.93 10.81 9.29
C ALA C 347 -11.49 10.28 7.93
N ALA C 348 -10.32 9.64 7.88
CA ALA C 348 -9.85 9.06 6.62
C ALA C 348 -10.77 7.96 6.14
N LEU C 349 -11.22 7.09 7.05
CA LEU C 349 -12.12 6.01 6.65
C LEU C 349 -13.46 6.55 6.17
N GLY C 350 -13.97 7.62 6.81
CA GLY C 350 -15.18 8.26 6.31
C GLY C 350 -15.00 8.85 4.93
N LEU C 351 -13.90 9.59 4.73
CA LEU C 351 -13.60 10.15 3.42
C LEU C 351 -13.52 9.05 2.37
N ILE C 352 -12.84 7.95 2.70
CA ILE C 352 -12.65 6.86 1.76
C ILE C 352 -13.98 6.15 1.48
N GLY C 353 -14.84 6.04 2.50
CA GLY C 353 -16.17 5.49 2.27
C GLY C 353 -16.98 6.33 1.31
N TYR C 354 -16.93 7.65 1.47
CA TYR C 354 -17.58 8.54 0.50
C TYR C 354 -16.99 8.31 -0.89
N LEU C 355 -15.66 8.28 -0.99
CA LEU C 355 -14.99 8.17 -2.27
C LEU C 355 -15.34 6.85 -2.97
N GLU C 356 -15.34 5.74 -2.23
CA GLU C 356 -15.65 4.44 -2.83
C GLU C 356 -17.13 4.31 -3.13
N ASP C 357 -17.99 4.99 -2.36
CA ASP C 357 -19.42 4.97 -2.65
C ASP C 357 -19.78 5.80 -3.87
N HIS C 358 -18.90 6.69 -4.31
CA HIS C 358 -19.10 7.46 -5.52
C HIS C 358 -18.12 7.09 -6.63
N GLY C 359 -17.45 5.95 -6.51
CA GLY C 359 -16.62 5.44 -7.60
C GLY C 359 -15.28 6.12 -7.75
N HIS C 360 -14.70 6.60 -6.65
CA HIS C 360 -13.43 7.32 -6.64
C HIS C 360 -12.48 6.75 -5.60
N GLY C 361 -12.59 5.46 -5.28
CA GLY C 361 -11.78 4.90 -4.21
C GLY C 361 -10.71 3.92 -4.63
N GLY C 362 -10.11 4.14 -5.82
CA GLY C 362 -9.04 3.26 -6.27
C GLY C 362 -7.75 3.38 -5.48
N TYR C 363 -7.55 4.49 -4.76
CA TYR C 363 -6.31 4.76 -4.05
C TYR C 363 -6.51 4.84 -2.54
N SER C 364 -7.45 4.05 -2.01
CA SER C 364 -7.76 4.11 -0.59
C SER C 364 -6.61 3.61 0.28
N GLN C 365 -6.09 2.41 -0.02
CA GLN C 365 -4.98 1.87 0.76
C GLN C 365 -3.72 2.69 0.56
N SER C 366 -3.52 3.27 -0.63
CA SER C 366 -2.38 4.14 -0.85
C SER C 366 -2.46 5.37 0.04
N TYR C 367 -3.64 5.99 0.12
CA TYR C 367 -3.83 7.13 1.00
C TYR C 367 -3.61 6.74 2.46
N LEU C 368 -4.12 5.58 2.87
CA LEU C 368 -3.93 5.14 4.25
C LEU C 368 -2.45 4.90 4.57
N ARG C 369 -1.72 4.30 3.62
CA ARG C 369 -0.28 4.12 3.82
C ARG C 369 0.45 5.45 3.90
N GLY C 370 0.03 6.42 3.08
CA GLY C 370 0.62 7.75 3.18
C GLY C 370 0.38 8.37 4.54
N LEU C 371 -0.83 8.23 5.06
CA LEU C 371 -1.15 8.73 6.40
C LEU C 371 -0.30 8.03 7.44
N ASP C 372 -0.15 6.71 7.33
CA ASP C 372 0.68 5.95 8.26
C ASP C 372 2.13 6.44 8.21
N MET C 373 2.60 6.81 7.01
CA MET C 373 3.94 7.35 6.89
C MET C 373 4.05 8.70 7.58
N LEU C 374 3.06 9.58 7.40
CA LEU C 374 3.14 10.92 7.97
C LEU C 374 2.86 10.95 9.47
N ALA C 375 2.08 10.00 9.98
CA ALA C 375 1.56 10.12 11.33
C ALA C 375 2.66 9.87 12.36
N PRO C 376 2.62 10.57 13.50
CA PRO C 376 3.52 10.22 14.60
C PRO C 376 3.31 8.77 15.00
N SER C 377 4.40 8.12 15.43
CA SER C 377 4.40 6.70 15.69
C SER C 377 3.25 6.28 16.59
N GLY C 378 2.22 5.67 15.98
CA GLY C 378 1.08 5.15 16.72
C GLY C 378 0.13 6.21 17.25
N GLN C 379 -0.25 7.17 16.40
CA GLN C 379 -1.17 8.22 16.81
C GLN C 379 -2.34 8.42 15.86
N LEU C 380 -2.40 7.68 14.75
CA LEU C 380 -3.46 7.86 13.77
C LEU C 380 -4.85 7.72 14.40
N ASP C 381 -5.03 6.69 15.22
CA ASP C 381 -6.34 6.40 15.78
C ASP C 381 -6.61 7.09 17.12
N GLN C 382 -5.62 7.79 17.69
CA GLN C 382 -5.80 8.41 19.00
C GLN C 382 -5.88 9.92 18.98
N ALA C 383 -5.35 10.57 17.94
CA ALA C 383 -5.29 12.02 17.92
C ALA C 383 -5.47 12.51 16.50
N THR C 384 -5.63 13.83 16.36
CA THR C 384 -5.71 14.48 15.08
C THR C 384 -4.39 15.20 14.79
N GLY C 385 -4.29 15.77 13.60
CA GLY C 385 -3.10 16.53 13.25
C GLY C 385 -2.50 16.20 11.89
N VAL C 386 -2.60 14.95 11.45
CA VAL C 386 -2.07 14.60 10.13
C VAL C 386 -2.89 15.26 9.03
N GLN C 387 -4.19 15.07 9.04
CA GLN C 387 -5.08 15.69 8.07
C GLN C 387 -5.54 17.04 8.63
N THR C 388 -5.03 18.13 8.05
CA THR C 388 -5.39 19.46 8.53
C THR C 388 -6.71 19.92 7.92
N TYR C 389 -6.86 19.78 6.60
CA TYR C 389 -8.05 20.27 5.92
C TYR C 389 -8.55 19.25 4.91
N PHE C 390 -9.87 19.16 4.80
CA PHE C 390 -10.54 18.54 3.67
C PHE C 390 -11.14 19.67 2.84
N ALA C 391 -10.63 19.85 1.63
CA ALA C 391 -11.09 20.90 0.73
C ALA C 391 -12.08 20.33 -0.28
N VAL C 392 -13.17 21.07 -0.47
CA VAL C 392 -14.29 20.67 -1.32
C VAL C 392 -14.57 21.79 -2.33
N ALA C 393 -14.76 21.40 -3.60
CA ALA C 393 -15.24 22.30 -4.63
C ALA C 393 -16.40 21.64 -5.38
N CYS C 394 -17.41 22.42 -5.74
CA CYS C 394 -18.60 21.90 -6.40
C CYS C 394 -18.51 22.12 -7.91
N GLN C 395 -18.29 21.03 -8.65
CA GLN C 395 -18.18 21.06 -10.11
C GLN C 395 -19.43 20.38 -10.67
N GLY C 396 -20.43 21.21 -11.01
CA GLY C 396 -21.66 20.71 -11.59
C GLY C 396 -22.46 19.81 -10.66
N GLU C 397 -22.37 18.50 -10.89
CA GLU C 397 -23.03 17.51 -10.04
C GLU C 397 -22.07 16.84 -9.07
N ASP C 398 -20.77 17.05 -9.22
CA ASP C 398 -19.79 16.29 -8.46
C ASP C 398 -19.00 17.18 -7.52
N LEU C 399 -18.29 16.51 -6.61
CA LEU C 399 -17.36 17.17 -5.69
C LEU C 399 -15.94 16.87 -6.13
N SER C 400 -15.11 17.89 -6.07
CA SER C 400 -13.66 17.74 -6.17
C SER C 400 -13.11 17.83 -4.76
N LEU C 401 -12.28 16.86 -4.38
CA LEU C 401 -11.79 16.70 -3.02
C LEU C 401 -10.27 16.79 -2.95
N THR C 402 -9.76 17.43 -1.90
CA THR C 402 -8.33 17.51 -1.65
C THR C 402 -8.05 17.34 -0.15
N SER C 403 -7.14 16.45 0.21
CA SER C 403 -6.68 16.32 1.59
C SER C 403 -5.39 17.10 1.79
N TYR C 404 -5.32 17.90 2.84
CA TYR C 404 -4.11 18.62 3.21
C TYR C 404 -3.50 17.95 4.43
N LEU C 405 -2.18 17.75 4.38
CA LEU C 405 -1.46 16.87 5.29
C LEU C 405 -0.28 17.59 5.91
N ASN C 406 -0.14 17.45 7.22
CA ASN C 406 0.93 18.05 8.01
C ASN C 406 1.85 16.95 8.52
N PRO C 407 3.15 16.97 8.17
CA PRO C 407 4.06 15.94 8.69
C PRO C 407 4.29 16.04 10.18
N GLN C 408 3.97 17.17 10.80
CA GLN C 408 4.04 17.38 12.25
C GLN C 408 5.45 17.09 12.77
N PHE C 409 6.40 17.88 12.28
CA PHE C 409 7.79 17.73 12.72
C PHE C 409 7.98 18.18 14.16
N TYR C 410 7.53 19.39 14.47
CA TYR C 410 7.71 19.93 15.81
C TYR C 410 6.73 19.34 16.82
N ALA C 411 5.53 18.97 16.37
CA ALA C 411 4.53 18.36 17.25
C ALA C 411 4.97 17.01 17.78
N ALA C 412 6.07 16.46 17.30
CA ALA C 412 6.60 15.19 17.81
C ALA C 412 8.08 15.34 18.19
N SER D 11 -7.91 -2.39 9.68
CA SER D 11 -7.17 -3.63 9.58
C SER D 11 -8.00 -4.79 10.12
N VAL D 12 -8.03 -5.89 9.38
CA VAL D 12 -8.84 -7.05 9.78
C VAL D 12 -8.32 -7.63 11.09
N TRP D 13 -7.00 -7.74 11.22
CA TRP D 13 -6.45 -8.30 12.44
C TRP D 13 -6.76 -7.41 13.64
N LYS D 14 -6.71 -6.09 13.45
CA LYS D 14 -7.03 -5.18 14.54
C LYS D 14 -8.47 -5.37 15.00
N THR D 15 -9.40 -5.52 14.05
CA THR D 15 -10.80 -5.77 14.39
C THR D 15 -10.97 -7.07 15.16
N LEU D 16 -10.42 -8.17 14.64
CA LEU D 16 -10.57 -9.45 15.31
C LEU D 16 -9.96 -9.42 16.70
N ASN D 17 -8.79 -8.79 16.84
CA ASN D 17 -8.15 -8.71 18.14
C ASN D 17 -8.96 -7.84 19.09
N LYS D 18 -9.70 -6.88 18.55
CA LYS D 18 -10.58 -6.05 19.38
C LYS D 18 -11.76 -6.86 19.91
N TRP D 19 -12.34 -7.74 19.10
CA TRP D 19 -13.61 -8.36 19.51
C TRP D 19 -13.51 -9.80 19.95
N LEU D 20 -12.52 -10.56 19.48
CA LEU D 20 -12.40 -11.95 19.91
C LEU D 20 -11.93 -12.01 21.36
N PRO D 21 -12.25 -13.08 22.07
CA PRO D 21 -11.84 -13.20 23.48
C PRO D 21 -10.33 -13.15 23.64
N PRO D 22 -9.84 -12.53 24.70
CA PRO D 22 -8.39 -12.43 24.90
C PRO D 22 -7.77 -13.78 25.24
N LEU D 23 -6.51 -13.93 24.83
CA LEU D 23 -5.76 -15.17 24.95
C LEU D 23 -4.76 -15.09 26.10
N SER D 24 -4.29 -16.27 26.52
CA SER D 24 -3.21 -16.37 27.50
C SER D 24 -1.91 -15.84 26.90
N ARG D 25 -0.90 -15.68 27.77
CA ARG D 25 0.33 -14.96 27.41
C ARG D 25 0.97 -15.49 26.13
N ASP D 26 1.25 -16.80 26.09
CA ASP D 26 1.97 -17.37 24.95
C ASP D 26 1.14 -17.30 23.67
N LYS D 27 -0.12 -17.76 23.74
CA LYS D 27 -0.98 -17.69 22.57
C LYS D 27 -1.19 -16.25 22.13
N ASP D 28 -1.30 -15.32 23.09
CA ASP D 28 -1.49 -13.93 22.71
C ASP D 28 -0.27 -13.39 21.98
N TRP D 29 0.92 -13.80 22.41
CA TRP D 29 2.12 -13.42 21.68
C TRP D 29 2.09 -13.96 20.25
N TRP D 30 1.79 -15.26 20.10
CA TRP D 30 1.72 -15.84 18.76
C TRP D 30 0.64 -15.20 17.92
N TRP D 31 -0.50 -14.88 18.53
CA TRP D 31 -1.59 -14.21 17.82
C TRP D 31 -1.16 -12.84 17.33
N LYS D 32 -0.61 -12.01 18.22
CA LYS D 32 -0.18 -10.67 17.85
C LYS D 32 1.05 -10.67 16.95
N THR D 33 1.71 -11.82 16.79
CA THR D 33 2.86 -11.94 15.88
C THR D 33 2.47 -12.47 14.51
N LEU D 34 1.73 -13.58 14.47
CA LEU D 34 1.37 -14.21 13.20
C LEU D 34 0.18 -13.53 12.52
N GLY D 35 -0.76 -12.98 13.29
CA GLY D 35 -1.90 -12.31 12.71
C GLY D 35 -1.53 -11.16 11.81
N PRO D 36 -0.76 -10.20 12.34
CA PRO D 36 -0.35 -9.07 11.48
C PRO D 36 0.45 -9.47 10.26
N GLN D 37 1.32 -10.49 10.37
CA GLN D 37 2.11 -10.89 9.21
C GLN D 37 1.23 -11.45 8.10
N ILE D 38 0.35 -12.39 8.46
CA ILE D 38 -0.53 -13.00 7.47
C ILE D 38 -1.48 -11.96 6.91
N ASN D 39 -1.98 -11.07 7.76
CA ASN D 39 -2.88 -10.03 7.29
C ASN D 39 -2.18 -9.09 6.31
N THR D 40 -0.93 -8.71 6.61
CA THR D 40 -0.19 -7.87 5.67
C THR D 40 0.04 -8.59 4.35
N LEU D 41 0.40 -9.86 4.39
CA LEU D 41 0.60 -10.59 3.14
C LEU D 41 -0.68 -10.64 2.32
N LEU D 42 -1.81 -10.97 2.97
CA LEU D 42 -3.07 -11.07 2.23
C LEU D 42 -3.52 -9.71 1.72
N THR D 43 -3.29 -8.65 2.49
CA THR D 43 -3.64 -7.30 2.07
C THR D 43 -2.79 -6.85 0.88
N GLU D 44 -1.48 -7.05 0.97
CA GLU D 44 -0.60 -6.67 -0.12
C GLU D 44 -0.90 -7.46 -1.39
N ALA D 45 -1.46 -8.66 -1.24
CA ALA D 45 -1.87 -9.47 -2.38
C ALA D 45 -3.32 -9.22 -2.80
N ASP D 46 -4.00 -8.24 -2.18
CA ASP D 46 -5.32 -7.79 -2.61
C ASP D 46 -6.39 -8.87 -2.46
N TYR D 47 -6.31 -9.66 -1.39
CA TYR D 47 -7.40 -10.57 -1.09
C TYR D 47 -8.64 -9.79 -0.64
N ASP D 48 -9.80 -10.33 -0.96
CA ASP D 48 -11.03 -9.70 -0.51
C ASP D 48 -11.15 -9.77 1.01
N LEU D 49 -11.90 -8.82 1.57
CA LEU D 49 -11.92 -8.64 3.02
C LEU D 49 -12.40 -9.90 3.74
N ASN D 50 -13.44 -10.55 3.20
CA ASN D 50 -13.97 -11.74 3.85
C ASN D 50 -12.93 -12.87 3.88
N GLU D 51 -12.09 -12.96 2.85
CA GLU D 51 -11.05 -13.99 2.85
C GLU D 51 -9.99 -13.72 3.90
N ARG D 52 -9.64 -12.45 4.10
CA ARG D 52 -8.73 -12.11 5.19
C ARG D 52 -9.34 -12.46 6.54
N TYR D 53 -10.64 -12.18 6.71
CA TYR D 53 -11.30 -12.59 7.95
C TYR D 53 -11.25 -14.10 8.14
N GLU D 54 -11.53 -14.86 7.08
CA GLU D 54 -11.50 -16.31 7.19
C GLU D 54 -10.12 -16.80 7.58
N ALA D 55 -9.08 -16.24 6.96
CA ALA D 55 -7.72 -16.67 7.26
C ALA D 55 -7.37 -16.38 8.72
N LEU D 56 -7.64 -15.17 9.18
CA LEU D 56 -7.27 -14.83 10.55
C LEU D 56 -8.13 -15.56 11.57
N LEU D 57 -9.39 -15.87 11.24
CA LEU D 57 -10.22 -16.65 12.14
C LEU D 57 -9.72 -18.09 12.25
N LEU D 58 -9.33 -18.69 11.13
CA LEU D 58 -8.70 -20.00 11.16
C LEU D 58 -7.44 -19.96 12.02
N LEU D 59 -6.59 -18.95 11.79
CA LEU D 59 -5.37 -18.79 12.57
C LEU D 59 -5.67 -18.73 14.06
N TYR D 60 -6.68 -17.94 14.45
CA TYR D 60 -7.00 -17.77 15.86
C TYR D 60 -7.51 -19.07 16.47
N ARG D 61 -8.34 -19.81 15.74
CA ARG D 61 -9.00 -20.96 16.36
C ARG D 61 -8.14 -22.21 16.35
N TRP D 62 -7.40 -22.48 15.26
CA TRP D 62 -6.78 -23.78 15.09
C TRP D 62 -5.26 -23.77 15.11
N VAL D 63 -4.60 -22.65 14.81
CA VAL D 63 -3.15 -22.64 14.73
C VAL D 63 -2.55 -22.06 16.00
N VAL D 64 -2.96 -20.84 16.34
CA VAL D 64 -2.43 -20.19 17.54
C VAL D 64 -2.46 -21.12 18.75
N PRO D 65 -3.50 -21.91 18.99
CA PRO D 65 -3.48 -22.80 20.16
C PRO D 65 -2.36 -23.83 20.16
N GLU D 66 -1.72 -24.13 19.03
CA GLU D 66 -0.73 -25.20 18.98
C GLU D 66 0.68 -24.69 18.66
N MET D 67 0.98 -23.41 18.90
CA MET D 67 2.29 -22.85 18.58
C MET D 67 3.31 -22.93 19.71
N GLY D 68 2.92 -23.37 20.91
CA GLY D 68 3.84 -23.51 22.00
C GLY D 68 4.20 -22.20 22.70
N PRO D 69 5.24 -22.22 23.51
CA PRO D 69 5.62 -21.03 24.28
C PRO D 69 6.14 -19.89 23.42
N ARG D 70 6.05 -18.68 23.97
CA ARG D 70 6.65 -17.53 23.32
C ARG D 70 8.17 -17.73 23.23
N PRO D 71 8.80 -17.36 22.11
CA PRO D 71 10.26 -17.31 21.98
C PRO D 71 10.93 -16.38 22.98
N SER D 87 12.24 -21.85 12.44
CA SER D 87 10.90 -21.28 12.56
C SER D 87 9.82 -22.28 12.17
N PRO D 88 8.75 -22.35 12.97
CA PRO D 88 7.66 -23.30 12.71
C PRO D 88 6.61 -22.80 11.73
N ILE D 89 6.88 -21.68 11.06
CA ILE D 89 6.00 -21.11 10.05
C ILE D 89 6.86 -20.66 8.87
N GLU D 90 6.41 -20.98 7.65
CA GLU D 90 7.05 -20.45 6.45
C GLU D 90 6.00 -19.98 5.48
N TYR D 91 6.07 -18.71 5.07
CA TYR D 91 5.12 -18.17 4.12
C TYR D 91 5.62 -18.37 2.68
N SER D 92 4.71 -18.28 1.74
CA SER D 92 5.10 -18.35 0.33
C SER D 92 4.14 -17.53 -0.52
N TRP D 93 4.72 -16.95 -1.57
CA TRP D 93 4.11 -15.93 -2.41
C TRP D 93 4.25 -16.40 -3.85
N LYS D 94 3.16 -16.86 -4.45
CA LYS D 94 3.18 -17.36 -5.81
C LYS D 94 2.80 -16.24 -6.77
N TRP D 95 3.67 -15.97 -7.74
CA TRP D 95 3.42 -14.95 -8.76
C TRP D 95 2.60 -15.57 -9.88
N ILE D 96 1.51 -14.92 -10.23
CA ILE D 96 0.61 -15.40 -11.26
C ILE D 96 0.77 -14.53 -12.50
N SER D 97 0.81 -15.16 -13.67
CA SER D 97 1.00 -14.43 -14.90
C SER D 97 -0.24 -13.57 -15.19
N GLY D 98 -0.11 -12.70 -16.19
CA GLY D 98 -1.22 -11.88 -16.60
C GLY D 98 -1.58 -10.78 -15.63
N ASN D 99 -0.61 -10.33 -14.83
CA ASN D 99 -0.81 -9.25 -13.86
C ASN D 99 -1.93 -9.57 -12.87
N LYS D 100 -2.13 -10.86 -12.60
CA LYS D 100 -3.10 -11.32 -11.62
C LYS D 100 -2.53 -11.26 -10.21
N LYS D 101 -3.42 -11.42 -9.24
CA LYS D 101 -3.03 -11.25 -7.85
C LYS D 101 -2.14 -12.41 -7.42
N PRO D 102 -1.14 -12.15 -6.57
CA PRO D 102 -0.34 -13.25 -6.04
C PRO D 102 -1.20 -14.14 -5.17
N GLU D 103 -0.77 -15.39 -5.02
CA GLU D 103 -1.43 -16.31 -4.11
C GLU D 103 -0.55 -16.48 -2.88
N ILE D 104 -1.15 -16.38 -1.70
CA ILE D 104 -0.43 -16.51 -0.44
C ILE D 104 -0.69 -17.88 0.16
N ARG D 105 0.37 -18.52 0.65
CA ARG D 105 0.26 -19.79 1.34
C ARG D 105 1.13 -19.74 2.57
N TYR D 106 0.82 -20.59 3.55
CA TYR D 106 1.79 -20.76 4.63
C TYR D 106 1.78 -22.19 5.14
N ALA D 107 2.96 -22.67 5.52
CA ALA D 107 3.16 -24.00 6.07
C ALA D 107 3.50 -23.88 7.55
N VAL D 108 2.94 -24.81 8.32
CA VAL D 108 3.00 -24.75 9.77
C VAL D 108 3.38 -26.12 10.35
N GLU D 109 4.15 -26.01 11.44
CA GLU D 109 4.54 -27.03 12.39
C GLU D 109 3.76 -26.78 13.67
N LEU D 110 2.72 -27.59 13.91
CA LEU D 110 2.06 -27.48 15.20
C LEU D 110 2.81 -28.33 16.21
N VAL D 111 2.69 -27.94 17.48
CA VAL D 111 3.46 -28.54 18.55
C VAL D 111 2.51 -28.88 19.70
N SER D 112 3.00 -29.72 20.60
CA SER D 112 2.24 -30.08 21.79
C SER D 112 3.21 -30.36 22.91
N PRO D 113 2.78 -30.26 24.17
CA PRO D 113 3.65 -30.62 25.30
C PRO D 113 4.11 -32.07 25.28
N LEU D 114 3.56 -32.90 24.40
CA LEU D 114 3.91 -34.31 24.28
C LEU D 114 5.09 -34.55 23.33
N ALA D 115 5.63 -33.51 22.70
CA ALA D 115 6.72 -33.65 21.74
C ALA D 115 7.95 -34.31 22.35
N ASN D 123 6.03 -35.58 17.18
CA ASN D 123 5.14 -34.44 17.11
C ASN D 123 4.18 -34.59 15.92
N GLN D 124 3.38 -35.66 15.95
CA GLN D 124 2.46 -35.96 14.87
C GLN D 124 1.01 -35.67 15.20
N ILE D 125 0.65 -35.64 16.48
CA ILE D 125 -0.76 -35.46 16.86
C ILE D 125 -1.31 -34.10 16.43
N PRO D 126 -0.62 -32.97 16.68
CA PRO D 126 -1.26 -31.67 16.39
C PRO D 126 -1.61 -31.46 14.93
N THR D 127 -0.72 -31.87 14.01
CA THR D 127 -1.03 -31.77 12.59
C THR D 127 -2.28 -32.56 12.25
N ARG D 128 -2.40 -33.75 12.82
CA ARG D 128 -3.57 -34.57 12.60
C ARG D 128 -4.85 -33.92 13.10
N ASN D 129 -4.82 -33.40 14.33
CA ASN D 129 -5.98 -32.73 14.88
C ASN D 129 -6.39 -31.56 13.99
N LEU D 130 -5.41 -30.79 13.53
CA LEU D 130 -5.70 -29.67 12.64
C LEU D 130 -6.39 -30.16 11.37
N VAL D 131 -5.87 -31.22 10.76
CA VAL D 131 -6.46 -31.74 9.53
C VAL D 131 -7.91 -32.16 9.77
N TYR D 132 -8.17 -32.82 10.89
CA TYR D 132 -9.53 -33.31 11.12
C TYR D 132 -10.49 -32.16 11.42
N ASN D 133 -10.03 -31.15 12.14
CA ASN D 133 -10.88 -29.98 12.40
C ASN D 133 -11.23 -29.29 11.08
N LEU D 134 -10.23 -29.07 10.24
CA LEU D 134 -10.48 -28.43 8.95
C LEU D 134 -11.41 -29.27 8.10
N ALA D 135 -11.24 -30.59 8.11
CA ALA D 135 -12.13 -31.46 7.37
C ALA D 135 -13.55 -31.34 7.86
N LYS D 136 -13.72 -31.12 9.17
CA LYS D 136 -15.05 -30.89 9.71
C LYS D 136 -15.64 -29.56 9.24
N ILE D 137 -14.79 -28.54 9.09
CA ILE D 137 -15.30 -27.22 8.72
C ILE D 137 -15.49 -27.08 7.20
N ILE D 138 -14.49 -27.53 6.43
CA ILE D 138 -14.52 -27.41 4.97
C ILE D 138 -14.93 -28.75 4.37
N PRO D 139 -16.19 -28.91 3.93
CA PRO D 139 -16.65 -30.25 3.55
C PRO D 139 -16.01 -30.80 2.30
N GLU D 140 -15.51 -29.95 1.40
CA GLU D 140 -14.87 -30.41 0.17
C GLU D 140 -13.53 -31.09 0.41
N LEU D 141 -12.93 -30.95 1.59
CA LEU D 141 -11.67 -31.63 1.84
C LEU D 141 -11.88 -33.14 1.86
N ASP D 142 -10.94 -33.85 1.26
CA ASP D 142 -10.98 -35.30 1.15
C ASP D 142 -9.75 -35.86 1.84
N LEU D 143 -9.96 -36.84 2.71
CA LEU D 143 -8.89 -37.40 3.54
C LEU D 143 -8.49 -38.82 3.13
N THR D 144 -8.96 -39.31 1.97
CA THR D 144 -8.63 -40.66 1.55
C THR D 144 -7.12 -40.86 1.47
N TRP D 145 -6.46 -40.07 0.61
CA TRP D 145 -5.01 -40.17 0.48
C TRP D 145 -4.30 -39.73 1.74
N PHE D 146 -4.93 -38.87 2.52
CA PHE D 146 -4.29 -38.40 3.77
C PHE D 146 -4.08 -39.63 4.67
N GLU D 147 -5.14 -40.38 4.90
CA GLU D 147 -5.07 -41.53 5.84
C GLU D 147 -4.18 -42.61 5.25
N HIS D 148 -4.41 -42.95 3.97
CA HIS D 148 -3.57 -43.97 3.29
C HIS D 148 -2.11 -43.66 3.54
N PHE D 149 -1.68 -42.49 3.11
CA PHE D 149 -0.26 -42.22 3.23
C PHE D 149 0.17 -42.11 4.69
N TRP D 150 -0.71 -41.68 5.61
CA TRP D 150 -0.31 -41.72 7.01
C TRP D 150 -0.09 -43.16 7.47
N HIS D 151 -1.04 -44.05 7.17
CA HIS D 151 -0.88 -45.44 7.58
C HIS D 151 0.40 -46.01 6.99
N GLU D 152 0.67 -45.72 5.72
CA GLU D 152 1.82 -46.30 5.06
C GLU D 152 3.15 -45.69 5.53
N LEU D 153 3.19 -44.41 5.86
CA LEU D 153 4.46 -43.73 6.13
C LEU D 153 4.74 -43.40 7.59
N LEU D 154 3.72 -43.17 8.41
CA LEU D 154 3.91 -42.75 9.80
C LEU D 154 3.22 -43.63 10.82
N GLY D 155 2.22 -44.41 10.42
CA GLY D 155 1.44 -45.23 11.31
C GLY D 155 1.95 -46.65 11.31
N PRO D 156 1.05 -47.60 11.54
CA PRO D 156 1.45 -49.01 11.43
C PRO D 156 1.92 -49.32 10.03
N GLY D 157 3.04 -50.04 9.91
CA GLY D 157 3.66 -50.24 8.63
C GLY D 157 4.82 -49.31 8.33
N SER D 158 5.11 -48.36 9.21
CA SER D 158 6.25 -47.46 9.03
C SER D 158 7.54 -48.15 9.44
N SER D 171 10.63 -32.96 12.18
CA SER D 171 9.62 -33.94 12.56
C SER D 171 9.26 -34.85 11.39
N THR D 172 8.04 -35.39 11.41
CA THR D 172 7.61 -36.30 10.37
C THR D 172 6.37 -35.90 9.59
N VAL D 173 5.59 -34.90 10.03
CA VAL D 173 4.40 -34.53 9.28
C VAL D 173 4.10 -33.04 9.48
N PHE D 174 3.65 -32.37 8.42
CA PHE D 174 3.30 -30.95 8.59
C PHE D 174 2.18 -30.54 7.62
N ALA D 175 1.62 -29.35 7.87
CA ALA D 175 0.48 -28.91 7.06
C ALA D 175 0.71 -27.55 6.43
N ALA D 176 -0.05 -27.27 5.36
CA ALA D 176 0.02 -26.00 4.64
C ALA D 176 -1.35 -25.56 4.18
N LEU D 177 -1.58 -24.25 4.22
CA LEU D 177 -2.83 -23.62 3.79
C LEU D 177 -2.54 -22.74 2.58
N GLU D 178 -3.25 -22.98 1.47
CA GLU D 178 -3.17 -22.15 0.27
C GLU D 178 -4.44 -21.33 0.16
N MET D 179 -4.31 -20.00 0.27
CA MET D 179 -5.44 -19.10 0.03
C MET D 179 -5.48 -18.80 -1.46
N LEU D 180 -6.37 -19.48 -2.18
CA LEU D 180 -6.46 -19.38 -3.64
C LEU D 180 -7.56 -18.43 -4.09
N HIS D 181 -7.68 -17.26 -3.47
CA HIS D 181 -8.61 -16.21 -3.87
C HIS D 181 -10.00 -16.75 -4.21
N GLY D 182 -10.78 -17.11 -3.20
CA GLY D 182 -12.11 -17.64 -3.44
C GLY D 182 -12.37 -18.95 -2.73
N HIS D 183 -11.32 -19.73 -2.50
CA HIS D 183 -11.46 -20.97 -1.74
C HIS D 183 -10.12 -21.32 -1.12
N LEU D 184 -10.17 -22.20 -0.13
CA LEU D 184 -9.00 -22.61 0.65
C LEU D 184 -8.62 -24.02 0.27
N SER D 185 -7.33 -24.26 0.06
CA SER D 185 -6.83 -25.61 -0.18
C SER D 185 -5.88 -25.98 0.95
N VAL D 186 -5.84 -27.26 1.29
CA VAL D 186 -4.98 -27.75 2.35
C VAL D 186 -4.01 -28.76 1.75
N LYS D 187 -2.74 -28.62 2.08
CA LYS D 187 -1.72 -29.55 1.69
C LYS D 187 -1.17 -30.21 2.95
N VAL D 188 -0.73 -31.48 2.80
CA VAL D 188 -0.11 -32.21 3.95
C VAL D 188 1.24 -32.77 3.51
N TYR D 189 2.24 -32.65 4.37
CA TYR D 189 3.62 -33.06 4.02
C TYR D 189 4.09 -34.18 4.92
N PHE D 190 4.59 -35.28 4.36
CA PHE D 190 5.07 -36.45 5.15
C PHE D 190 6.57 -36.62 5.00
N ILE D 191 7.29 -36.60 6.12
CA ILE D 191 8.75 -36.77 6.12
C ILE D 191 9.12 -38.10 6.79
N PRO D 192 9.37 -39.22 6.05
CA PRO D 192 9.64 -40.49 6.71
C PRO D 192 10.92 -40.53 7.55
N VAL D 193 10.88 -41.23 8.69
CA VAL D 193 12.14 -41.44 9.47
C VAL D 193 12.96 -42.49 8.72
N GLU D 194 14.24 -42.23 8.54
CA GLU D 194 15.05 -43.14 7.69
C GLU D 194 15.59 -44.30 8.52
N THR D 195 15.51 -45.51 7.96
CA THR D 195 16.04 -46.72 8.63
C THR D 195 17.11 -47.34 7.74
N PRO D 196 18.16 -47.98 8.30
CA PRO D 196 19.14 -48.71 7.49
C PRO D 196 18.48 -49.62 6.45
N ASP D 197 17.37 -50.26 6.83
CA ASP D 197 16.63 -51.15 5.90
C ASP D 197 15.79 -50.33 4.91
N PHE D 198 15.07 -49.31 5.39
CA PHE D 198 14.13 -48.61 4.48
C PHE D 198 14.43 -47.11 4.37
N SER D 199 14.79 -46.64 3.17
CA SER D 199 15.03 -45.22 3.00
C SER D 199 13.72 -44.47 2.83
N ALA D 200 13.78 -43.15 2.94
CA ALA D 200 12.60 -42.34 2.70
C ALA D 200 12.05 -42.58 1.30
N TRP D 201 12.95 -42.68 0.31
CA TRP D 201 12.51 -42.94 -1.05
C TRP D 201 11.84 -44.30 -1.17
N HIS D 202 12.39 -45.31 -0.50
CA HIS D 202 11.76 -46.64 -0.51
C HIS D 202 10.35 -46.58 0.04
N GLN D 203 10.18 -45.96 1.21
CA GLN D 203 8.87 -45.89 1.84
C GLN D 203 7.89 -45.12 0.96
N ILE D 204 8.34 -43.99 0.39
CA ILE D 204 7.46 -43.19 -0.46
C ILE D 204 7.08 -43.95 -1.73
N LYS D 205 8.04 -44.66 -2.33
CA LYS D 205 7.76 -45.42 -3.54
C LYS D 205 6.73 -46.51 -3.25
N HIS D 206 6.94 -47.25 -2.16
CA HIS D 206 6.05 -48.35 -1.81
C HIS D 206 4.68 -47.85 -1.39
N ALA D 207 4.61 -46.65 -0.78
CA ALA D 207 3.32 -46.08 -0.42
C ALA D 207 2.56 -45.58 -1.64
N ILE D 208 3.25 -44.93 -2.59
CA ILE D 208 2.58 -44.49 -3.81
C ILE D 208 2.07 -45.68 -4.61
N GLU D 209 2.85 -46.77 -4.63
CA GLU D 209 2.44 -47.95 -5.38
C GLU D 209 1.19 -48.60 -4.81
N ALA D 210 0.92 -48.40 -3.52
CA ALA D 210 -0.28 -48.93 -2.87
C ALA D 210 -1.45 -47.95 -2.91
N SER D 211 -1.28 -46.77 -3.50
CA SER D 211 -2.31 -45.73 -3.47
C SER D 211 -3.42 -45.94 -4.48
N GLY D 212 -3.33 -46.94 -5.35
CA GLY D 212 -4.38 -47.20 -6.30
C GLY D 212 -4.46 -46.22 -7.46
N CYS D 213 -3.33 -45.68 -7.88
CA CYS D 213 -3.29 -44.81 -9.05
C CYS D 213 -3.60 -45.60 -10.32
N PRO D 214 -4.19 -44.95 -11.33
CA PRO D 214 -4.42 -45.63 -12.62
C PRO D 214 -3.13 -45.97 -13.33
N ASN D 215 -2.28 -44.97 -13.54
CA ASN D 215 -0.98 -45.13 -14.16
C ASN D 215 0.10 -44.63 -13.21
N LEU D 216 1.23 -45.32 -13.17
CA LEU D 216 2.36 -44.94 -12.35
C LEU D 216 3.62 -44.74 -13.18
N GLU D 217 3.46 -44.35 -14.45
CA GLU D 217 4.61 -44.22 -15.33
C GLU D 217 5.51 -43.07 -14.89
N ALA D 218 4.91 -41.95 -14.48
CA ALA D 218 5.72 -40.81 -14.03
C ALA D 218 6.55 -41.16 -12.80
N LEU D 219 5.99 -41.95 -11.88
CA LEU D 219 6.73 -42.37 -10.70
C LEU D 219 7.99 -43.16 -11.08
N ASN D 220 7.86 -44.11 -12.00
CA ASN D 220 9.04 -44.87 -12.43
C ASN D 220 9.96 -44.04 -13.32
N HIS D 221 9.44 -43.08 -14.08
CA HIS D 221 10.32 -42.15 -14.77
C HIS D 221 11.24 -41.47 -13.78
N VAL D 222 10.67 -40.98 -12.68
CA VAL D 222 11.47 -40.35 -11.63
C VAL D 222 12.40 -41.37 -10.98
N ASP D 223 11.93 -42.60 -10.77
CA ASP D 223 12.76 -43.65 -10.17
C ASP D 223 13.97 -43.97 -11.03
N ALA D 224 13.75 -44.15 -12.33
CA ALA D 224 14.84 -44.42 -13.25
C ALA D 224 15.81 -43.25 -13.31
N TYR D 225 15.29 -42.03 -13.27
CA TYR D 225 16.17 -40.86 -13.23
C TYR D 225 17.01 -40.85 -11.96
N LEU D 226 16.39 -41.10 -10.81
CA LEU D 226 17.10 -41.05 -9.53
C LEU D 226 18.13 -42.16 -9.40
N SER D 227 17.89 -43.32 -10.01
CA SER D 227 18.80 -44.46 -9.86
C SER D 227 19.85 -44.54 -10.95
N SER D 228 19.49 -44.21 -12.19
CA SER D 228 20.31 -44.51 -13.36
C SER D 228 21.01 -43.30 -13.95
N HIS D 229 20.35 -42.14 -13.95
CA HIS D 229 20.96 -40.95 -14.54
C HIS D 229 22.08 -40.46 -13.63
N ASP D 230 23.14 -39.94 -14.24
CA ASP D 230 24.30 -39.53 -13.46
C ASP D 230 23.96 -38.35 -12.55
N ASP D 231 23.05 -37.48 -12.97
CA ASP D 231 22.62 -36.37 -12.14
C ASP D 231 21.53 -36.78 -11.14
N GLY D 232 20.63 -37.66 -11.56
CA GLY D 232 19.58 -38.12 -10.66
C GLY D 232 20.12 -38.89 -9.46
N ARG D 233 21.28 -39.52 -9.61
CA ARG D 233 21.91 -40.23 -8.50
C ARG D 233 22.42 -39.31 -7.42
N GLN D 234 22.40 -37.99 -7.64
CA GLN D 234 22.80 -37.02 -6.63
C GLN D 234 21.62 -36.50 -5.82
N LEU D 235 20.42 -36.99 -6.08
CA LEU D 235 19.22 -36.53 -5.40
C LEU D 235 18.84 -37.54 -4.32
N ARG D 236 18.50 -37.02 -3.14
CA ARG D 236 18.06 -37.84 -2.02
C ARG D 236 16.62 -37.52 -1.69
N PRO D 237 15.66 -38.34 -2.13
CA PRO D 237 14.26 -38.06 -1.78
C PRO D 237 14.06 -38.08 -0.28
N PHE D 238 13.24 -37.15 0.20
CA PHE D 238 13.01 -37.06 1.63
C PHE D 238 11.58 -36.73 2.02
N MET D 239 10.68 -36.42 1.07
CA MET D 239 9.38 -35.93 1.52
C MET D 239 8.31 -36.21 0.47
N LEU D 240 7.09 -36.42 0.93
CA LEU D 240 5.94 -36.61 0.04
C LEU D 240 4.84 -35.61 0.39
N ALA D 241 4.26 -34.98 -0.64
CA ALA D 241 3.23 -33.97 -0.47
C ALA D 241 1.97 -34.33 -1.24
N ILE D 242 0.82 -34.13 -0.58
CA ILE D 242 -0.47 -34.34 -1.21
C ILE D 242 -1.37 -33.15 -0.91
N ASP D 243 -2.38 -32.98 -1.76
CA ASP D 243 -3.44 -32.00 -1.55
C ASP D 243 -4.67 -32.71 -0.99
N LEU D 244 -5.34 -32.08 -0.03
CA LEU D 244 -6.51 -32.69 0.59
C LEU D 244 -7.75 -32.45 -0.28
N VAL D 245 -7.66 -32.94 -1.51
CA VAL D 245 -8.76 -32.90 -2.47
C VAL D 245 -9.05 -34.31 -2.93
N GLU D 246 -9.98 -34.46 -3.87
CA GLU D 246 -10.26 -35.78 -4.43
C GLU D 246 -8.97 -36.40 -4.98
N PRO D 247 -8.68 -37.66 -4.66
CA PRO D 247 -7.38 -38.23 -5.07
C PRO D 247 -7.13 -38.18 -6.57
N ALA D 248 -8.18 -38.24 -7.38
CA ALA D 248 -8.03 -38.11 -8.82
C ALA D 248 -7.57 -36.72 -9.24
N ALA D 249 -7.79 -35.71 -8.41
CA ALA D 249 -7.36 -34.35 -8.69
C ALA D 249 -6.13 -33.92 -7.90
N SER D 250 -5.65 -34.74 -6.98
CA SER D 250 -4.53 -34.34 -6.14
C SER D 250 -3.21 -34.52 -6.86
N ARG D 251 -2.22 -33.76 -6.40
CA ARG D 251 -0.84 -33.92 -6.83
C ARG D 251 -0.09 -34.86 -5.88
N LEU D 252 1.00 -35.42 -6.39
CA LEU D 252 1.91 -36.28 -5.61
C LEU D 252 3.30 -35.70 -5.79
N LYS D 253 3.73 -34.84 -4.86
CA LYS D 253 4.99 -34.13 -4.99
C LYS D 253 6.05 -34.87 -4.17
N ILE D 254 7.07 -35.39 -4.83
CA ILE D 254 8.18 -36.07 -4.17
C ILE D 254 9.32 -35.07 -4.07
N TYR D 255 9.68 -34.70 -2.83
CA TYR D 255 10.75 -33.76 -2.57
C TYR D 255 12.05 -34.50 -2.29
N ALA D 256 13.14 -33.97 -2.87
CA ALA D 256 14.48 -34.53 -2.85
C ALA D 256 15.50 -33.42 -2.70
N ARG D 257 16.57 -33.68 -1.95
CA ARG D 257 17.57 -32.68 -1.62
C ARG D 257 18.85 -32.98 -2.39
N SER D 258 19.62 -31.93 -2.69
CA SER D 258 20.88 -32.14 -3.39
C SER D 258 21.89 -31.10 -2.94
N ASN D 259 23.16 -31.52 -2.90
CA ASN D 259 24.28 -30.61 -2.65
C ASN D 259 24.56 -29.68 -3.83
N GLN D 260 23.87 -29.87 -4.95
CA GLN D 260 24.16 -29.12 -6.17
C GLN D 260 23.61 -27.71 -6.16
N THR D 261 24.37 -26.80 -6.79
CA THR D 261 23.99 -25.42 -6.99
C THR D 261 24.20 -24.95 -8.42
N SER D 262 24.75 -25.80 -9.29
CA SER D 262 25.03 -25.41 -10.68
C SER D 262 23.73 -25.18 -11.46
N PHE D 263 23.81 -24.26 -12.42
CA PHE D 263 22.68 -24.04 -13.32
C PHE D 263 22.52 -25.18 -14.31
N ARG D 264 23.63 -25.80 -14.73
CA ARG D 264 23.53 -26.97 -15.59
C ARG D 264 22.75 -28.07 -14.90
N PHE D 265 23.05 -28.31 -13.62
CA PHE D 265 22.38 -29.35 -12.86
C PHE D 265 20.90 -29.05 -12.68
N VAL D 266 20.56 -27.82 -12.33
CA VAL D 266 19.15 -27.48 -12.14
C VAL D 266 18.40 -27.62 -13.46
N ARG D 267 19.01 -27.18 -14.57
CA ARG D 267 18.39 -27.35 -15.87
C ARG D 267 18.18 -28.82 -16.20
N ASP D 268 19.16 -29.65 -15.89
CA ASP D 268 19.05 -31.09 -16.17
C ASP D 268 17.92 -31.72 -15.35
N VAL D 269 17.80 -31.34 -14.07
CA VAL D 269 16.71 -31.87 -13.26
C VAL D 269 15.37 -31.38 -13.80
N MET D 270 15.32 -30.14 -14.27
CA MET D 270 14.10 -29.61 -14.88
C MET D 270 13.69 -30.44 -16.09
N THR D 271 14.66 -30.86 -16.89
CA THR D 271 14.39 -31.71 -18.04
C THR D 271 14.34 -33.20 -17.71
N ILE D 272 14.71 -33.58 -16.48
CA ILE D 272 14.80 -34.98 -16.07
C ILE D 272 15.75 -35.72 -17.01
N GLY D 273 16.96 -35.17 -17.19
CA GLY D 273 17.94 -35.81 -18.06
C GLY D 273 17.50 -35.87 -19.51
N GLY D 274 16.81 -34.83 -19.99
CA GLY D 274 16.33 -34.79 -21.35
C GLY D 274 14.98 -35.42 -21.55
N LEU D 275 14.35 -35.94 -20.51
CA LEU D 275 13.03 -36.53 -20.64
C LEU D 275 12.01 -35.49 -21.11
N ARG D 276 11.99 -34.33 -20.45
CA ARG D 276 11.12 -33.24 -20.86
C ARG D 276 11.79 -32.43 -21.96
N THR D 277 11.15 -32.35 -23.12
CA THR D 277 11.60 -31.51 -24.22
C THR D 277 10.55 -30.43 -24.49
N ASP D 278 10.83 -29.61 -25.51
CA ASP D 278 9.96 -28.52 -25.92
C ASP D 278 9.66 -27.58 -24.75
N LEU D 279 10.69 -27.29 -23.95
CA LEU D 279 10.62 -26.32 -22.87
C LEU D 279 11.81 -25.37 -22.92
N ASP D 280 12.49 -25.30 -24.07
CA ASP D 280 13.75 -24.57 -24.17
C ASP D 280 13.55 -23.07 -23.98
N ARG D 281 12.42 -22.52 -24.42
CA ARG D 281 12.13 -21.10 -24.15
C ARG D 281 11.96 -20.88 -22.65
N SER D 282 11.28 -21.81 -21.97
CA SER D 282 11.16 -21.73 -20.53
C SER D 282 12.53 -21.75 -19.87
N ILE D 283 13.42 -22.59 -20.37
CA ILE D 283 14.74 -22.71 -19.77
C ILE D 283 15.60 -21.48 -20.08
N GLU D 284 15.38 -20.84 -21.22
CA GLU D 284 16.07 -19.59 -21.51
C GLU D 284 15.63 -18.50 -20.52
N LYS D 285 14.33 -18.36 -20.30
CA LYS D 285 13.85 -17.42 -19.30
C LYS D 285 14.40 -17.76 -17.93
N PHE D 286 14.50 -19.06 -17.63
CA PHE D 286 15.10 -19.51 -16.37
C PHE D 286 16.54 -19.05 -16.24
N SER D 287 17.32 -19.18 -17.32
CA SER D 287 18.71 -18.72 -17.31
C SER D 287 18.78 -17.22 -17.05
N ASP D 288 17.90 -16.45 -17.73
CA ASP D 288 17.83 -15.01 -17.49
C ASP D 288 17.57 -14.71 -16.02
N LEU D 289 16.54 -15.32 -15.45
CA LEU D 289 16.19 -15.07 -14.05
C LEU D 289 17.33 -15.48 -13.13
N TRP D 290 18.00 -16.59 -13.45
CA TRP D 290 19.09 -17.07 -12.61
C TRP D 290 20.20 -16.02 -12.56
N LYS D 291 20.62 -15.53 -13.72
CA LYS D 291 21.66 -14.51 -13.77
C LYS D 291 21.22 -13.24 -13.06
N ARG D 292 19.94 -12.88 -13.17
CA ARG D 292 19.48 -11.64 -12.55
C ARG D 292 19.42 -11.74 -11.03
N ALA D 293 18.74 -12.76 -10.50
CA ALA D 293 18.48 -12.84 -9.08
C ALA D 293 19.66 -13.39 -8.28
N LEU D 294 20.48 -14.27 -8.87
CA LEU D 294 21.47 -14.98 -8.10
C LEU D 294 22.91 -14.54 -8.38
N GLY D 295 23.14 -13.75 -9.41
CA GLY D 295 24.47 -13.24 -9.68
C GLY D 295 25.40 -14.24 -10.33
N LEU D 296 25.19 -15.54 -10.07
CA LEU D 296 25.99 -16.57 -10.73
C LEU D 296 25.79 -16.50 -12.24
N ASP D 297 26.86 -16.74 -12.98
CA ASP D 297 26.81 -16.64 -14.43
C ASP D 297 26.50 -18.00 -15.03
N PRO D 298 25.37 -18.16 -15.74
CA PRO D 298 24.95 -19.50 -16.17
C PRO D 298 26.01 -20.30 -16.91
N ASP D 299 26.67 -19.71 -17.90
CA ASP D 299 27.76 -20.35 -18.64
C ASP D 299 27.49 -21.81 -19.01
N SER D 314 22.21 -27.89 3.00
CA SER D 314 22.66 -27.05 1.88
C SER D 314 22.25 -27.66 0.54
N GLY D 315 22.52 -26.93 -0.54
CA GLY D 315 22.20 -27.39 -1.88
C GLY D 315 20.78 -27.07 -2.31
N ALA D 316 20.49 -27.40 -3.56
CA ALA D 316 19.21 -27.12 -4.18
C ALA D 316 18.21 -28.24 -3.89
N VAL D 317 16.94 -27.87 -3.77
CA VAL D 317 15.90 -28.84 -3.46
C VAL D 317 14.98 -28.94 -4.67
N PHE D 318 14.37 -30.10 -4.86
CA PHE D 318 13.51 -30.30 -6.02
C PHE D 318 12.29 -31.08 -5.59
N ASN D 319 11.20 -30.93 -6.35
CA ASN D 319 10.07 -31.82 -6.21
C ASN D 319 9.60 -32.25 -7.60
N PHE D 320 9.22 -33.52 -7.68
CA PHE D 320 8.71 -34.14 -8.89
C PHE D 320 7.23 -34.43 -8.64
N ASP D 321 6.36 -33.78 -9.42
CA ASP D 321 4.94 -34.15 -9.41
C ASP D 321 4.76 -35.33 -10.35
N VAL D 322 4.30 -36.43 -9.77
CA VAL D 322 4.06 -37.71 -10.44
C VAL D 322 2.57 -38.00 -10.45
N ALA D 323 1.75 -36.95 -10.43
CA ALA D 323 0.31 -37.13 -10.46
C ALA D 323 -0.09 -37.87 -11.73
N PRO D 324 -0.96 -38.89 -11.63
CA PRO D 324 -1.32 -39.68 -12.83
C PRO D 324 -2.16 -38.92 -13.85
N LYS D 325 -2.34 -37.61 -13.67
CA LYS D 325 -3.11 -36.85 -14.64
C LYS D 325 -2.40 -36.76 -15.98
N SER D 326 -1.07 -36.81 -15.96
CA SER D 326 -0.26 -36.91 -17.17
C SER D 326 0.75 -38.03 -16.97
N GLN D 327 1.33 -38.49 -18.09
CA GLN D 327 2.32 -39.55 -18.02
C GLN D 327 3.74 -39.04 -17.79
N ILE D 328 4.00 -37.77 -18.08
CA ILE D 328 5.33 -37.18 -17.91
C ILE D 328 5.33 -36.37 -16.62
N PRO D 329 6.27 -36.60 -15.72
CA PRO D 329 6.27 -35.86 -14.45
C PRO D 329 6.76 -34.43 -14.62
N GLU D 330 6.23 -33.54 -13.78
CA GLU D 330 6.64 -32.14 -13.83
C GLU D 330 7.57 -31.81 -12.67
N VAL D 331 8.51 -30.88 -12.89
CA VAL D 331 9.56 -30.59 -11.94
C VAL D 331 9.39 -29.17 -11.43
N LYS D 332 9.65 -29.00 -10.14
CA LYS D 332 9.74 -27.69 -9.52
C LYS D 332 11.09 -27.64 -8.81
N ALA D 333 11.84 -26.57 -9.03
CA ALA D 333 13.15 -26.41 -8.41
C ALA D 333 13.10 -25.31 -7.36
N TYR D 334 13.79 -25.53 -6.23
CA TYR D 334 13.87 -24.58 -5.13
C TYR D 334 15.33 -24.20 -4.98
N ILE D 335 15.64 -22.97 -5.37
CA ILE D 335 16.98 -22.40 -5.33
C ILE D 335 17.15 -21.67 -3.99
N PRO D 336 18.16 -22.01 -3.18
CA PRO D 336 18.33 -21.37 -1.86
C PRO D 336 19.06 -20.04 -1.97
N VAL D 337 18.32 -18.94 -1.91
CA VAL D 337 18.88 -17.62 -2.19
C VAL D 337 20.06 -17.32 -1.28
N ARG D 338 20.01 -17.76 -0.01
CA ARG D 338 21.06 -17.44 0.95
C ARG D 338 22.45 -17.85 0.47
N HIS D 339 22.52 -18.88 -0.37
CA HIS D 339 23.81 -19.36 -0.86
C HIS D 339 24.36 -18.45 -1.95
N TYR D 340 23.48 -17.81 -2.73
CA TYR D 340 23.89 -17.06 -3.90
C TYR D 340 23.90 -15.55 -3.70
N ALA D 341 23.15 -15.03 -2.73
CA ALA D 341 22.96 -13.59 -2.61
C ALA D 341 23.82 -12.98 -1.51
N ASN D 342 24.05 -11.68 -1.65
CA ASN D 342 24.74 -10.88 -0.65
C ASN D 342 23.77 -10.38 0.41
N ASN D 343 22.55 -10.06 -0.03
CA ASN D 343 21.50 -9.60 0.87
C ASN D 343 20.16 -9.85 0.19
N ASP D 344 19.10 -9.88 1.01
CA ASP D 344 17.78 -10.17 0.48
C ASP D 344 17.33 -9.10 -0.50
N LEU D 345 17.68 -7.84 -0.23
CA LEU D 345 17.20 -6.75 -1.07
C LEU D 345 17.71 -6.86 -2.50
N GLN D 346 18.98 -7.21 -2.67
CA GLN D 346 19.55 -7.36 -4.01
C GLN D 346 18.86 -8.47 -4.79
N ALA D 347 18.65 -9.62 -4.15
CA ALA D 347 17.99 -10.74 -4.81
C ALA D 347 16.54 -10.40 -5.14
N ALA D 348 15.85 -9.71 -4.23
CA ALA D 348 14.48 -9.31 -4.48
C ALA D 348 14.40 -8.36 -5.66
N LEU D 349 15.34 -7.40 -5.74
CA LEU D 349 15.36 -6.47 -6.86
C LEU D 349 15.67 -7.18 -8.17
N GLY D 350 16.54 -8.20 -8.14
CA GLY D 350 16.76 -9.00 -9.34
C GLY D 350 15.52 -9.74 -9.79
N LEU D 351 14.85 -10.40 -8.84
CA LEU D 351 13.60 -11.10 -9.15
C LEU D 351 12.55 -10.13 -9.71
N ILE D 352 12.44 -8.94 -9.11
CA ILE D 352 11.44 -7.98 -9.58
C ILE D 352 11.81 -7.46 -10.96
N GLY D 353 13.09 -7.27 -11.23
CA GLY D 353 13.49 -6.89 -12.57
C GLY D 353 13.12 -7.93 -13.60
N TYR D 354 13.37 -9.22 -13.28
CA TYR D 354 12.95 -10.28 -14.18
C TYR D 354 11.43 -10.26 -14.39
N LEU D 355 10.66 -10.14 -13.30
CA LEU D 355 9.22 -10.18 -13.40
C LEU D 355 8.68 -9.05 -14.27
N GLU D 356 9.21 -7.84 -14.09
CA GLU D 356 8.72 -6.71 -14.86
C GLU D 356 9.18 -6.76 -16.30
N ASP D 357 10.32 -7.40 -16.59
CA ASP D 357 10.71 -7.52 -17.99
C ASP D 357 9.84 -8.52 -18.77
N HIS D 358 9.12 -9.40 -18.09
CA HIS D 358 8.21 -10.33 -18.75
C HIS D 358 6.75 -10.03 -18.45
N GLY D 359 6.45 -8.83 -17.94
CA GLY D 359 5.08 -8.40 -17.79
C GLY D 359 4.35 -8.98 -16.60
N HIS D 360 5.06 -9.30 -15.52
CA HIS D 360 4.45 -9.92 -14.35
C HIS D 360 4.82 -9.17 -13.07
N GLY D 361 5.10 -7.88 -13.17
CA GLY D 361 5.55 -7.13 -12.02
C GLY D 361 4.58 -6.12 -11.46
N GLY D 362 3.28 -6.43 -11.52
CA GLY D 362 2.27 -5.52 -11.00
C GLY D 362 2.27 -5.39 -9.48
N TYR D 363 2.82 -6.37 -8.76
CA TYR D 363 2.80 -6.39 -7.30
C TYR D 363 4.21 -6.31 -6.73
N SER D 364 5.11 -5.60 -7.42
CA SER D 364 6.49 -5.51 -6.98
C SER D 364 6.62 -4.74 -5.67
N GLN D 365 6.01 -3.54 -5.62
CA GLN D 365 6.07 -2.72 -4.41
C GLN D 365 5.37 -3.40 -3.24
N SER D 366 4.30 -4.15 -3.53
CA SER D 366 3.65 -4.93 -2.48
C SER D 366 4.59 -5.98 -1.92
N TYR D 367 5.30 -6.69 -2.80
CA TYR D 367 6.26 -7.69 -2.38
C TYR D 367 7.36 -7.08 -1.54
N LEU D 368 7.86 -5.91 -1.96
CA LEU D 368 8.91 -5.23 -1.21
C LEU D 368 8.42 -4.83 0.18
N ARG D 369 7.17 -4.34 0.27
CA ARG D 369 6.62 -4.01 1.58
C ARG D 369 6.48 -5.26 2.45
N GLY D 370 6.10 -6.38 1.85
CA GLY D 370 6.03 -7.62 2.61
C GLY D 370 7.39 -8.03 3.16
N LEU D 371 8.43 -7.93 2.32
CA LEU D 371 9.78 -8.25 2.76
C LEU D 371 10.21 -7.32 3.89
N ASP D 372 9.94 -6.02 3.74
CA ASP D 372 10.30 -5.07 4.78
C ASP D 372 9.58 -5.39 6.09
N MET D 373 8.33 -5.86 5.99
CA MET D 373 7.61 -6.28 7.18
C MET D 373 8.27 -7.47 7.86
N LEU D 374 8.66 -8.48 7.07
CA LEU D 374 9.22 -9.68 7.69
C LEU D 374 10.67 -9.49 8.16
N ALA D 375 11.42 -8.59 7.54
CA ALA D 375 12.86 -8.55 7.74
C ALA D 375 13.24 -8.00 9.12
N PRO D 376 14.35 -8.45 9.75
CA PRO D 376 14.80 -7.84 11.00
C PRO D 376 15.26 -6.40 10.76
N SER D 377 15.17 -5.55 11.78
CA SER D 377 15.46 -4.10 11.62
C SER D 377 16.73 -3.80 10.81
N GLY D 378 16.55 -3.25 9.61
CA GLY D 378 17.70 -2.85 8.78
C GLY D 378 18.63 -3.99 8.44
N GLN D 379 18.08 -5.11 8.02
CA GLN D 379 18.94 -6.21 7.59
C GLN D 379 18.64 -6.69 6.18
N LEU D 380 17.63 -6.11 5.51
CA LEU D 380 17.32 -6.51 4.14
C LEU D 380 18.53 -6.36 3.23
N ASP D 381 19.22 -5.23 3.34
CA ASP D 381 20.35 -4.89 2.50
C ASP D 381 21.69 -5.32 3.08
N GLN D 382 21.72 -5.86 4.31
CA GLN D 382 22.96 -6.24 4.95
C GLN D 382 23.17 -7.74 5.07
N ALA D 383 22.11 -8.54 5.04
CA ALA D 383 22.23 -9.98 5.23
C ALA D 383 21.15 -10.67 4.40
N THR D 384 21.25 -11.99 4.34
CA THR D 384 20.26 -12.83 3.70
C THR D 384 19.41 -13.53 4.76
N GLY D 385 18.39 -14.25 4.31
CA GLY D 385 17.61 -15.02 5.25
C GLY D 385 16.10 -14.88 5.16
N VAL D 386 15.61 -13.69 4.78
CA VAL D 386 14.17 -13.51 4.64
C VAL D 386 13.64 -14.37 3.51
N GLN D 387 14.24 -14.27 2.33
CA GLN D 387 13.87 -15.10 1.19
C GLN D 387 14.70 -16.37 1.24
N THR D 388 14.05 -17.49 1.58
CA THR D 388 14.76 -18.76 1.68
C THR D 388 14.93 -19.41 0.31
N TYR D 389 13.86 -19.47 -0.48
CA TYR D 389 13.91 -20.14 -1.76
C TYR D 389 13.18 -19.34 -2.83
N PHE D 390 13.74 -19.39 -4.04
CA PHE D 390 13.03 -19.03 -5.25
C PHE D 390 12.74 -20.33 -5.99
N ALA D 391 11.46 -20.68 -6.07
CA ALA D 391 11.01 -21.89 -6.74
C ALA D 391 10.56 -21.55 -8.15
N VAL D 392 10.96 -22.39 -9.10
CA VAL D 392 10.69 -22.22 -10.52
C VAL D 392 10.02 -23.47 -11.06
N ALA D 393 8.99 -23.27 -11.88
CA ALA D 393 8.38 -24.33 -12.67
C ALA D 393 8.27 -23.87 -14.12
N CYS D 394 8.47 -24.79 -15.06
CA CYS D 394 8.45 -24.47 -16.48
C CYS D 394 7.11 -24.86 -17.09
N GLN D 395 6.28 -23.87 -17.40
CA GLN D 395 4.95 -24.06 -17.97
C GLN D 395 4.98 -23.59 -19.42
N GLY D 396 5.22 -24.53 -20.34
CA GLY D 396 5.25 -24.23 -21.75
C GLY D 396 6.36 -23.27 -22.16
N GLU D 397 5.98 -22.02 -22.41
CA GLU D 397 6.96 -20.98 -22.73
C GLU D 397 7.27 -20.07 -21.56
N ASP D 398 6.54 -20.17 -20.46
CA ASP D 398 6.67 -19.25 -19.34
C ASP D 398 7.19 -19.97 -18.11
N LEU D 399 7.60 -19.15 -17.14
CA LEU D 399 8.03 -19.61 -15.83
C LEU D 399 6.98 -19.27 -14.79
N SER D 400 6.77 -20.19 -13.87
CA SER D 400 6.04 -19.93 -12.64
C SER D 400 7.04 -19.74 -11.51
N LEU D 401 6.87 -18.66 -10.75
CA LEU D 401 7.78 -18.26 -9.70
C LEU D 401 7.08 -18.24 -8.35
N THR D 402 7.81 -18.68 -7.32
CA THR D 402 7.30 -18.62 -5.96
C THR D 402 8.42 -18.21 -5.02
N SER D 403 8.18 -17.18 -4.22
CA SER D 403 9.11 -16.76 -3.19
C SER D 403 8.71 -17.42 -1.87
N TYR D 404 9.69 -18.00 -1.17
CA TYR D 404 9.45 -18.56 0.16
C TYR D 404 10.13 -17.69 1.19
N LEU D 405 9.40 -17.39 2.27
CA LEU D 405 9.75 -16.33 3.20
C LEU D 405 9.74 -16.87 4.63
N ASN D 406 10.80 -16.56 5.38
CA ASN D 406 10.96 -16.98 6.77
C ASN D 406 10.86 -15.77 7.69
N PRO D 407 9.89 -15.73 8.61
CA PRO D 407 9.82 -14.57 9.54
C PRO D 407 10.97 -14.50 10.52
N GLN D 408 11.71 -15.60 10.69
CA GLN D 408 12.90 -15.63 11.53
C GLN D 408 12.61 -15.22 12.97
N TYR E . -42.35 -1.48 24.62
CA TYR E . -42.68 -0.31 25.41
C TYR E . -43.78 0.50 24.72
O TYR E . -44.14 0.20 23.55
CB TYR E . -41.41 0.55 25.59
CG TYR E . -40.95 1.23 24.30
CD1 TYR E . -40.08 0.57 23.45
CD2 TYR E . -41.40 2.50 23.98
CE1 TYR E . -39.66 1.18 22.29
CE2 TYR E . -40.99 3.12 22.81
CZ TYR E . -40.11 2.45 21.97
OH TYR E . -39.67 3.06 20.77
OXT TYR E . -44.32 1.47 25.33
O4 DST F . -33.28 9.32 19.58
P1 DST F . -33.42 8.04 18.77
O6 DST F . -33.40 8.38 17.31
O5 DST F . -32.26 7.13 19.09
O2 DST F . -34.84 7.29 19.19
P3 DST F . -34.90 5.99 20.21
O8 DST F . -34.04 6.27 21.42
O7 DST F . -34.39 4.77 19.49
S9 DST F . -36.89 5.62 20.86
C10 DST F . -36.87 4.14 21.92
C11 DST F . -36.46 2.96 21.05
C12 DST F . -36.11 1.80 21.53
C13 DST F . -35.71 0.68 20.57
C14 DST F . -36.10 1.54 23.03
#